data_9IIM
#
_entry.id   9IIM
#
_cell.length_a   147.262
_cell.length_b   167.618
_cell.length_c   151.580
_cell.angle_alpha   90.000
_cell.angle_beta   90.000
_cell.angle_gamma   90.000
#
_symmetry.space_group_name_H-M   'C 2 2 21'
#
loop_
_entity.id
_entity.type
_entity.pdbx_description
1 polymer 'Glyceraldehyde-3-phosphate dehydrogenase'
2 non-polymer NICOTINAMIDE-ADENINE-DINUCLEOTIDE
3 non-polymer 'SULFATE ION'
4 water water
#
_entity_poly.entity_id   1
_entity_poly.type   'polypeptide(L)'
_entity_poly.pdbx_seq_one_letter_code
;MQRIAINGFGRIGRNVLRAWFESPKQFHFEIVAINDIADVHTLVHLFKYDSTHGRFNGKVDITIENEKIYLNIQSNQRLL
KVEVLQQKQPELLPWASLKIDVVLECTGLFRSHADATRHLEAGAKRVIIGAAPFDHVDAAIVYGVNHADVKATDQIISSV
SCTTQALVPLVKIIDDAFGIETALMTEIHAVTADQSVLDHAHRDLRRARASGQNIIPTTSSALGALKRVMPKMEDRIDGY
SIRVPTINVAAIDLTFIAQSPITVHHINELLIKASQTDYAEIMAVTDEPLVSSDFNHSPYSLIVDLTQTMVVGHQAKVFA
WYDNEWGYANRLLDLCDSFKS
;
_entity_poly.pdbx_strand_id   A,C,B,D
#
loop_
_chem_comp.id
_chem_comp.type
_chem_comp.name
_chem_comp.formula
NAD non-polymer NICOTINAMIDE-ADENINE-DINUCLEOTIDE 'C21 H27 N7 O14 P2'
SO4 non-polymer 'SULFATE ION' 'O4 S -2'
#
# COMPACT_ATOMS: atom_id res chain seq x y z
N MET A 1 22.03 -38.21 15.33
CA MET A 1 21.56 -37.22 14.35
C MET A 1 20.23 -36.71 14.89
N GLN A 2 20.22 -35.48 15.41
CA GLN A 2 18.97 -34.87 15.82
C GLN A 2 18.07 -34.67 14.58
N ARG A 3 16.81 -35.09 14.71
CA ARG A 3 15.85 -35.06 13.60
C ARG A 3 14.68 -34.15 13.97
N ILE A 4 14.53 -33.07 13.20
CA ILE A 4 13.49 -32.07 13.40
C ILE A 4 12.43 -32.27 12.31
N ALA A 5 11.18 -31.95 12.66
CA ALA A 5 10.09 -31.85 11.69
C ALA A 5 9.35 -30.53 11.91
N ILE A 6 8.75 -30.01 10.84
CA ILE A 6 7.99 -28.78 10.90
C ILE A 6 6.52 -29.09 10.64
N ASN A 7 5.65 -28.88 11.62
CA ASN A 7 4.22 -28.97 11.38
C ASN A 7 3.73 -27.57 11.02
N GLY A 8 3.38 -27.38 9.74
CA GLY A 8 2.90 -26.09 9.25
C GLY A 8 3.98 -25.37 8.47
N PHE A 9 3.90 -25.48 7.14
CA PHE A 9 4.85 -24.87 6.23
C PHE A 9 4.36 -23.51 5.77
N GLY A 10 4.31 -22.58 6.74
CA GLY A 10 3.77 -21.25 6.55
C GLY A 10 4.88 -20.21 6.56
N ARG A 11 4.54 -18.99 7.00
CA ARG A 11 5.50 -17.90 7.03
C ARG A 11 6.68 -18.31 7.90
N ILE A 12 6.41 -18.92 9.07
CA ILE A 12 7.49 -19.30 9.95
C ILE A 12 8.13 -20.59 9.43
N GLY A 13 7.28 -21.60 9.19
CA GLY A 13 7.75 -22.92 8.81
C GLY A 13 8.72 -22.89 7.63
N ARG A 14 8.32 -22.19 6.57
CA ARG A 14 9.15 -22.02 5.40
C ARG A 14 10.44 -21.30 5.74
N ASN A 15 10.38 -20.29 6.60
CA ASN A 15 11.54 -19.45 6.86
C ASN A 15 12.45 -20.15 7.85
N VAL A 16 11.95 -21.24 8.48
CA VAL A 16 12.84 -22.07 9.28
C VAL A 16 13.75 -22.89 8.35
N LEU A 17 13.16 -23.52 7.34
CA LEU A 17 13.93 -24.35 6.43
C LEU A 17 14.96 -23.51 5.68
N ARG A 18 14.53 -22.36 5.15
CA ARG A 18 15.45 -21.44 4.50
C ARG A 18 16.59 -21.03 5.42
N ALA A 19 16.27 -20.73 6.68
CA ALA A 19 17.27 -20.22 7.60
C ALA A 19 18.26 -21.33 7.97
N TRP A 20 17.82 -22.58 7.86
CA TRP A 20 18.71 -23.70 8.05
C TRP A 20 19.79 -23.69 6.99
N PHE A 21 19.42 -23.34 5.75
CA PHE A 21 20.36 -23.34 4.63
C PHE A 21 21.18 -22.06 4.58
N GLU A 22 20.64 -20.93 5.04
CA GLU A 22 21.25 -19.63 4.86
C GLU A 22 22.24 -19.31 5.99
N SER A 23 22.12 -20.04 7.11
CA SER A 23 22.93 -19.73 8.28
C SER A 23 24.41 -19.80 7.91
N PRO A 24 25.27 -18.90 8.42
CA PRO A 24 26.70 -18.95 8.12
C PRO A 24 27.35 -20.20 8.72
N LYS A 25 26.85 -20.59 9.90
CA LYS A 25 27.31 -21.73 10.66
C LYS A 25 26.32 -22.88 10.47
N GLN A 26 26.78 -24.02 9.95
CA GLN A 26 25.91 -25.18 9.71
C GLN A 26 25.41 -25.71 11.05
N PHE A 27 24.12 -26.10 11.09
CA PHE A 27 23.48 -26.56 12.31
C PHE A 27 23.69 -28.07 12.44
N HIS A 28 23.77 -28.54 13.69
CA HIS A 28 24.16 -29.92 13.98
C HIS A 28 22.92 -30.81 14.09
N PHE A 29 21.95 -30.59 13.21
CA PHE A 29 20.69 -31.32 13.23
C PHE A 29 20.11 -31.18 11.84
N GLU A 30 19.10 -31.99 11.52
CA GLU A 30 18.53 -32.03 10.18
C GLU A 30 17.02 -31.96 10.24
N ILE A 31 16.42 -31.22 9.30
CA ILE A 31 14.98 -31.21 9.11
C ILE A 31 14.69 -32.34 8.14
N VAL A 32 13.80 -33.26 8.53
CA VAL A 32 13.61 -34.47 7.76
C VAL A 32 12.17 -34.57 7.28
N ALA A 33 11.29 -33.70 7.79
CA ALA A 33 9.88 -33.82 7.45
C ALA A 33 9.18 -32.47 7.60
N ILE A 34 8.22 -32.24 6.69
CA ILE A 34 7.33 -31.08 6.76
C ILE A 34 5.93 -31.61 6.52
N ASN A 35 4.97 -31.04 7.25
CA ASN A 35 3.57 -31.39 7.09
C ASN A 35 2.77 -30.10 6.95
N ASP A 36 1.91 -30.04 5.92
CA ASP A 36 0.99 -28.92 5.73
C ASP A 36 -0.28 -29.50 5.11
N ILE A 37 -1.38 -28.74 5.17
CA ILE A 37 -2.65 -29.19 4.61
C ILE A 37 -2.67 -28.91 3.11
N ALA A 38 -1.52 -28.49 2.56
CA ALA A 38 -1.42 -28.14 1.14
C ALA A 38 -0.53 -29.13 0.37
N ASP A 39 -0.80 -29.23 -0.94
CA ASP A 39 -0.07 -30.02 -1.93
C ASP A 39 1.40 -29.62 -1.99
N VAL A 40 2.27 -30.61 -2.26
CA VAL A 40 3.72 -30.40 -2.33
C VAL A 40 4.07 -29.30 -3.34
N HIS A 41 3.33 -29.21 -4.45
CA HIS A 41 3.64 -28.25 -5.49
C HIS A 41 3.42 -26.80 -5.01
N THR A 42 2.33 -26.56 -4.26
CA THR A 42 2.05 -25.25 -3.69
C THR A 42 3.14 -24.88 -2.70
N LEU A 43 3.55 -25.84 -1.88
CA LEU A 43 4.57 -25.60 -0.87
C LEU A 43 5.93 -25.32 -1.49
N VAL A 44 6.27 -26.07 -2.55
CA VAL A 44 7.57 -25.89 -3.19
C VAL A 44 7.61 -24.53 -3.85
N HIS A 45 6.49 -24.12 -4.48
CA HIS A 45 6.43 -22.83 -5.13
C HIS A 45 6.63 -21.72 -4.11
N LEU A 46 5.92 -21.81 -2.99
CA LEU A 46 5.98 -20.77 -1.98
C LEU A 46 7.34 -20.75 -1.31
N PHE A 47 7.98 -21.93 -1.25
CA PHE A 47 9.30 -22.03 -0.64
C PHE A 47 10.31 -21.31 -1.53
N LYS A 48 10.19 -21.50 -2.84
CA LYS A 48 11.14 -20.94 -3.79
C LYS A 48 10.89 -19.45 -4.01
N TYR A 49 9.62 -19.04 -4.11
CA TYR A 49 9.29 -17.65 -4.42
C TYR A 49 8.58 -17.02 -3.22
N ASP A 50 9.24 -16.00 -2.66
CA ASP A 50 8.81 -15.34 -1.44
C ASP A 50 8.75 -13.83 -1.69
N SER A 51 7.57 -13.24 -1.46
CA SER A 51 7.34 -11.83 -1.70
C SER A 51 8.22 -10.97 -0.79
N THR A 52 8.46 -11.47 0.42
CA THR A 52 9.10 -10.74 1.49
C THR A 52 10.62 -10.92 1.44
N HIS A 53 11.07 -12.14 1.16
CA HIS A 53 12.49 -12.45 1.35
C HIS A 53 13.16 -12.86 0.03
N GLY A 54 12.45 -12.88 -1.09
CA GLY A 54 13.11 -13.06 -2.38
C GLY A 54 13.19 -14.53 -2.77
N ARG A 55 13.76 -14.81 -3.95
CA ARG A 55 13.94 -16.16 -4.45
C ARG A 55 14.87 -16.89 -3.50
N PHE A 56 14.69 -18.22 -3.43
CA PHE A 56 15.53 -19.09 -2.64
C PHE A 56 16.79 -19.40 -3.46
N ASN A 57 17.95 -19.26 -2.83
CA ASN A 57 19.19 -19.37 -3.57
C ASN A 57 19.65 -20.82 -3.56
N GLY A 58 19.07 -21.64 -4.45
CA GLY A 58 19.21 -23.08 -4.36
C GLY A 58 18.26 -23.81 -5.31
N LYS A 59 18.19 -25.12 -5.20
CA LYS A 59 17.38 -25.91 -6.11
C LYS A 59 16.63 -26.95 -5.27
N VAL A 60 15.36 -27.19 -5.65
CA VAL A 60 14.48 -28.12 -4.96
C VAL A 60 13.85 -29.02 -6.01
N ASP A 61 13.99 -30.34 -5.86
CA ASP A 61 13.41 -31.29 -6.80
C ASP A 61 12.58 -32.32 -6.03
N ILE A 62 11.42 -32.70 -6.57
CA ILE A 62 10.51 -33.64 -5.91
C ILE A 62 10.73 -35.06 -6.43
N THR A 63 10.81 -36.04 -5.52
CA THR A 63 10.92 -37.46 -5.89
C THR A 63 9.85 -38.27 -5.16
N ILE A 64 9.36 -39.35 -5.79
CA ILE A 64 8.33 -40.19 -5.21
C ILE A 64 8.88 -41.59 -4.95
N GLU A 65 9.84 -41.72 -4.03
CA GLU A 65 10.37 -43.02 -3.63
C GLU A 65 9.39 -43.68 -2.67
N ASN A 66 9.02 -44.94 -2.92
CA ASN A 66 7.97 -45.64 -2.20
C ASN A 66 6.63 -45.00 -2.59
N GLU A 67 5.72 -44.82 -1.63
CA GLU A 67 4.57 -43.97 -1.85
C GLU A 67 4.78 -42.67 -1.06
N LYS A 68 6.06 -42.36 -0.83
CA LYS A 68 6.48 -41.23 -0.02
C LYS A 68 6.99 -40.13 -0.95
N ILE A 69 6.75 -38.87 -0.56
CA ILE A 69 7.16 -37.71 -1.32
C ILE A 69 8.37 -37.11 -0.62
N TYR A 70 9.42 -36.80 -1.37
CA TYR A 70 10.62 -36.19 -0.81
C TYR A 70 10.93 -34.90 -1.55
N LEU A 71 11.51 -33.95 -0.83
CA LEU A 71 12.08 -32.76 -1.43
C LEU A 71 13.58 -32.90 -1.35
N ASN A 72 14.23 -32.72 -2.50
CA ASN A 72 15.69 -32.72 -2.57
C ASN A 72 16.13 -31.26 -2.69
N ILE A 73 16.72 -30.71 -1.61
CA ILE A 73 17.02 -29.29 -1.53
C ILE A 73 18.53 -29.05 -1.43
N GLN A 74 19.08 -28.34 -2.43
CA GLN A 74 20.51 -28.12 -2.53
C GLN A 74 20.80 -26.62 -2.51
N SER A 75 21.45 -26.14 -1.45
CA SER A 75 21.77 -24.72 -1.34
C SER A 75 22.94 -24.51 -0.38
N ASN A 76 23.84 -23.59 -0.73
CA ASN A 76 24.87 -23.16 0.21
C ASN A 76 25.73 -24.35 0.64
N GLN A 77 26.06 -25.22 -0.33
CA GLN A 77 26.95 -26.35 -0.10
C GLN A 77 26.30 -27.37 0.84
N ARG A 78 24.95 -27.32 0.94
CA ARG A 78 24.20 -28.15 1.85
C ARG A 78 23.07 -28.83 1.09
N LEU A 79 22.73 -30.04 1.55
CA LEU A 79 21.74 -30.90 0.95
C LEU A 79 20.83 -31.43 2.06
N LEU A 80 19.56 -31.68 1.73
CA LEU A 80 18.61 -32.27 2.65
C LEU A 80 17.55 -32.99 1.85
N LYS A 81 17.18 -34.19 2.32
CA LYS A 81 16.06 -34.95 1.78
C LYS A 81 14.92 -34.87 2.80
N VAL A 82 13.79 -34.25 2.40
CA VAL A 82 12.76 -33.88 3.36
C VAL A 82 11.45 -34.53 2.96
N GLU A 83 10.85 -35.30 3.88
CA GLU A 83 9.60 -35.97 3.57
C GLU A 83 8.45 -34.97 3.70
N VAL A 84 7.55 -34.97 2.72
CA VAL A 84 6.37 -34.13 2.74
C VAL A 84 5.15 -34.96 3.12
N LEU A 85 4.37 -34.46 4.09
CA LEU A 85 3.15 -35.09 4.54
C LEU A 85 1.98 -34.13 4.35
N GLN A 86 0.76 -34.65 4.46
CA GLN A 86 -0.43 -33.84 4.31
C GLN A 86 -1.52 -34.38 5.23
N GLN A 87 -1.27 -34.26 6.53
CA GLN A 87 -2.13 -34.85 7.55
C GLN A 87 -2.62 -33.76 8.51
N LYS A 88 -3.93 -33.42 8.41
CA LYS A 88 -4.50 -32.34 9.18
C LYS A 88 -4.53 -32.68 10.68
N GLN A 89 -4.63 -33.98 11.02
CA GLN A 89 -4.76 -34.44 12.40
C GLN A 89 -3.41 -34.95 12.89
N PRO A 90 -2.70 -34.20 13.77
CA PRO A 90 -1.31 -34.51 14.12
C PRO A 90 -0.99 -35.80 14.88
N GLU A 91 -2.01 -36.53 15.35
CA GLU A 91 -1.78 -37.80 16.03
C GLU A 91 -1.56 -38.91 15.02
N LEU A 92 -1.92 -38.67 13.75
CA LEU A 92 -1.81 -39.66 12.68
C LEU A 92 -0.49 -39.52 11.92
N LEU A 93 0.35 -38.58 12.34
CA LEU A 93 1.63 -38.32 11.66
C LEU A 93 2.66 -39.36 12.07
N PRO A 94 3.52 -39.83 11.14
CA PRO A 94 4.47 -40.91 11.45
C PRO A 94 5.75 -40.52 12.16
N TRP A 95 5.63 -39.90 13.35
CA TRP A 95 6.81 -39.37 14.01
C TRP A 95 7.62 -40.48 14.68
N ALA A 96 6.99 -41.62 15.00
CA ALA A 96 7.67 -42.80 15.49
C ALA A 96 8.61 -43.35 14.42
N SER A 97 8.06 -43.56 13.22
CA SER A 97 8.79 -44.17 12.11
C SER A 97 10.00 -43.31 11.71
N LEU A 98 9.87 -41.98 11.80
CA LEU A 98 10.87 -41.08 11.23
C LEU A 98 11.91 -40.71 12.28
N LYS A 99 11.70 -41.17 13.52
CA LYS A 99 12.65 -41.00 14.61
C LYS A 99 12.79 -39.52 14.97
N ILE A 100 11.67 -38.81 14.98
CA ILE A 100 11.66 -37.36 15.18
C ILE A 100 11.99 -37.04 16.64
N ASP A 101 13.01 -36.22 16.86
CA ASP A 101 13.41 -35.79 18.19
C ASP A 101 12.67 -34.52 18.61
N VAL A 102 12.49 -33.60 17.67
CA VAL A 102 11.82 -32.33 17.97
C VAL A 102 10.82 -31.99 16.87
N VAL A 103 9.65 -31.47 17.27
CA VAL A 103 8.68 -30.98 16.33
C VAL A 103 8.51 -29.47 16.53
N LEU A 104 8.64 -28.71 15.45
CA LEU A 104 8.33 -27.29 15.45
C LEU A 104 6.88 -27.12 15.05
N GLU A 105 6.05 -26.76 16.03
CA GLU A 105 4.62 -26.65 15.83
C GLU A 105 4.33 -25.22 15.38
N CYS A 106 4.10 -25.06 14.08
CA CYS A 106 4.07 -23.74 13.46
C CYS A 106 2.75 -23.51 12.72
N THR A 107 1.66 -24.10 13.20
CA THR A 107 0.37 -24.02 12.53
C THR A 107 -0.49 -22.96 13.19
N GLY A 108 -0.28 -22.73 14.50
CA GLY A 108 -1.08 -21.83 15.30
C GLY A 108 -2.37 -22.47 15.85
N LEU A 109 -2.65 -23.73 15.49
CA LEU A 109 -3.92 -24.38 15.84
C LEU A 109 -3.75 -25.43 16.93
N PHE A 110 -2.52 -25.65 17.44
CA PHE A 110 -2.23 -26.73 18.36
C PHE A 110 -1.32 -26.25 19.48
N ARG A 111 -1.78 -25.23 20.21
CA ARG A 111 -0.96 -24.52 21.17
C ARG A 111 -1.21 -24.97 22.61
N SER A 112 -2.27 -25.77 22.82
CA SER A 112 -2.57 -26.31 24.15
C SER A 112 -1.77 -27.59 24.38
N HIS A 113 -1.34 -27.80 25.64
CA HIS A 113 -0.59 -28.97 26.05
C HIS A 113 -1.23 -30.24 25.49
N ALA A 114 -2.56 -30.29 25.50
CA ALA A 114 -3.35 -31.37 24.93
C ALA A 114 -3.07 -31.55 23.43
N ASP A 115 -3.23 -30.47 22.67
CA ASP A 115 -3.10 -30.54 21.23
C ASP A 115 -1.65 -30.88 20.88
N ALA A 116 -0.70 -30.35 21.65
CA ALA A 116 0.71 -30.53 21.34
C ALA A 116 1.13 -31.97 21.62
N THR A 117 0.57 -32.56 22.70
CA THR A 117 0.89 -33.91 23.12
C THR A 117 0.57 -34.90 21.98
N ARG A 118 -0.38 -34.54 21.13
CA ARG A 118 -0.79 -35.37 20.00
C ARG A 118 0.41 -35.68 19.10
N HIS A 119 1.43 -34.81 19.10
CA HIS A 119 2.68 -35.10 18.43
C HIS A 119 3.47 -36.15 19.19
N LEU A 120 3.43 -36.12 20.53
CA LEU A 120 4.12 -37.11 21.36
C LEU A 120 3.47 -38.48 21.19
N GLU A 121 2.13 -38.51 21.12
CA GLU A 121 1.37 -39.72 20.87
C GLU A 121 1.81 -40.33 19.54
N ALA A 122 2.08 -39.45 18.57
CA ALA A 122 2.44 -39.85 17.23
C ALA A 122 3.90 -40.28 17.15
N GLY A 123 4.69 -40.02 18.21
CA GLY A 123 6.00 -40.65 18.37
C GLY A 123 7.13 -39.64 18.60
N ALA A 124 6.87 -38.34 18.46
CA ALA A 124 7.90 -37.34 18.66
C ALA A 124 8.31 -37.34 20.12
N LYS A 125 9.57 -37.01 20.39
CA LYS A 125 10.09 -37.05 21.75
C LYS A 125 9.87 -35.70 22.43
N ARG A 126 9.92 -34.61 21.66
CA ARG A 126 9.77 -33.26 22.18
C ARG A 126 9.04 -32.40 21.15
N VAL A 127 8.36 -31.35 21.65
CA VAL A 127 7.62 -30.40 20.83
C VAL A 127 7.95 -28.97 21.24
N ILE A 128 8.34 -28.13 20.27
CA ILE A 128 8.40 -26.69 20.47
C ILE A 128 7.19 -26.06 19.80
N ILE A 129 6.38 -25.38 20.61
CA ILE A 129 5.24 -24.64 20.13
C ILE A 129 5.72 -23.25 19.74
N GLY A 130 5.75 -23.00 18.42
CA GLY A 130 6.18 -21.73 17.86
C GLY A 130 5.05 -20.72 17.89
N ALA A 131 4.68 -20.35 19.13
CA ALA A 131 3.65 -19.39 19.47
C ALA A 131 3.58 -19.32 21.00
N ALA A 132 2.75 -18.43 21.54
CA ALA A 132 2.62 -18.29 22.98
C ALA A 132 1.89 -19.51 23.57
N PRO A 133 2.11 -19.79 24.86
CA PRO A 133 1.36 -20.85 25.53
C PRO A 133 -0.12 -20.49 25.62
N PHE A 134 -0.98 -21.49 25.44
CA PHE A 134 -2.42 -21.32 25.59
C PHE A 134 -2.80 -21.65 27.03
N ASP A 135 -2.58 -22.91 27.46
CA ASP A 135 -2.86 -23.33 28.82
C ASP A 135 -1.53 -23.55 29.56
N HIS A 136 -0.93 -24.74 29.38
CA HIS A 136 0.24 -25.14 30.15
C HIS A 136 1.37 -25.55 29.19
N VAL A 137 2.60 -25.26 29.60
CA VAL A 137 3.78 -25.80 28.94
C VAL A 137 4.78 -26.19 30.02
N ASP A 138 5.71 -27.07 29.67
CA ASP A 138 6.75 -27.48 30.60
C ASP A 138 7.70 -26.30 30.82
N ALA A 139 8.02 -25.58 29.75
CA ALA A 139 8.88 -24.39 29.84
C ALA A 139 8.47 -23.35 28.80
N ALA A 140 8.75 -22.08 29.12
CA ALA A 140 8.55 -20.95 28.21
C ALA A 140 9.89 -20.29 27.93
N ILE A 141 10.37 -20.35 26.68
CA ILE A 141 11.77 -20.08 26.41
C ILE A 141 11.92 -18.88 25.47
N VAL A 142 12.73 -17.92 25.95
CA VAL A 142 13.36 -16.90 25.14
C VAL A 142 14.84 -17.25 25.00
N TYR A 143 15.24 -17.68 23.81
CA TYR A 143 16.63 -17.94 23.55
C TYR A 143 17.48 -16.71 23.90
N GLY A 144 18.65 -16.95 24.50
CA GLY A 144 19.60 -15.90 24.83
C GLY A 144 19.33 -15.27 26.20
N VAL A 145 18.37 -15.84 26.93
CA VAL A 145 17.92 -15.32 28.21
C VAL A 145 17.79 -16.46 29.22
N ASN A 146 17.11 -17.55 28.83
CA ASN A 146 16.75 -18.61 29.78
C ASN A 146 16.67 -19.99 29.10
N HIS A 147 17.34 -20.17 27.96
CA HIS A 147 17.28 -21.43 27.21
C HIS A 147 18.07 -22.54 27.92
N ALA A 148 18.94 -22.18 28.85
CA ALA A 148 19.65 -23.15 29.67
C ALA A 148 18.79 -23.66 30.82
N ASP A 149 17.52 -23.20 30.92
CA ASP A 149 16.59 -23.67 31.94
C ASP A 149 15.73 -24.82 31.41
N VAL A 150 16.09 -25.33 30.23
CA VAL A 150 15.39 -26.47 29.67
C VAL A 150 15.94 -27.72 30.35
N LYS A 151 15.01 -28.53 30.89
CA LYS A 151 15.31 -29.81 31.50
C LYS A 151 15.10 -30.90 30.46
N ALA A 152 15.87 -32.00 30.58
CA ALA A 152 15.78 -33.13 29.66
C ALA A 152 14.39 -33.78 29.74
N THR A 153 13.72 -33.65 30.88
CA THR A 153 12.42 -34.26 31.11
C THR A 153 11.32 -33.48 30.38
N ASP A 154 11.63 -32.24 29.97
CA ASP A 154 10.68 -31.29 29.38
C ASP A 154 10.32 -31.72 27.95
N GLN A 155 9.01 -31.83 27.66
CA GLN A 155 8.54 -32.40 26.41
C GLN A 155 7.77 -31.39 25.58
N ILE A 156 6.94 -30.56 26.22
CA ILE A 156 6.22 -29.48 25.57
C ILE A 156 6.87 -28.13 25.92
N ILE A 157 7.32 -27.40 24.91
CA ILE A 157 8.06 -26.17 25.11
C ILE A 157 7.46 -25.11 24.20
N SER A 158 7.42 -23.86 24.67
CA SER A 158 7.03 -22.72 23.85
C SER A 158 8.24 -21.85 23.58
N SER A 159 8.43 -21.43 22.32
CA SER A 159 9.42 -20.41 22.00
C SER A 159 8.76 -19.03 22.02
N VAL A 160 7.62 -18.96 22.73
CA VAL A 160 6.73 -17.80 22.82
C VAL A 160 6.54 -17.16 21.45
N SER A 161 6.44 -15.83 21.40
CA SER A 161 6.28 -15.10 20.16
C SER A 161 7.52 -14.24 19.93
N CYS A 162 7.60 -13.61 18.75
CA CYS A 162 8.70 -12.71 18.43
C CYS A 162 8.64 -11.45 19.28
N THR A 163 7.42 -10.95 19.53
CA THR A 163 7.29 -9.76 20.32
C THR A 163 7.89 -10.07 21.70
N THR A 164 7.58 -11.25 22.23
CA THR A 164 8.11 -11.69 23.52
C THR A 164 9.64 -11.81 23.45
N GLN A 165 10.15 -12.34 22.35
CA GLN A 165 11.59 -12.53 22.23
C GLN A 165 12.35 -11.21 22.16
N ALA A 166 11.64 -10.11 21.87
CA ALA A 166 12.27 -8.79 21.80
C ALA A 166 12.07 -8.05 23.12
N LEU A 167 10.90 -8.20 23.72
CA LEU A 167 10.51 -7.41 24.88
C LEU A 167 11.33 -7.86 26.10
N VAL A 168 11.45 -9.18 26.28
CA VAL A 168 12.06 -9.73 27.48
C VAL A 168 13.50 -9.24 27.63
N PRO A 169 14.38 -9.41 26.63
CA PRO A 169 15.76 -8.94 26.79
C PRO A 169 15.85 -7.48 27.22
N LEU A 170 15.05 -6.61 26.59
CA LEU A 170 14.99 -5.19 26.92
C LEU A 170 14.61 -4.98 28.38
N VAL A 171 13.61 -5.74 28.83
CA VAL A 171 13.07 -5.58 30.17
C VAL A 171 14.11 -6.12 31.17
N LYS A 172 14.65 -7.33 30.92
CA LYS A 172 15.70 -7.88 31.78
C LYS A 172 16.83 -6.86 31.94
N ILE A 173 17.35 -6.32 30.83
CA ILE A 173 18.52 -5.45 30.90
C ILE A 173 18.22 -4.17 31.67
N ILE A 174 17.06 -3.55 31.40
CA ILE A 174 16.78 -2.23 31.93
C ILE A 174 16.44 -2.37 33.41
N ASP A 175 15.67 -3.41 33.74
CA ASP A 175 15.25 -3.65 35.11
C ASP A 175 16.44 -4.01 36.00
N ASP A 176 17.45 -4.68 35.43
CA ASP A 176 18.63 -5.08 36.20
C ASP A 176 19.48 -3.86 36.52
N ALA A 177 19.57 -2.90 35.58
CA ALA A 177 20.48 -1.78 35.75
C ALA A 177 19.84 -0.63 36.53
N PHE A 178 18.52 -0.43 36.40
CA PHE A 178 17.91 0.80 36.87
C PHE A 178 16.66 0.54 37.70
N GLY A 179 16.04 -0.62 37.51
CA GLY A 179 14.77 -0.94 38.14
C GLY A 179 13.61 -0.33 37.36
N ILE A 180 12.71 -1.21 36.91
CA ILE A 180 11.45 -0.83 36.29
C ILE A 180 10.39 -0.90 37.38
N GLU A 181 9.83 0.26 37.75
CA GLU A 181 8.65 0.33 38.60
C GLU A 181 7.52 -0.33 37.82
N THR A 182 7.19 0.24 36.65
CA THR A 182 6.18 -0.32 35.75
C THR A 182 6.56 0.07 34.33
N ALA A 183 5.89 -0.54 33.35
CA ALA A 183 6.23 -0.29 31.96
C ALA A 183 5.01 -0.55 31.07
N LEU A 184 4.96 0.18 29.95
CA LEU A 184 3.90 -0.01 28.96
C LEU A 184 4.51 -0.09 27.58
N MET A 185 3.98 -0.98 26.76
CA MET A 185 4.56 -1.26 25.46
C MET A 185 3.53 -0.97 24.38
N THR A 186 4.01 -0.38 23.29
CA THR A 186 3.25 -0.27 22.07
C THR A 186 4.07 -0.98 21.00
N GLU A 187 3.49 -1.98 20.34
CA GLU A 187 4.12 -2.62 19.19
C GLU A 187 3.49 -2.10 17.90
N ILE A 188 4.34 -1.65 16.97
CA ILE A 188 3.94 -1.29 15.62
C ILE A 188 4.36 -2.43 14.69
N HIS A 189 3.39 -3.29 14.33
CA HIS A 189 3.65 -4.53 13.63
C HIS A 189 3.14 -4.45 12.20
N ALA A 190 3.85 -5.14 11.29
CA ALA A 190 3.45 -5.26 9.91
C ALA A 190 2.23 -6.18 9.80
N VAL A 191 1.62 -6.26 8.61
CA VAL A 191 0.48 -7.14 8.42
C VAL A 191 0.91 -8.57 8.76
N THR A 192 -0.05 -9.36 9.26
CA THR A 192 0.13 -10.78 9.55
C THR A 192 -0.82 -11.56 8.65
N ALA A 193 -0.56 -12.88 8.51
CA ALA A 193 -1.24 -13.73 7.55
C ALA A 193 -2.66 -14.07 7.98
N ASP A 194 -3.02 -13.76 9.22
CA ASP A 194 -4.37 -14.04 9.70
C ASP A 194 -5.34 -12.89 9.45
N GLN A 195 -4.88 -11.76 8.90
CA GLN A 195 -5.76 -10.62 8.66
C GLN A 195 -6.58 -10.76 7.37
N SER A 196 -7.36 -9.71 7.07
CA SER A 196 -8.21 -9.68 5.89
C SER A 196 -7.71 -8.69 4.84
N VAL A 197 -7.81 -9.09 3.57
CA VAL A 197 -7.45 -8.22 2.47
C VAL A 197 -8.50 -7.13 2.29
N LEU A 198 -9.78 -7.52 2.21
CA LEU A 198 -10.87 -6.57 2.29
C LEU A 198 -11.66 -6.86 3.56
N ASP A 199 -12.58 -5.96 3.93
CA ASP A 199 -13.41 -6.15 5.11
C ASP A 199 -14.17 -7.48 4.99
N HIS A 200 -13.99 -8.36 5.99
CA HIS A 200 -14.48 -9.72 5.89
C HIS A 200 -14.77 -10.27 7.28
N ALA A 201 -15.77 -11.14 7.38
CA ALA A 201 -16.13 -11.77 8.64
C ALA A 201 -14.93 -12.50 9.24
N HIS A 202 -14.76 -12.32 10.55
CA HIS A 202 -13.55 -12.71 11.26
C HIS A 202 -13.91 -12.79 12.74
N ARG A 203 -13.25 -13.69 13.48
CA ARG A 203 -13.52 -13.85 14.90
C ARG A 203 -13.23 -12.54 15.64
N ASP A 204 -12.23 -11.77 15.17
CA ASP A 204 -11.90 -10.47 15.74
C ASP A 204 -12.34 -9.32 14.81
N LEU A 205 -13.22 -8.46 15.31
CA LEU A 205 -13.81 -7.41 14.48
C LEU A 205 -12.81 -6.37 13.99
N ARG A 206 -11.71 -6.14 14.68
N ARG A 206 -11.70 -6.16 14.71
CA ARG A 206 -10.74 -5.15 14.22
CA ARG A 206 -10.70 -5.18 14.33
C ARG A 206 -9.87 -5.73 13.11
C ARG A 206 -9.86 -5.72 13.16
N ARG A 207 -9.53 -7.01 13.22
CA ARG A 207 -8.66 -7.65 12.24
C ARG A 207 -9.42 -8.17 11.02
N ALA A 208 -10.74 -7.94 11.02
CA ALA A 208 -11.61 -8.20 9.89
C ALA A 208 -11.49 -7.13 8.82
N ARG A 209 -10.75 -6.05 9.09
CA ARG A 209 -10.77 -4.87 8.26
C ARG A 209 -9.58 -4.89 7.32
N ALA A 210 -9.73 -4.18 6.19
CA ALA A 210 -8.78 -4.21 5.08
C ALA A 210 -7.38 -3.91 5.57
N SER A 211 -6.47 -4.86 5.36
CA SER A 211 -5.14 -4.84 5.97
C SER A 211 -4.27 -3.74 5.35
N GLY A 212 -4.46 -3.44 4.06
CA GLY A 212 -3.57 -2.56 3.31
C GLY A 212 -3.95 -1.09 3.43
N GLN A 213 -5.05 -0.79 4.13
CA GLN A 213 -5.66 0.53 4.06
C GLN A 213 -6.03 1.01 5.46
N ASN A 214 -5.53 0.34 6.51
CA ASN A 214 -5.94 0.65 7.87
C ASN A 214 -4.79 0.51 8.86
N ILE A 215 -4.84 1.35 9.89
CA ILE A 215 -4.13 1.19 11.15
C ILE A 215 -5.08 0.46 12.09
N ILE A 216 -4.70 -0.73 12.56
CA ILE A 216 -5.58 -1.59 13.33
C ILE A 216 -4.94 -1.94 14.68
N PRO A 217 -5.39 -1.34 15.80
CA PRO A 217 -4.88 -1.69 17.13
C PRO A 217 -5.58 -2.96 17.59
N THR A 218 -4.87 -3.79 18.35
CA THR A 218 -5.31 -5.15 18.60
C THR A 218 -4.53 -5.65 19.80
N THR A 219 -4.82 -6.86 20.29
CA THR A 219 -4.20 -7.35 21.52
C THR A 219 -2.87 -8.00 21.15
N SER A 220 -2.01 -8.23 22.17
CA SER A 220 -0.73 -8.89 22.02
C SER A 220 -0.57 -10.03 23.03
N SER A 221 -0.13 -11.20 22.55
CA SER A 221 0.14 -12.35 23.40
C SER A 221 1.46 -12.18 24.15
N ALA A 222 2.22 -11.13 23.84
CA ALA A 222 3.59 -11.03 24.30
C ALA A 222 3.64 -10.77 25.80
N LEU A 223 2.54 -10.32 26.42
CA LEU A 223 2.59 -9.89 27.80
C LEU A 223 2.24 -11.05 28.73
N GLY A 224 1.20 -11.81 28.38
CA GLY A 224 0.92 -13.07 29.04
C GLY A 224 2.18 -13.94 29.08
N ALA A 225 2.85 -14.02 27.92
CA ALA A 225 4.03 -14.83 27.74
C ALA A 225 5.21 -14.29 28.56
N LEU A 226 5.40 -12.96 28.59
CA LEU A 226 6.51 -12.37 29.31
C LEU A 226 6.37 -12.64 30.81
N LYS A 227 5.14 -12.77 31.30
CA LYS A 227 4.89 -12.99 32.72
C LYS A 227 5.23 -14.43 33.11
N ARG A 228 5.02 -15.36 32.18
CA ARG A 228 5.47 -16.73 32.36
C ARG A 228 7.00 -16.75 32.50
N VAL A 229 7.70 -16.07 31.62
CA VAL A 229 9.16 -16.09 31.59
C VAL A 229 9.75 -15.27 32.75
N MET A 230 9.09 -14.16 33.12
CA MET A 230 9.55 -13.28 34.19
C MET A 230 8.42 -13.05 35.18
N PRO A 231 8.21 -13.92 36.18
CA PRO A 231 7.06 -13.81 37.10
C PRO A 231 6.96 -12.53 37.94
N LYS A 232 8.12 -11.97 38.30
CA LYS A 232 8.20 -10.77 39.12
C LYS A 232 7.65 -9.53 38.39
N MET A 233 7.44 -9.62 37.08
CA MET A 233 6.96 -8.50 36.27
C MET A 233 5.44 -8.57 36.13
N GLU A 234 4.79 -9.49 36.84
CA GLU A 234 3.34 -9.55 36.87
C GLU A 234 2.84 -8.28 37.56
N ASP A 235 1.81 -7.65 36.96
CA ASP A 235 1.19 -6.46 37.50
C ASP A 235 2.15 -5.26 37.45
N ARG A 236 3.15 -5.31 36.55
CA ARG A 236 4.06 -4.19 36.37
C ARG A 236 4.23 -3.87 34.88
N ILE A 237 3.55 -4.59 34.00
CA ILE A 237 3.66 -4.31 32.59
C ILE A 237 2.39 -4.74 31.88
N ASP A 238 1.92 -3.88 30.97
CA ASP A 238 0.89 -4.22 30.00
C ASP A 238 1.31 -3.61 28.67
N GLY A 239 0.47 -3.77 27.65
CA GLY A 239 0.74 -3.15 26.36
C GLY A 239 -0.28 -3.61 25.32
N TYR A 240 -0.07 -3.22 24.06
CA TYR A 240 -0.91 -3.70 22.98
C TYR A 240 -0.13 -3.61 21.69
N SER A 241 -0.73 -4.08 20.60
CA SER A 241 -0.10 -4.11 19.29
C SER A 241 -0.91 -3.33 18.26
N ILE A 242 -0.23 -2.85 17.22
CA ILE A 242 -0.88 -2.13 16.12
C ILE A 242 -0.42 -2.68 14.78
N ARG A 243 -1.37 -3.15 13.97
CA ARG A 243 -1.07 -3.59 12.62
C ARG A 243 -1.08 -2.42 11.64
N VAL A 244 -0.05 -2.30 10.82
CA VAL A 244 -0.01 -1.24 9.82
C VAL A 244 0.33 -1.86 8.47
N PRO A 245 -0.03 -1.19 7.35
CA PRO A 245 0.12 -1.83 6.04
C PRO A 245 1.52 -1.97 5.44
N THR A 246 2.51 -2.47 6.19
CA THR A 246 3.76 -2.95 5.57
C THR A 246 3.79 -4.48 5.60
N ILE A 247 4.73 -5.08 4.85
CA ILE A 247 4.71 -6.51 4.57
C ILE A 247 5.46 -7.28 5.65
N ASN A 248 6.43 -6.62 6.29
CA ASN A 248 7.31 -7.29 7.22
C ASN A 248 8.05 -6.27 8.07
N VAL A 249 8.51 -6.73 9.25
CA VAL A 249 9.26 -5.96 10.24
C VAL A 249 8.29 -5.32 11.22
N ALA A 250 8.71 -5.23 12.49
CA ALA A 250 7.94 -4.57 13.54
C ALA A 250 8.87 -3.77 14.44
N ALA A 251 8.26 -2.93 15.29
CA ALA A 251 9.00 -2.24 16.33
C ALA A 251 8.26 -2.35 17.65
N ILE A 252 9.02 -2.22 18.73
CA ILE A 252 8.52 -2.08 20.07
C ILE A 252 8.89 -0.70 20.60
N ASP A 253 7.87 -0.03 21.15
CA ASP A 253 8.01 1.22 21.85
C ASP A 253 7.76 0.93 23.33
N LEU A 254 8.83 0.80 24.13
CA LEU A 254 8.71 0.51 25.56
C LEU A 254 8.82 1.80 26.35
N THR A 255 7.78 2.13 27.11
CA THR A 255 7.83 3.24 28.02
C THR A 255 7.89 2.69 29.44
N PHE A 256 8.84 3.17 30.25
CA PHE A 256 8.98 2.63 31.60
C PHE A 256 9.30 3.75 32.59
N ILE A 257 8.95 3.50 33.87
CA ILE A 257 9.38 4.34 34.97
C ILE A 257 10.61 3.73 35.62
N ALA A 258 11.65 4.54 35.79
CA ALA A 258 12.90 4.06 36.34
C ALA A 258 12.93 4.27 37.85
N GLN A 259 13.62 3.38 38.56
CA GLN A 259 13.74 3.44 40.01
C GLN A 259 15.07 4.06 40.44
N SER A 260 15.79 4.68 39.51
CA SER A 260 17.04 5.37 39.84
C SER A 260 17.40 6.34 38.73
N PRO A 261 18.39 7.23 38.90
CA PRO A 261 18.68 8.25 37.89
C PRO A 261 18.94 7.64 36.51
N ILE A 262 18.36 8.28 35.48
CA ILE A 262 18.53 7.87 34.09
C ILE A 262 18.86 9.09 33.24
N THR A 263 19.63 8.84 32.20
CA THR A 263 19.82 9.82 31.15
C THR A 263 19.77 9.05 29.83
N VAL A 264 19.64 9.79 28.72
CA VAL A 264 19.66 9.18 27.42
C VAL A 264 21.01 8.49 27.22
N HIS A 265 22.11 9.15 27.62
CA HIS A 265 23.43 8.57 27.47
C HIS A 265 23.53 7.23 28.21
N HIS A 266 23.09 7.15 29.48
CA HIS A 266 23.34 5.96 30.27
C HIS A 266 22.51 4.78 29.77
N ILE A 267 21.32 5.07 29.23
CA ILE A 267 20.44 4.06 28.67
C ILE A 267 21.10 3.48 27.43
N ASN A 268 21.62 4.35 26.55
CA ASN A 268 22.18 3.89 25.29
C ASN A 268 23.52 3.20 25.52
N GLU A 269 24.30 3.68 26.49
CA GLU A 269 25.55 3.04 26.86
C GLU A 269 25.27 1.65 27.42
N LEU A 270 24.23 1.50 28.24
CA LEU A 270 23.92 0.21 28.84
C LEU A 270 23.55 -0.83 27.78
N LEU A 271 22.74 -0.42 26.79
CA LEU A 271 22.28 -1.31 25.74
C LEU A 271 23.43 -1.67 24.80
N ILE A 272 24.31 -0.72 24.52
CA ILE A 272 25.44 -1.02 23.66
C ILE A 272 26.34 -2.04 24.34
N LYS A 273 26.61 -1.87 25.64
CA LYS A 273 27.47 -2.79 26.38
C LYS A 273 26.80 -4.16 26.47
N ALA A 274 25.50 -4.20 26.77
CA ALA A 274 24.77 -5.45 26.83
C ALA A 274 24.86 -6.18 25.49
N SER A 275 24.82 -5.44 24.39
CA SER A 275 24.83 -6.03 23.06
C SER A 275 26.23 -6.56 22.70
N GLN A 276 27.25 -6.11 23.43
CA GLN A 276 28.63 -6.45 23.13
C GLN A 276 29.11 -7.59 24.03
N THR A 277 28.43 -7.82 25.17
CA THR A 277 28.98 -8.65 26.24
C THR A 277 28.11 -9.88 26.49
N ASP A 278 26.81 -9.69 26.74
CA ASP A 278 25.96 -10.76 27.22
C ASP A 278 24.91 -11.17 26.20
N TYR A 279 24.66 -10.30 25.21
CA TYR A 279 23.51 -10.50 24.32
C TYR A 279 23.93 -10.41 22.86
N ALA A 280 25.24 -10.53 22.61
CA ALA A 280 25.77 -10.31 21.27
C ALA A 280 25.17 -11.27 20.26
N GLU A 281 24.69 -12.44 20.69
CA GLU A 281 24.15 -13.37 19.72
C GLU A 281 22.85 -12.81 19.11
N ILE A 282 22.04 -12.09 19.91
CA ILE A 282 20.64 -11.89 19.57
C ILE A 282 20.25 -10.41 19.56
N MET A 283 21.20 -9.52 19.85
CA MET A 283 20.87 -8.13 20.09
C MET A 283 21.90 -7.24 19.43
N ALA A 284 21.41 -6.22 18.70
CA ALA A 284 22.27 -5.22 18.10
C ALA A 284 21.73 -3.83 18.45
N VAL A 285 22.50 -2.80 18.08
CA VAL A 285 22.12 -1.42 18.29
C VAL A 285 22.56 -0.63 17.08
N THR A 286 21.77 0.37 16.69
CA THR A 286 22.12 1.22 15.56
C THR A 286 21.97 2.66 16.01
N ASP A 287 22.79 3.52 15.42
CA ASP A 287 22.78 4.95 15.70
C ASP A 287 22.31 5.70 14.46
N GLU A 288 21.89 4.95 13.43
CA GLU A 288 21.52 5.53 12.16
C GLU A 288 20.02 5.75 12.02
N PRO A 289 19.60 6.80 11.28
CA PRO A 289 18.19 7.06 11.03
C PRO A 289 17.59 6.12 9.98
N LEU A 290 17.19 4.94 10.44
CA LEU A 290 16.76 3.86 9.57
C LEU A 290 15.25 3.71 9.65
N VAL A 291 14.71 2.86 8.77
CA VAL A 291 13.28 2.61 8.73
C VAL A 291 13.05 1.11 8.62
N SER A 292 11.79 0.70 8.75
CA SER A 292 11.45 -0.71 8.89
C SER A 292 12.19 -1.56 7.87
N SER A 293 12.18 -1.16 6.60
CA SER A 293 12.59 -2.07 5.54
C SER A 293 14.10 -2.29 5.58
N ASP A 294 14.83 -1.46 6.31
CA ASP A 294 16.26 -1.70 6.50
C ASP A 294 16.55 -2.92 7.38
N PHE A 295 15.56 -3.38 8.14
CA PHE A 295 15.78 -4.49 9.06
C PHE A 295 15.18 -5.77 8.50
N ASN A 296 14.73 -5.71 7.24
CA ASN A 296 14.18 -6.88 6.57
C ASN A 296 15.31 -7.88 6.36
N HIS A 297 15.15 -9.09 6.90
CA HIS A 297 16.11 -10.18 6.73
C HIS A 297 17.27 -10.07 7.74
N SER A 298 17.07 -9.29 8.80
CA SER A 298 17.98 -9.24 9.93
C SER A 298 17.69 -10.40 10.89
N PRO A 299 18.73 -11.16 11.36
CA PRO A 299 18.50 -12.34 12.18
C PRO A 299 18.34 -12.06 13.67
N TYR A 300 18.49 -10.80 14.07
CA TYR A 300 18.50 -10.45 15.49
C TYR A 300 17.08 -10.49 16.07
N SER A 301 17.00 -10.83 17.36
CA SER A 301 15.75 -10.77 18.10
C SER A 301 15.30 -9.33 18.26
N LEU A 302 16.25 -8.40 18.41
CA LEU A 302 15.96 -6.97 18.51
C LEU A 302 17.16 -6.17 18.00
N ILE A 303 16.90 -5.00 17.40
CA ILE A 303 17.90 -4.01 17.06
C ILE A 303 17.42 -2.67 17.63
N VAL A 304 18.17 -2.08 18.55
CA VAL A 304 17.72 -0.88 19.22
C VAL A 304 18.07 0.34 18.37
N ASP A 305 17.13 1.28 18.25
CA ASP A 305 17.37 2.56 17.62
C ASP A 305 17.80 3.56 18.68
N LEU A 306 19.10 3.80 18.81
CA LEU A 306 19.59 4.62 19.91
C LEU A 306 19.11 6.07 19.77
N THR A 307 18.75 6.50 18.55
CA THR A 307 18.38 7.90 18.32
C THR A 307 16.96 8.16 18.83
N GLN A 308 16.22 7.10 19.15
CA GLN A 308 14.85 7.20 19.62
C GLN A 308 14.73 7.30 21.15
N THR A 309 15.81 7.07 21.91
CA THR A 309 15.74 7.02 23.36
C THR A 309 15.32 8.40 23.87
N MET A 310 14.37 8.43 24.81
CA MET A 310 13.85 9.67 25.38
C MET A 310 13.72 9.51 26.88
N VAL A 311 14.04 10.58 27.62
CA VAL A 311 13.90 10.61 29.07
C VAL A 311 13.26 11.93 29.47
N VAL A 312 12.23 11.87 30.30
CA VAL A 312 11.65 13.07 30.88
C VAL A 312 11.46 12.75 32.35
N GLY A 313 12.38 13.27 33.17
CA GLY A 313 12.38 12.95 34.59
C GLY A 313 12.67 11.48 34.83
N HIS A 314 11.69 10.77 35.41
CA HIS A 314 11.84 9.37 35.79
C HIS A 314 11.36 8.45 34.68
N GLN A 315 10.78 9.04 33.63
CA GLN A 315 10.08 8.27 32.62
C GLN A 315 10.96 8.20 31.38
N ALA A 316 10.92 7.07 30.69
CA ALA A 316 11.80 6.88 29.56
C ALA A 316 11.11 6.00 28.53
N LYS A 317 11.48 6.21 27.28
CA LYS A 317 11.03 5.40 26.16
C LYS A 317 12.27 4.90 25.43
N VAL A 318 12.33 3.59 25.19
CA VAL A 318 13.30 3.03 24.24
C VAL A 318 12.55 2.35 23.10
N PHE A 319 13.28 2.06 22.01
CA PHE A 319 12.66 1.62 20.77
C PHE A 319 13.57 0.63 20.07
N ALA A 320 12.98 -0.50 19.64
CA ALA A 320 13.74 -1.56 18.98
C ALA A 320 13.00 -2.11 17.78
N TRP A 321 13.74 -2.44 16.73
CA TRP A 321 13.18 -3.10 15.56
C TRP A 321 13.40 -4.61 15.60
N TYR A 322 12.59 -5.36 14.83
CA TYR A 322 12.93 -6.75 14.58
C TYR A 322 12.16 -7.28 13.37
N ASP A 323 12.78 -8.25 12.69
CA ASP A 323 12.14 -8.96 11.60
C ASP A 323 11.32 -10.10 12.20
N ASN A 324 10.03 -9.84 12.36
CA ASN A 324 9.14 -10.77 13.02
C ASN A 324 9.27 -12.18 12.45
N GLU A 325 9.68 -12.31 11.19
CA GLU A 325 9.69 -13.62 10.56
C GLU A 325 11.06 -14.28 10.74
N TRP A 326 12.09 -13.63 10.23
CA TRP A 326 13.43 -14.19 10.15
C TRP A 326 14.11 -14.27 11.52
N GLY A 327 13.99 -13.19 12.32
CA GLY A 327 14.49 -13.18 13.68
C GLY A 327 13.99 -14.40 14.45
N TYR A 328 12.69 -14.69 14.36
CA TYR A 328 12.09 -15.77 15.14
C TYR A 328 12.52 -17.12 14.61
N ALA A 329 12.60 -17.25 13.28
CA ALA A 329 12.95 -18.50 12.64
C ALA A 329 14.37 -18.88 12.99
N ASN A 330 15.25 -17.88 13.14
CA ASN A 330 16.63 -18.15 13.53
C ASN A 330 16.66 -18.60 14.98
N ARG A 331 15.81 -17.99 15.82
CA ARG A 331 15.78 -18.35 17.23
C ARG A 331 15.22 -19.76 17.38
N LEU A 332 14.36 -20.21 16.47
CA LEU A 332 13.84 -21.57 16.56
C LEU A 332 14.99 -22.56 16.37
N LEU A 333 15.82 -22.28 15.36
CA LEU A 333 16.95 -23.12 15.05
C LEU A 333 18.01 -23.00 16.16
N ASP A 334 18.17 -21.81 16.72
CA ASP A 334 19.15 -21.61 17.77
C ASP A 334 18.75 -22.47 18.96
N LEU A 335 17.43 -22.54 19.21
CA LEU A 335 16.92 -23.24 20.37
C LEU A 335 17.15 -24.75 20.23
N CYS A 336 16.70 -25.31 19.09
CA CYS A 336 16.94 -26.71 18.77
C CYS A 336 18.39 -27.13 18.94
N ASP A 337 19.30 -26.24 18.52
CA ASP A 337 20.73 -26.50 18.59
C ASP A 337 21.19 -26.57 20.04
N SER A 338 20.43 -25.94 20.96
CA SER A 338 20.85 -25.78 22.34
C SER A 338 20.60 -27.07 23.13
N PHE A 339 19.71 -27.93 22.63
CA PHE A 339 19.31 -29.17 23.29
C PHE A 339 20.42 -30.24 23.21
N LYS A 340 21.27 -30.12 22.19
CA LYS A 340 22.38 -31.03 21.98
C LYS A 340 23.52 -30.66 22.94
N SER A 341 23.67 -31.43 24.03
CA SER A 341 24.60 -31.13 25.10
C SER A 341 24.33 -29.72 25.64
N MET B 1 42.17 3.40 -17.87
CA MET B 1 40.91 2.83 -18.42
C MET B 1 39.99 3.97 -18.83
N GLN B 2 38.73 3.64 -19.19
CA GLN B 2 37.73 4.67 -19.39
C GLN B 2 37.24 5.19 -18.03
N ARG B 3 36.97 6.50 -17.98
CA ARG B 3 36.53 7.17 -16.77
C ARG B 3 35.09 7.63 -17.00
N ILE B 4 34.18 7.21 -16.11
CA ILE B 4 32.76 7.49 -16.24
C ILE B 4 32.34 8.42 -15.10
N ALA B 5 31.37 9.27 -15.37
CA ALA B 5 30.79 10.12 -14.33
C ALA B 5 29.28 9.93 -14.28
N ILE B 6 28.70 10.20 -13.13
CA ILE B 6 27.26 10.09 -12.99
C ILE B 6 26.73 11.46 -12.57
N ASN B 7 25.84 12.05 -13.38
CA ASN B 7 25.16 13.27 -13.00
C ASN B 7 23.73 12.91 -12.57
N GLY B 8 23.41 13.07 -11.28
CA GLY B 8 22.11 12.71 -10.72
C GLY B 8 22.14 11.38 -9.98
N PHE B 9 22.37 11.41 -8.65
CA PHE B 9 22.59 10.22 -7.85
C PHE B 9 21.28 9.77 -7.23
N GLY B 10 20.35 9.31 -8.09
CA GLY B 10 19.01 8.91 -7.69
C GLY B 10 18.79 7.41 -7.88
N ARG B 11 17.53 7.03 -8.17
CA ARG B 11 17.17 5.63 -8.31
C ARG B 11 18.09 4.97 -9.35
N ILE B 12 18.38 5.69 -10.44
CA ILE B 12 19.18 5.16 -11.53
C ILE B 12 20.66 5.33 -11.20
N GLY B 13 21.07 6.56 -10.84
CA GLY B 13 22.45 6.87 -10.54
C GLY B 13 23.04 5.95 -9.47
N ARG B 14 22.32 5.81 -8.34
CA ARG B 14 22.79 5.01 -7.24
C ARG B 14 22.88 3.54 -7.65
N ASN B 15 21.92 3.06 -8.45
CA ASN B 15 21.87 1.63 -8.75
C ASN B 15 22.91 1.28 -9.80
N VAL B 16 23.32 2.27 -10.61
CA VAL B 16 24.42 2.12 -11.55
C VAL B 16 25.70 1.81 -10.76
N LEU B 17 25.95 2.61 -9.73
CA LEU B 17 27.16 2.46 -8.96
C LEU B 17 27.11 1.11 -8.24
N ARG B 18 25.94 0.76 -7.67
CA ARG B 18 25.75 -0.52 -6.99
C ARG B 18 26.01 -1.70 -7.92
N ALA B 19 25.51 -1.61 -9.16
CA ALA B 19 25.55 -2.73 -10.08
C ALA B 19 26.97 -2.93 -10.61
N TRP B 20 27.81 -1.89 -10.54
CA TRP B 20 29.21 -2.00 -10.91
C TRP B 20 29.94 -2.95 -9.95
N PHE B 21 29.59 -2.86 -8.66
CA PHE B 21 30.18 -3.67 -7.62
C PHE B 21 29.59 -5.08 -7.62
N GLU B 22 28.30 -5.19 -7.94
CA GLU B 22 27.58 -6.45 -7.80
C GLU B 22 27.75 -7.32 -9.03
N SER B 23 28.23 -6.75 -10.14
CA SER B 23 28.35 -7.49 -11.40
C SER B 23 29.22 -8.72 -11.20
N PRO B 24 28.79 -9.93 -11.67
CA PRO B 24 29.65 -11.10 -11.68
C PRO B 24 31.02 -10.87 -12.33
N LYS B 25 31.03 -10.12 -13.45
CA LYS B 25 32.26 -9.84 -14.18
C LYS B 25 32.62 -8.37 -14.03
N GLN B 26 33.85 -8.08 -13.58
CA GLN B 26 34.32 -6.72 -13.35
C GLN B 26 34.31 -5.94 -14.66
N PHE B 27 33.71 -4.75 -14.63
CA PHE B 27 33.70 -3.88 -15.80
C PHE B 27 35.10 -3.29 -15.98
N HIS B 28 35.47 -3.00 -17.24
CA HIS B 28 36.81 -2.58 -17.56
C HIS B 28 36.90 -1.06 -17.51
N PHE B 29 35.97 -0.43 -16.80
CA PHE B 29 35.92 1.03 -16.69
C PHE B 29 35.66 1.35 -15.23
N GLU B 30 36.03 2.54 -14.81
CA GLU B 30 35.80 2.98 -13.44
C GLU B 30 34.83 4.15 -13.44
N ILE B 31 34.04 4.22 -12.37
CA ILE B 31 33.21 5.37 -12.06
C ILE B 31 34.01 6.21 -11.10
N VAL B 32 34.33 7.44 -11.51
CA VAL B 32 35.30 8.24 -10.79
C VAL B 32 34.64 9.50 -10.21
N ALA B 33 33.42 9.84 -10.64
CA ALA B 33 32.78 11.04 -10.11
C ALA B 33 31.26 10.87 -10.04
N ILE B 34 30.64 11.49 -9.02
CA ILE B 34 29.19 11.62 -8.96
C ILE B 34 28.87 13.06 -8.65
N ASN B 35 27.72 13.54 -9.17
CA ASN B 35 27.24 14.89 -8.91
C ASN B 35 25.76 14.84 -8.57
N ASP B 36 25.39 15.48 -7.45
CA ASP B 36 24.00 15.70 -7.08
C ASP B 36 23.89 17.08 -6.42
N ILE B 37 22.67 17.60 -6.34
CA ILE B 37 22.38 18.87 -5.68
C ILE B 37 22.22 18.64 -4.17
N ALA B 38 22.50 17.42 -3.71
CA ALA B 38 22.33 17.07 -2.31
C ALA B 38 23.69 16.84 -1.64
N ASP B 39 23.69 16.91 -0.30
CA ASP B 39 24.87 16.78 0.52
C ASP B 39 25.37 15.34 0.45
N VAL B 40 26.68 15.15 0.59
CA VAL B 40 27.30 13.84 0.45
C VAL B 40 26.74 12.85 1.48
N HIS B 41 26.38 13.35 2.68
CA HIS B 41 25.85 12.52 3.76
C HIS B 41 24.48 11.94 3.39
N THR B 42 23.64 12.76 2.74
CA THR B 42 22.34 12.31 2.26
C THR B 42 22.54 11.23 1.19
N LEU B 43 23.52 11.46 0.32
CA LEU B 43 23.80 10.57 -0.79
C LEU B 43 24.39 9.25 -0.31
N VAL B 44 25.26 9.29 0.71
CA VAL B 44 25.88 8.07 1.21
C VAL B 44 24.83 7.21 1.92
N HIS B 45 23.99 7.85 2.72
CA HIS B 45 22.95 7.14 3.44
C HIS B 45 22.06 6.42 2.43
N LEU B 46 21.60 7.14 1.41
CA LEU B 46 20.68 6.59 0.45
C LEU B 46 21.35 5.47 -0.35
N PHE B 47 22.66 5.60 -0.54
CA PHE B 47 23.39 4.60 -1.27
C PHE B 47 23.46 3.32 -0.45
N LYS B 48 23.64 3.49 0.87
CA LYS B 48 23.90 2.35 1.74
C LYS B 48 22.60 1.62 2.06
N TYR B 49 21.53 2.38 2.26
CA TYR B 49 20.24 1.85 2.66
C TYR B 49 19.20 2.18 1.59
N ASP B 50 18.61 1.13 1.02
CA ASP B 50 17.66 1.22 -0.06
C ASP B 50 16.42 0.39 0.28
N SER B 51 15.24 1.02 0.13
CA SER B 51 13.97 0.39 0.45
C SER B 51 13.71 -0.76 -0.52
N THR B 52 14.20 -0.63 -1.75
CA THR B 52 13.86 -1.57 -2.82
C THR B 52 14.86 -2.72 -2.89
N HIS B 53 16.16 -2.41 -2.85
CA HIS B 53 17.19 -3.43 -3.08
C HIS B 53 18.05 -3.73 -1.86
N GLY B 54 17.71 -3.25 -0.66
CA GLY B 54 18.35 -3.78 0.53
C GLY B 54 19.60 -3.00 0.89
N ARG B 55 20.38 -3.52 1.85
CA ARG B 55 21.59 -2.84 2.28
C ARG B 55 22.65 -3.06 1.20
N PHE B 56 23.52 -2.06 1.00
CA PHE B 56 24.67 -2.22 0.15
C PHE B 56 25.66 -3.15 0.87
N ASN B 57 26.09 -4.21 0.17
CA ASN B 57 26.94 -5.22 0.78
C ASN B 57 28.41 -4.82 0.61
N GLY B 58 28.87 -3.92 1.48
CA GLY B 58 30.18 -3.29 1.34
C GLY B 58 30.30 -2.04 2.20
N LYS B 59 31.45 -1.35 2.11
CA LYS B 59 31.74 -0.26 3.02
C LYS B 59 31.92 1.03 2.24
N VAL B 60 31.44 2.13 2.82
CA VAL B 60 31.55 3.46 2.22
C VAL B 60 32.15 4.40 3.27
N ASP B 61 33.28 5.02 2.95
CA ASP B 61 33.91 5.98 3.84
C ASP B 61 34.13 7.29 3.09
N ILE B 62 33.95 8.43 3.77
CA ILE B 62 34.06 9.74 3.14
C ILE B 62 35.43 10.31 3.50
N THR B 63 36.08 10.99 2.55
CA THR B 63 37.39 11.58 2.76
C THR B 63 37.35 13.02 2.25
N ILE B 64 38.08 13.93 2.92
CA ILE B 64 38.26 15.27 2.40
C ILE B 64 39.73 15.43 2.04
N GLU B 65 39.99 15.81 0.79
CA GLU B 65 41.34 15.86 0.27
C GLU B 65 41.46 17.09 -0.63
N ASN B 66 42.04 18.19 -0.10
CA ASN B 66 42.27 19.42 -0.85
C ASN B 66 40.97 20.13 -1.23
N GLU B 67 39.97 20.13 -0.33
CA GLU B 67 38.67 20.74 -0.59
C GLU B 67 37.79 19.82 -1.42
N LYS B 68 38.33 18.66 -1.84
CA LYS B 68 37.63 17.68 -2.67
C LYS B 68 37.05 16.59 -1.78
N ILE B 69 35.80 16.20 -2.03
CA ILE B 69 35.17 15.13 -1.26
C ILE B 69 35.25 13.85 -2.09
N TYR B 70 35.67 12.76 -1.46
CA TYR B 70 35.79 11.48 -2.13
C TYR B 70 35.04 10.42 -1.33
N LEU B 71 34.46 9.44 -2.03
CA LEU B 71 33.84 8.28 -1.42
C LEU B 71 34.70 7.06 -1.73
N ASN B 72 35.18 6.38 -0.69
CA ASN B 72 35.93 5.15 -0.85
C ASN B 72 34.97 3.98 -0.61
N ILE B 73 34.68 3.23 -1.67
CA ILE B 73 33.69 2.18 -1.59
C ILE B 73 34.41 0.86 -1.83
N GLN B 74 34.20 -0.12 -0.94
CA GLN B 74 34.79 -1.45 -1.07
C GLN B 74 33.68 -2.50 -1.05
N SER B 75 33.70 -3.41 -2.03
CA SER B 75 32.67 -4.44 -2.15
C SER B 75 33.06 -5.43 -3.23
N ASN B 76 32.74 -6.71 -2.99
CA ASN B 76 32.90 -7.78 -3.98
C ASN B 76 34.35 -7.80 -4.48
N GLN B 77 35.31 -7.65 -3.56
CA GLN B 77 36.74 -7.64 -3.91
C GLN B 77 37.08 -6.52 -4.91
N ARG B 78 36.40 -5.37 -4.83
CA ARG B 78 36.68 -4.21 -5.69
C ARG B 78 36.66 -2.94 -4.84
N LEU B 79 37.43 -1.92 -5.26
CA LEU B 79 37.44 -0.63 -4.59
C LEU B 79 37.32 0.47 -5.63
N LEU B 80 36.53 1.51 -5.32
CA LEU B 80 36.50 2.74 -6.11
C LEU B 80 36.71 3.93 -5.19
N LYS B 81 37.50 4.90 -5.68
CA LYS B 81 37.61 6.21 -5.05
C LYS B 81 36.88 7.21 -5.95
N VAL B 82 35.80 7.81 -5.41
CA VAL B 82 34.78 8.44 -6.24
C VAL B 82 34.61 9.88 -5.77
N GLU B 83 35.00 10.87 -6.60
CA GLU B 83 34.92 12.27 -6.18
C GLU B 83 33.46 12.70 -6.22
N VAL B 84 33.07 13.55 -5.25
CA VAL B 84 31.68 13.93 -5.05
C VAL B 84 31.55 15.43 -5.27
N LEU B 85 30.58 15.82 -6.11
CA LEU B 85 30.36 17.20 -6.51
C LEU B 85 28.94 17.62 -6.15
N GLN B 86 28.69 18.93 -6.18
CA GLN B 86 27.37 19.45 -5.88
C GLN B 86 27.06 20.67 -6.74
N GLN B 87 27.04 20.48 -8.07
CA GLN B 87 26.88 21.56 -9.04
C GLN B 87 25.59 21.42 -9.88
N LYS B 88 24.65 22.36 -9.68
CA LYS B 88 23.35 22.31 -10.34
C LYS B 88 23.49 22.61 -11.84
N GLN B 89 24.61 23.25 -12.23
CA GLN B 89 24.81 23.73 -13.60
C GLN B 89 25.88 22.90 -14.28
N PRO B 90 25.52 22.00 -15.23
CA PRO B 90 26.47 21.09 -15.86
C PRO B 90 27.71 21.73 -16.49
N GLU B 91 27.56 22.93 -17.04
CA GLU B 91 28.65 23.65 -17.70
C GLU B 91 29.81 23.93 -16.73
N LEU B 92 29.56 23.91 -15.42
CA LEU B 92 30.55 24.30 -14.43
C LEU B 92 31.19 23.09 -13.74
N LEU B 93 31.00 21.90 -14.30
CA LEU B 93 31.56 20.68 -13.73
C LEU B 93 32.98 20.50 -14.26
N PRO B 94 33.85 19.79 -13.49
CA PRO B 94 35.26 19.60 -13.85
C PRO B 94 35.57 18.36 -14.69
N TRP B 95 34.83 18.16 -15.77
CA TRP B 95 34.94 16.91 -16.52
C TRP B 95 36.29 16.85 -17.24
N ALA B 96 36.80 18.02 -17.62
CA ALA B 96 38.09 18.14 -18.32
C ALA B 96 39.24 17.71 -17.42
N SER B 97 39.29 18.24 -16.19
CA SER B 97 40.33 17.88 -15.23
C SER B 97 40.22 16.42 -14.81
N LEU B 98 38.99 15.89 -14.62
CA LEU B 98 38.78 14.52 -14.19
C LEU B 98 38.96 13.55 -15.36
N LYS B 99 39.06 14.11 -16.58
CA LYS B 99 39.37 13.36 -17.79
C LYS B 99 38.24 12.38 -18.08
N ILE B 100 37.00 12.85 -17.94
CA ILE B 100 35.81 12.03 -18.07
C ILE B 100 35.59 11.72 -19.55
N ASP B 101 35.44 10.42 -19.84
CA ASP B 101 35.24 9.95 -21.19
C ASP B 101 33.74 9.84 -21.48
N VAL B 102 32.94 9.49 -20.45
CA VAL B 102 31.50 9.29 -20.59
C VAL B 102 30.77 9.84 -19.37
N VAL B 103 29.71 10.63 -19.60
CA VAL B 103 28.86 11.11 -18.53
C VAL B 103 27.52 10.40 -18.62
N LEU B 104 27.06 9.83 -17.50
CA LEU B 104 25.72 9.27 -17.44
C LEU B 104 24.86 10.38 -16.88
N GLU B 105 23.84 10.76 -17.64
CA GLU B 105 23.01 11.90 -17.31
C GLU B 105 21.66 11.34 -16.83
N CYS B 106 21.47 11.45 -15.52
CA CYS B 106 20.45 10.71 -14.83
C CYS B 106 19.56 11.62 -14.01
N THR B 107 19.52 12.91 -14.35
CA THR B 107 18.84 13.91 -13.54
C THR B 107 17.36 14.00 -13.92
N GLY B 108 17.04 13.63 -15.17
CA GLY B 108 15.74 13.93 -15.73
C GLY B 108 15.71 15.27 -16.47
N LEU B 109 16.66 16.17 -16.15
CA LEU B 109 16.53 17.59 -16.46
C LEU B 109 17.26 18.01 -17.74
N PHE B 110 18.16 17.19 -18.27
CA PHE B 110 19.03 17.63 -19.35
C PHE B 110 18.93 16.68 -20.55
N ARG B 111 17.74 16.55 -21.11
CA ARG B 111 17.49 15.54 -22.13
C ARG B 111 17.62 16.14 -23.53
N SER B 112 17.53 17.47 -23.64
CA SER B 112 17.66 18.13 -24.93
C SER B 112 19.10 18.04 -25.40
N HIS B 113 19.29 18.05 -26.72
CA HIS B 113 20.62 18.03 -27.30
C HIS B 113 21.48 19.14 -26.70
N ALA B 114 20.88 20.32 -26.52
CA ALA B 114 21.61 21.51 -26.12
C ALA B 114 22.01 21.40 -24.64
N ASP B 115 21.12 20.88 -23.77
CA ASP B 115 21.43 20.75 -22.36
C ASP B 115 22.50 19.69 -22.12
N ALA B 116 22.38 18.56 -22.82
CA ALA B 116 23.35 17.48 -22.75
C ALA B 116 24.73 17.93 -23.22
N THR B 117 24.78 18.98 -24.06
CA THR B 117 26.04 19.50 -24.61
C THR B 117 26.81 20.28 -23.54
N ARG B 118 26.09 20.81 -22.55
CA ARG B 118 26.71 21.47 -21.41
C ARG B 118 27.75 20.55 -20.74
N HIS B 119 27.57 19.23 -20.79
CA HIS B 119 28.57 18.29 -20.27
C HIS B 119 29.78 18.23 -21.20
N LEU B 120 29.53 18.31 -22.52
CA LEU B 120 30.60 18.33 -23.50
C LEU B 120 31.41 19.62 -23.36
N GLU B 121 30.71 20.75 -23.20
CA GLU B 121 31.36 22.05 -23.16
C GLU B 121 31.93 22.29 -21.75
N ALA B 122 32.02 21.21 -20.97
CA ALA B 122 32.65 21.23 -19.65
C ALA B 122 33.81 20.24 -19.62
N GLY B 123 34.03 19.50 -20.72
CA GLY B 123 35.24 18.69 -20.83
C GLY B 123 34.99 17.23 -21.19
N ALA B 124 33.75 16.72 -21.06
CA ALA B 124 33.47 15.31 -21.30
C ALA B 124 33.46 14.99 -22.80
N LYS B 125 33.96 13.82 -23.17
CA LYS B 125 34.06 13.46 -24.57
C LYS B 125 32.72 12.92 -25.09
N ARG B 126 31.87 12.40 -24.17
CA ARG B 126 30.63 11.76 -24.55
C ARG B 126 29.65 11.74 -23.38
N VAL B 127 28.36 11.85 -23.72
CA VAL B 127 27.26 11.92 -22.77
C VAL B 127 26.22 10.87 -23.14
N ILE B 128 25.85 10.00 -22.19
CA ILE B 128 24.70 9.13 -22.37
C ILE B 128 23.53 9.68 -21.57
N ILE B 129 22.49 10.13 -22.28
CA ILE B 129 21.26 10.59 -21.66
C ILE B 129 20.49 9.36 -21.21
N GLY B 130 20.28 9.24 -19.89
CA GLY B 130 19.57 8.10 -19.32
C GLY B 130 18.07 8.36 -19.30
N ALA B 131 17.51 8.53 -20.49
CA ALA B 131 16.09 8.76 -20.71
C ALA B 131 15.88 8.80 -22.23
N ALA B 132 14.61 8.79 -22.65
CA ALA B 132 14.28 9.02 -24.05
C ALA B 132 14.75 10.42 -24.49
N PRO B 133 14.99 10.61 -25.80
CA PRO B 133 15.42 11.91 -26.31
C PRO B 133 14.30 12.93 -26.18
N PHE B 134 14.65 14.20 -25.95
CA PHE B 134 13.67 15.28 -25.87
C PHE B 134 13.37 15.78 -27.27
N ASP B 135 14.43 16.21 -27.97
CA ASP B 135 14.38 16.72 -29.34
C ASP B 135 15.09 15.71 -30.26
N HIS B 136 16.41 15.87 -30.44
CA HIS B 136 17.19 14.99 -31.28
C HIS B 136 18.39 14.48 -30.50
N VAL B 137 19.03 13.43 -31.05
CA VAL B 137 20.27 12.88 -30.51
C VAL B 137 21.05 12.30 -31.67
N ASP B 138 22.36 12.11 -31.43
CA ASP B 138 23.25 11.51 -32.43
C ASP B 138 22.84 10.06 -32.64
N ALA B 139 22.52 9.34 -31.55
CA ALA B 139 22.04 7.98 -31.64
C ALA B 139 21.13 7.65 -30.45
N ALA B 140 20.22 6.71 -30.68
CA ALA B 140 19.36 6.16 -29.64
C ALA B 140 19.57 4.66 -29.62
N ILE B 141 20.15 4.16 -28.53
CA ILE B 141 20.69 2.82 -28.48
C ILE B 141 19.93 2.00 -27.44
N VAL B 142 19.50 0.80 -27.86
CA VAL B 142 19.11 -0.28 -26.97
C VAL B 142 20.21 -1.33 -26.99
N TYR B 143 20.86 -1.57 -25.84
CA TYR B 143 21.87 -2.61 -25.77
C TYR B 143 21.24 -3.97 -26.05
N GLY B 144 21.99 -4.81 -26.79
CA GLY B 144 21.49 -6.08 -27.28
C GLY B 144 20.80 -5.97 -28.63
N VAL B 145 20.42 -4.76 -29.05
CA VAL B 145 19.76 -4.63 -30.34
C VAL B 145 20.70 -3.95 -31.32
N ASN B 146 21.26 -2.79 -30.93
CA ASN B 146 21.94 -1.96 -31.90
C ASN B 146 23.12 -1.21 -31.28
N HIS B 147 23.69 -1.73 -30.19
CA HIS B 147 24.82 -1.06 -29.58
C HIS B 147 26.02 -1.00 -30.51
N ALA B 148 26.11 -1.95 -31.47
CA ALA B 148 27.24 -1.99 -32.40
C ALA B 148 27.21 -0.85 -33.43
N ASP B 149 26.09 -0.11 -33.54
CA ASP B 149 25.94 0.92 -34.55
C ASP B 149 26.50 2.26 -34.05
N VAL B 150 26.93 2.29 -32.79
CA VAL B 150 27.53 3.49 -32.23
C VAL B 150 28.80 3.82 -33.03
N LYS B 151 28.89 5.08 -33.46
CA LYS B 151 30.03 5.58 -34.20
C LYS B 151 30.80 6.53 -33.29
N ALA B 152 32.04 6.86 -33.68
CA ALA B 152 32.88 7.77 -32.89
C ALA B 152 32.32 9.19 -32.93
N THR B 153 31.55 9.54 -33.97
CA THR B 153 30.91 10.86 -34.05
C THR B 153 29.72 11.00 -33.10
N ASP B 154 29.22 9.89 -32.55
CA ASP B 154 28.06 9.90 -31.67
C ASP B 154 28.49 10.34 -30.27
N GLN B 155 28.36 11.65 -30.01
CA GLN B 155 28.85 12.25 -28.78
C GLN B 155 27.74 12.41 -27.75
N ILE B 156 26.50 12.54 -28.23
CA ILE B 156 25.31 12.56 -27.40
C ILE B 156 24.47 11.34 -27.74
N ILE B 157 24.32 10.42 -26.79
CA ILE B 157 23.61 9.17 -27.03
C ILE B 157 22.47 9.04 -26.03
N SER B 158 21.34 8.53 -26.50
CA SER B 158 20.22 8.23 -25.63
C SER B 158 20.16 6.73 -25.37
N SER B 159 20.16 6.35 -24.10
CA SER B 159 19.96 4.95 -23.76
C SER B 159 18.47 4.67 -23.57
N VAL B 160 17.63 5.59 -24.05
CA VAL B 160 16.16 5.51 -24.03
C VAL B 160 15.68 5.23 -22.61
N SER B 161 14.61 4.43 -22.46
CA SER B 161 14.00 4.17 -21.17
C SER B 161 13.92 2.67 -20.91
N CYS B 162 13.62 2.32 -19.67
CA CYS B 162 13.36 0.95 -19.24
C CYS B 162 12.41 0.30 -20.23
N THR B 163 11.29 0.98 -20.50
CA THR B 163 10.17 0.42 -21.24
C THR B 163 10.60 0.10 -22.67
N THR B 164 11.43 1.00 -23.24
CA THR B 164 11.89 0.88 -24.61
C THR B 164 12.83 -0.31 -24.74
N GLN B 165 13.74 -0.49 -23.76
CA GLN B 165 14.68 -1.60 -23.75
C GLN B 165 13.94 -2.94 -23.76
N ALA B 166 12.70 -2.94 -23.27
CA ALA B 166 11.95 -4.18 -23.20
C ALA B 166 11.12 -4.37 -24.46
N LEU B 167 10.60 -3.26 -24.98
CA LEU B 167 9.67 -3.28 -26.09
C LEU B 167 10.43 -3.57 -27.40
N VAL B 168 11.54 -2.87 -27.65
CA VAL B 168 12.21 -2.92 -28.93
C VAL B 168 12.56 -4.37 -29.26
N PRO B 169 13.18 -5.15 -28.35
CA PRO B 169 13.49 -6.55 -28.66
C PRO B 169 12.23 -7.32 -29.04
N LEU B 170 11.20 -7.24 -28.20
CA LEU B 170 9.93 -7.93 -28.42
C LEU B 170 9.39 -7.64 -29.81
N VAL B 171 9.37 -6.36 -30.20
CA VAL B 171 8.83 -5.92 -31.48
C VAL B 171 9.76 -6.40 -32.60
N LYS B 172 11.07 -6.29 -32.37
CA LYS B 172 12.02 -6.74 -33.36
C LYS B 172 11.88 -8.25 -33.59
N ILE B 173 11.98 -9.04 -32.52
CA ILE B 173 11.95 -10.49 -32.63
C ILE B 173 10.70 -10.93 -33.39
N ILE B 174 9.55 -10.37 -33.02
CA ILE B 174 8.28 -10.85 -33.53
C ILE B 174 8.00 -10.32 -34.94
N ASP B 175 8.38 -9.07 -35.24
CA ASP B 175 8.28 -8.52 -36.59
C ASP B 175 9.09 -9.36 -37.58
N ASP B 176 10.32 -9.75 -37.18
CA ASP B 176 11.21 -10.44 -38.09
C ASP B 176 10.63 -11.81 -38.45
N ALA B 177 9.96 -12.50 -37.49
CA ALA B 177 9.52 -13.87 -37.72
C ALA B 177 8.14 -13.93 -38.35
N PHE B 178 7.16 -13.22 -37.77
CA PHE B 178 5.77 -13.35 -38.16
C PHE B 178 5.27 -12.13 -38.91
N GLY B 179 5.96 -10.99 -38.76
CA GLY B 179 5.49 -9.73 -39.31
C GLY B 179 4.48 -9.06 -38.38
N ILE B 180 4.72 -7.78 -38.08
CA ILE B 180 3.76 -6.97 -37.36
C ILE B 180 3.18 -5.90 -38.27
N GLU B 181 1.86 -5.99 -38.54
CA GLU B 181 1.12 -4.91 -39.18
C GLU B 181 1.15 -3.69 -38.27
N THR B 182 0.55 -3.84 -37.08
CA THR B 182 0.46 -2.77 -36.09
C THR B 182 0.52 -3.38 -34.69
N ALA B 183 0.76 -2.55 -33.68
CA ALA B 183 0.85 -3.05 -32.31
C ALA B 183 0.41 -1.97 -31.34
N LEU B 184 -0.16 -2.38 -30.20
CA LEU B 184 -0.55 -1.46 -29.14
C LEU B 184 -0.01 -1.98 -27.81
N MET B 185 0.56 -1.06 -27.02
CA MET B 185 1.26 -1.42 -25.80
C MET B 185 0.52 -0.89 -24.58
N THR B 186 0.38 -1.74 -23.56
CA THR B 186 -0.07 -1.34 -22.25
C THR B 186 1.05 -1.66 -21.28
N GLU B 187 1.59 -0.65 -20.59
CA GLU B 187 2.57 -0.89 -19.56
C GLU B 187 1.92 -0.76 -18.17
N ILE B 188 2.15 -1.77 -17.32
CA ILE B 188 1.83 -1.69 -15.91
C ILE B 188 3.15 -1.44 -15.18
N HIS B 189 3.26 -0.28 -14.52
CA HIS B 189 4.50 0.14 -13.92
C HIS B 189 4.31 0.47 -12.43
N ALA B 190 5.28 0.05 -11.62
CA ALA B 190 5.41 0.50 -10.24
C ALA B 190 5.60 2.03 -10.17
N VAL B 191 5.33 2.57 -8.98
CA VAL B 191 5.37 4.00 -8.74
C VAL B 191 6.77 4.51 -9.08
N THR B 192 6.84 5.78 -9.52
CA THR B 192 8.08 6.41 -9.94
C THR B 192 8.37 7.61 -9.06
N ALA B 193 9.62 8.09 -9.13
CA ALA B 193 10.14 9.09 -8.21
C ALA B 193 9.49 10.45 -8.42
N ASP B 194 8.76 10.62 -9.52
CA ASP B 194 8.24 11.93 -9.88
C ASP B 194 6.77 12.06 -9.51
N GLN B 195 6.19 11.01 -8.91
CA GLN B 195 4.79 11.02 -8.51
C GLN B 195 4.62 11.77 -7.18
N SER B 196 3.36 11.93 -6.76
CA SER B 196 3.04 12.64 -5.53
C SER B 196 2.56 11.65 -4.49
N VAL B 197 2.85 11.94 -3.24
CA VAL B 197 2.50 11.05 -2.16
C VAL B 197 1.03 11.25 -1.82
N LEU B 198 0.64 12.52 -1.70
CA LEU B 198 -0.77 12.85 -1.57
C LEU B 198 -1.14 13.73 -2.76
N ASP B 199 -2.44 13.87 -3.01
CA ASP B 199 -2.93 14.70 -4.10
C ASP B 199 -2.30 16.08 -3.93
N HIS B 200 -1.53 16.50 -4.93
CA HIS B 200 -0.69 17.68 -4.87
C HIS B 200 -0.60 18.30 -6.25
N ALA B 201 -0.23 19.58 -6.31
CA ALA B 201 -0.03 20.28 -7.58
C ALA B 201 1.10 19.62 -8.37
N HIS B 202 0.91 19.50 -9.68
CA HIS B 202 1.82 18.77 -10.56
C HIS B 202 1.52 19.20 -11.99
N ARG B 203 2.52 19.08 -12.87
CA ARG B 203 2.39 19.36 -14.29
C ARG B 203 1.35 18.43 -14.93
N ASP B 204 1.46 17.10 -14.70
CA ASP B 204 0.46 16.14 -15.11
C ASP B 204 -0.60 16.01 -14.01
N LEU B 205 -1.87 16.18 -14.39
CA LEU B 205 -2.98 16.17 -13.44
C LEU B 205 -3.29 14.75 -12.98
N ARG B 206 -2.74 13.76 -13.68
CA ARG B 206 -2.92 12.37 -13.28
C ARG B 206 -1.81 11.93 -12.33
N ARG B 207 -0.55 12.32 -12.61
CA ARG B 207 0.54 12.01 -11.71
C ARG B 207 0.52 12.96 -10.50
N ALA B 208 -0.43 13.90 -10.50
CA ALA B 208 -0.70 14.75 -9.34
C ALA B 208 -1.29 13.96 -8.17
N ARG B 209 -1.89 12.79 -8.43
CA ARG B 209 -2.77 12.11 -7.49
C ARG B 209 -1.97 11.06 -6.70
N ALA B 210 -2.53 10.68 -5.54
CA ALA B 210 -1.86 9.93 -4.49
C ALA B 210 -1.32 8.61 -5.00
N SER B 211 0.01 8.44 -4.90
CA SER B 211 0.76 7.41 -5.61
C SER B 211 0.40 6.04 -5.05
N GLY B 212 0.16 6.02 -3.73
CA GLY B 212 -0.06 4.79 -2.97
C GLY B 212 -1.49 4.26 -2.99
N GLN B 213 -2.41 4.96 -3.68
CA GLN B 213 -3.82 4.67 -3.53
C GLN B 213 -4.56 4.71 -4.86
N ASN B 214 -3.84 4.69 -6.00
CA ASN B 214 -4.50 4.87 -7.27
C ASN B 214 -3.85 4.06 -8.38
N ILE B 215 -4.73 3.61 -9.27
CA ILE B 215 -4.34 3.26 -10.63
C ILE B 215 -4.39 4.54 -11.44
N ILE B 216 -3.26 4.84 -12.11
CA ILE B 216 -3.05 6.11 -12.79
C ILE B 216 -2.57 5.85 -14.21
N PRO B 217 -3.42 6.02 -15.24
CA PRO B 217 -2.97 5.92 -16.63
C PRO B 217 -2.23 7.20 -16.99
N THR B 218 -1.32 7.12 -17.95
CA THR B 218 -0.41 8.22 -18.22
C THR B 218 0.35 7.90 -19.51
N THR B 219 1.06 8.91 -20.02
CA THR B 219 1.81 8.77 -21.26
C THR B 219 3.09 7.97 -20.99
N SER B 220 3.69 7.51 -22.10
CA SER B 220 4.89 6.71 -22.10
C SER B 220 5.84 7.22 -23.18
N SER B 221 7.10 7.47 -22.79
CA SER B 221 8.12 7.95 -23.72
C SER B 221 8.58 6.84 -24.67
N ALA B 222 8.10 5.60 -24.46
CA ALA B 222 8.69 4.42 -25.10
C ALA B 222 8.48 4.40 -26.60
N LEU B 223 7.36 4.96 -27.08
CA LEU B 223 6.94 4.77 -28.46
C LEU B 223 7.68 5.73 -29.37
N GLY B 224 7.86 6.97 -28.89
CA GLY B 224 8.67 7.95 -29.60
C GLY B 224 10.09 7.42 -29.74
N ALA B 225 10.58 6.82 -28.64
CA ALA B 225 11.94 6.32 -28.59
C ALA B 225 12.10 5.11 -29.51
N LEU B 226 11.09 4.24 -29.54
CA LEU B 226 11.12 3.04 -30.36
C LEU B 226 11.16 3.43 -31.84
N LYS B 227 10.45 4.49 -32.20
CA LYS B 227 10.36 4.96 -33.58
C LYS B 227 11.69 5.57 -34.03
N ARG B 228 12.51 6.00 -33.07
CA ARG B 228 13.82 6.57 -33.35
C ARG B 228 14.87 5.45 -33.48
N VAL B 229 14.65 4.29 -32.87
CA VAL B 229 15.53 3.14 -33.10
C VAL B 229 15.06 2.36 -34.33
N MET B 230 13.74 2.27 -34.55
CA MET B 230 13.15 1.53 -35.66
C MET B 230 12.20 2.44 -36.43
N PRO B 231 12.73 3.31 -37.35
CA PRO B 231 11.90 4.31 -38.04
C PRO B 231 10.76 3.77 -38.91
N LYS B 232 10.81 2.47 -39.23
CA LYS B 232 9.77 1.83 -40.02
C LYS B 232 8.52 1.62 -39.18
N MET B 233 8.67 1.69 -37.85
CA MET B 233 7.55 1.48 -36.95
C MET B 233 6.76 2.76 -36.74
N GLU B 234 7.10 3.83 -37.47
CA GLU B 234 6.34 5.07 -37.43
C GLU B 234 4.94 4.77 -37.94
N ASP B 235 3.92 5.21 -37.19
CA ASP B 235 2.52 5.06 -37.57
C ASP B 235 2.00 3.64 -37.34
N ARG B 236 2.83 2.74 -36.79
CA ARG B 236 2.47 1.34 -36.71
C ARG B 236 2.42 0.85 -35.26
N ILE B 237 2.63 1.73 -34.30
CA ILE B 237 2.62 1.32 -32.90
C ILE B 237 2.36 2.52 -32.00
N ASP B 238 1.45 2.36 -31.05
CA ASP B 238 1.26 3.35 -30.00
C ASP B 238 1.03 2.59 -28.70
N GLY B 239 0.76 3.31 -27.61
CA GLY B 239 0.57 2.69 -26.32
C GLY B 239 0.55 3.71 -25.19
N TYR B 240 0.50 3.20 -23.96
CA TYR B 240 0.49 4.05 -22.77
C TYR B 240 0.89 3.24 -21.56
N SER B 241 0.85 3.89 -20.40
CA SER B 241 1.44 3.38 -19.18
C SER B 241 0.41 3.48 -18.06
N ILE B 242 0.48 2.59 -17.09
CA ILE B 242 -0.38 2.62 -15.91
C ILE B 242 0.49 2.50 -14.67
N ARG B 243 0.47 3.51 -13.79
CA ARG B 243 1.17 3.46 -12.52
C ARG B 243 0.29 2.78 -11.47
N VAL B 244 0.84 1.82 -10.72
CA VAL B 244 0.08 1.18 -9.66
C VAL B 244 0.90 1.19 -8.38
N PRO B 245 0.31 1.03 -7.18
CA PRO B 245 1.05 1.26 -5.93
C PRO B 245 2.03 0.20 -5.43
N THR B 246 2.93 -0.28 -6.30
CA THR B 246 4.01 -1.16 -5.87
C THR B 246 5.32 -0.39 -5.97
N ILE B 247 6.34 -0.84 -5.25
CA ILE B 247 7.55 -0.06 -5.09
C ILE B 247 8.42 -0.17 -6.33
N ASN B 248 8.40 -1.34 -7.01
CA ASN B 248 9.35 -1.58 -8.09
C ASN B 248 8.91 -2.77 -8.93
N VAL B 249 9.35 -2.77 -10.20
CA VAL B 249 9.12 -3.82 -11.19
C VAL B 249 7.95 -3.39 -12.07
N ALA B 250 7.99 -3.74 -13.36
CA ALA B 250 6.97 -3.36 -14.33
C ALA B 250 6.70 -4.51 -15.30
N ALA B 251 5.62 -4.37 -16.06
CA ALA B 251 5.23 -5.37 -17.04
C ALA B 251 4.74 -4.68 -18.31
N ILE B 252 4.84 -5.37 -19.44
CA ILE B 252 4.39 -4.81 -20.70
C ILE B 252 3.48 -5.82 -21.39
N ASP B 253 2.30 -5.35 -21.84
CA ASP B 253 1.42 -6.10 -22.72
C ASP B 253 1.59 -5.56 -24.13
N LEU B 254 2.08 -6.40 -25.05
CA LEU B 254 2.11 -6.01 -26.45
C LEU B 254 1.00 -6.77 -27.17
N THR B 255 0.06 -6.03 -27.76
CA THR B 255 -0.98 -6.66 -28.57
C THR B 255 -0.71 -6.32 -30.02
N PHE B 256 -0.39 -7.32 -30.84
CA PHE B 256 -0.06 -7.08 -32.24
C PHE B 256 -0.98 -7.86 -33.18
N ILE B 257 -1.02 -7.39 -34.42
CA ILE B 257 -1.60 -8.13 -35.53
C ILE B 257 -0.43 -8.75 -36.29
N ALA B 258 -0.41 -10.07 -36.38
CA ALA B 258 0.61 -10.78 -37.15
C ALA B 258 0.24 -10.77 -38.62
N GLN B 259 1.24 -11.03 -39.47
CA GLN B 259 1.13 -10.98 -40.92
C GLN B 259 1.29 -12.39 -41.50
N SER B 260 1.47 -13.38 -40.61
CA SER B 260 1.57 -14.77 -41.00
C SER B 260 0.86 -15.62 -39.96
N PRO B 261 0.58 -16.92 -40.22
CA PRO B 261 -0.12 -17.75 -39.22
C PRO B 261 0.66 -17.86 -37.92
N ILE B 262 -0.07 -17.74 -36.80
CA ILE B 262 0.50 -17.78 -35.45
C ILE B 262 -0.27 -18.76 -34.57
N THR B 263 0.44 -19.27 -33.55
CA THR B 263 -0.14 -20.03 -32.46
C THR B 263 0.64 -19.65 -31.19
N VAL B 264 0.07 -19.97 -30.02
CA VAL B 264 0.74 -19.67 -28.77
C VAL B 264 2.08 -20.40 -28.77
N HIS B 265 2.08 -21.66 -29.23
CA HIS B 265 3.27 -22.49 -29.17
C HIS B 265 4.38 -21.87 -30.02
N HIS B 266 4.08 -21.42 -31.23
CA HIS B 266 5.12 -20.94 -32.13
C HIS B 266 5.73 -19.65 -31.58
N ILE B 267 4.90 -18.82 -30.94
CA ILE B 267 5.38 -17.55 -30.39
C ILE B 267 6.33 -17.81 -29.23
N ASN B 268 5.99 -18.72 -28.32
CA ASN B 268 6.79 -19.01 -27.16
C ASN B 268 8.10 -19.69 -27.56
N GLU B 269 8.04 -20.56 -28.58
CA GLU B 269 9.23 -21.25 -29.07
C GLU B 269 10.21 -20.27 -29.69
N LEU B 270 9.70 -19.27 -30.43
CA LEU B 270 10.53 -18.22 -31.01
C LEU B 270 11.21 -17.37 -29.92
N LEU B 271 10.46 -17.01 -28.86
CA LEU B 271 11.00 -16.18 -27.79
C LEU B 271 11.97 -16.97 -26.91
N ILE B 272 11.75 -18.28 -26.72
CA ILE B 272 12.70 -19.09 -25.98
C ILE B 272 14.02 -19.18 -26.76
N LYS B 273 13.94 -19.35 -28.08
CA LYS B 273 15.11 -19.50 -28.94
C LYS B 273 15.98 -18.24 -28.86
N ALA B 274 15.31 -17.08 -28.96
CA ALA B 274 15.98 -15.80 -28.90
C ALA B 274 16.65 -15.57 -27.55
N SER B 275 16.03 -16.05 -26.45
CA SER B 275 16.59 -15.94 -25.11
C SER B 275 17.75 -16.92 -24.92
N GLN B 276 17.91 -17.87 -25.84
CA GLN B 276 18.95 -18.87 -25.77
C GLN B 276 20.11 -18.50 -26.68
N THR B 277 19.84 -17.75 -27.76
CA THR B 277 20.87 -17.47 -28.75
C THR B 277 21.22 -15.98 -28.75
N ASP B 278 20.53 -15.19 -29.59
CA ASP B 278 20.90 -13.84 -29.97
C ASP B 278 20.70 -12.82 -28.84
N TYR B 279 19.72 -13.04 -27.95
CA TYR B 279 19.32 -12.03 -27.00
C TYR B 279 19.56 -12.53 -25.57
N ALA B 280 20.53 -13.43 -25.41
CA ALA B 280 20.66 -14.21 -24.17
C ALA B 280 21.15 -13.34 -23.02
N GLU B 281 21.83 -12.26 -23.37
CA GLU B 281 22.43 -11.41 -22.36
C GLU B 281 21.36 -10.53 -21.73
N ILE B 282 20.26 -10.25 -22.46
CA ILE B 282 19.31 -9.23 -22.05
C ILE B 282 17.89 -9.79 -21.87
N MET B 283 17.64 -11.06 -22.21
CA MET B 283 16.27 -11.55 -22.27
C MET B 283 16.18 -12.95 -21.66
N ALA B 284 15.14 -13.18 -20.85
CA ALA B 284 14.85 -14.48 -20.27
C ALA B 284 13.41 -14.89 -20.59
N VAL B 285 13.04 -16.13 -20.27
CA VAL B 285 11.67 -16.57 -20.43
C VAL B 285 11.32 -17.50 -19.29
N THR B 286 10.20 -17.20 -18.60
CA THR B 286 9.68 -18.04 -17.53
C THR B 286 8.39 -18.70 -17.98
N ASP B 287 8.14 -19.90 -17.46
CA ASP B 287 6.89 -20.63 -17.64
C ASP B 287 6.20 -20.84 -16.30
N GLU B 288 6.71 -20.21 -15.25
CA GLU B 288 6.15 -20.43 -13.93
C GLU B 288 5.14 -19.33 -13.63
N PRO B 289 4.19 -19.61 -12.70
CA PRO B 289 3.17 -18.63 -12.31
C PRO B 289 3.67 -17.63 -11.25
N LEU B 290 4.39 -16.60 -11.72
CA LEU B 290 5.10 -15.67 -10.85
C LEU B 290 4.38 -14.33 -10.78
N VAL B 291 4.85 -13.48 -9.85
CA VAL B 291 4.31 -12.15 -9.67
C VAL B 291 5.43 -11.11 -9.62
N SER B 292 5.03 -9.84 -9.61
CA SER B 292 5.95 -8.73 -9.80
C SER B 292 7.18 -8.86 -8.91
N SER B 293 7.01 -9.16 -7.62
CA SER B 293 8.11 -9.08 -6.67
C SER B 293 9.13 -10.19 -6.93
N ASP B 294 8.76 -11.15 -7.76
CA ASP B 294 9.69 -12.22 -8.12
C ASP B 294 10.76 -11.75 -9.10
N PHE B 295 10.61 -10.55 -9.68
CA PHE B 295 11.57 -10.07 -10.65
C PHE B 295 12.35 -8.88 -10.08
N ASN B 296 12.11 -8.55 -8.82
CA ASN B 296 12.93 -7.56 -8.16
C ASN B 296 14.37 -8.05 -8.18
N HIS B 297 15.25 -7.16 -8.62
CA HIS B 297 16.68 -7.38 -8.65
C HIS B 297 17.09 -8.30 -9.80
N SER B 298 16.18 -8.59 -10.73
CA SER B 298 16.58 -9.28 -11.95
C SER B 298 17.36 -8.31 -12.83
N PRO B 299 18.52 -8.69 -13.41
CA PRO B 299 19.23 -7.80 -14.32
C PRO B 299 18.75 -7.79 -15.78
N TYR B 300 17.80 -8.67 -16.13
CA TYR B 300 17.41 -8.81 -17.53
C TYR B 300 16.63 -7.61 -18.01
N SER B 301 16.64 -7.35 -19.31
CA SER B 301 15.91 -6.23 -19.86
C SER B 301 14.44 -6.61 -20.02
N LEU B 302 14.17 -7.91 -20.15
CA LEU B 302 12.81 -8.42 -20.07
C LEU B 302 12.83 -9.92 -19.83
N ILE B 303 11.82 -10.38 -19.08
CA ILE B 303 11.55 -11.78 -18.83
C ILE B 303 10.12 -12.05 -19.29
N VAL B 304 9.97 -12.81 -20.37
CA VAL B 304 8.66 -13.12 -20.93
C VAL B 304 7.96 -14.16 -20.06
N ASP B 305 6.67 -13.92 -19.79
CA ASP B 305 5.83 -14.87 -19.10
C ASP B 305 5.07 -15.62 -20.18
N LEU B 306 5.51 -16.84 -20.50
CA LEU B 306 4.94 -17.56 -21.63
C LEU B 306 3.56 -18.10 -21.30
N THR B 307 3.20 -18.15 -20.02
CA THR B 307 1.90 -18.65 -19.59
C THR B 307 0.84 -17.61 -19.95
N GLN B 308 1.28 -16.40 -20.28
CA GLN B 308 0.42 -15.26 -20.53
C GLN B 308 0.13 -15.06 -22.01
N THR B 309 0.86 -15.78 -22.89
CA THR B 309 0.78 -15.61 -24.34
C THR B 309 -0.61 -16.01 -24.80
N MET B 310 -1.30 -15.11 -25.51
CA MET B 310 -2.62 -15.39 -26.05
C MET B 310 -2.63 -15.16 -27.54
N VAL B 311 -3.51 -15.86 -28.27
CA VAL B 311 -3.68 -15.69 -29.71
C VAL B 311 -5.17 -15.82 -30.04
N VAL B 312 -5.73 -14.87 -30.79
CA VAL B 312 -7.06 -15.11 -31.35
C VAL B 312 -7.06 -14.55 -32.76
N GLY B 313 -7.21 -15.43 -33.76
CA GLY B 313 -7.11 -15.04 -35.16
C GLY B 313 -5.68 -14.64 -35.51
N HIS B 314 -5.51 -13.41 -36.02
CA HIS B 314 -4.23 -12.86 -36.42
C HIS B 314 -3.72 -11.92 -35.33
N GLN B 315 -4.39 -11.90 -34.18
CA GLN B 315 -4.13 -10.95 -33.11
C GLN B 315 -3.53 -11.70 -31.94
N ALA B 316 -2.41 -11.21 -31.42
CA ALA B 316 -1.78 -11.89 -30.30
C ALA B 316 -1.41 -10.87 -29.24
N LYS B 317 -1.04 -11.38 -28.07
CA LYS B 317 -0.56 -10.57 -26.97
C LYS B 317 0.54 -11.35 -26.27
N VAL B 318 1.67 -10.67 -26.01
CA VAL B 318 2.70 -11.21 -25.14
C VAL B 318 2.97 -10.28 -23.96
N PHE B 319 3.47 -10.90 -22.88
CA PHE B 319 3.61 -10.26 -21.58
C PHE B 319 5.04 -10.47 -21.08
N ALA B 320 5.66 -9.39 -20.62
CA ALA B 320 7.02 -9.45 -20.13
C ALA B 320 7.23 -8.54 -18.91
N TRP B 321 7.99 -9.04 -17.95
CA TRP B 321 8.37 -8.31 -16.75
C TRP B 321 9.74 -7.69 -16.93
N TYR B 322 10.02 -6.62 -16.19
CA TYR B 322 11.39 -6.15 -16.00
C TYR B 322 11.49 -5.41 -14.67
N ASP B 323 12.66 -5.53 -14.02
CA ASP B 323 13.01 -4.63 -12.93
C ASP B 323 13.43 -3.29 -13.54
N ASN B 324 12.55 -2.29 -13.43
CA ASN B 324 12.71 -1.03 -14.16
C ASN B 324 13.92 -0.24 -13.68
N GLU B 325 14.48 -0.58 -12.50
CA GLU B 325 15.66 0.08 -11.98
C GLU B 325 16.93 -0.73 -12.25
N TRP B 326 16.89 -2.03 -12.01
CA TRP B 326 18.13 -2.81 -12.02
C TRP B 326 18.52 -3.21 -13.44
N GLY B 327 17.55 -3.64 -14.24
CA GLY B 327 17.77 -3.85 -15.66
C GLY B 327 18.43 -2.62 -16.29
N TYR B 328 17.78 -1.47 -16.15
CA TYR B 328 18.21 -0.27 -16.84
C TYR B 328 19.64 0.10 -16.42
N ALA B 329 19.95 0.02 -15.12
CA ALA B 329 21.29 0.31 -14.63
C ALA B 329 22.30 -0.67 -15.22
N ASN B 330 21.96 -1.96 -15.31
CA ASN B 330 22.89 -2.92 -15.89
C ASN B 330 23.10 -2.66 -17.38
N ARG B 331 22.08 -2.12 -18.08
CA ARG B 331 22.21 -1.89 -19.50
C ARG B 331 23.09 -0.64 -19.71
N LEU B 332 23.14 0.26 -18.73
CA LEU B 332 23.96 1.46 -18.85
C LEU B 332 25.40 1.01 -18.77
N LEU B 333 25.74 0.24 -17.75
CA LEU B 333 27.08 -0.29 -17.58
C LEU B 333 27.45 -1.12 -18.80
N ASP B 334 26.52 -1.92 -19.28
CA ASP B 334 26.81 -2.81 -20.39
C ASP B 334 27.13 -1.96 -21.62
N LEU B 335 26.44 -0.82 -21.77
CA LEU B 335 26.63 0.05 -22.91
C LEU B 335 28.03 0.68 -22.86
N CYS B 336 28.37 1.25 -21.71
CA CYS B 336 29.70 1.80 -21.49
C CYS B 336 30.81 0.79 -21.77
N ASP B 337 30.59 -0.47 -21.45
CA ASP B 337 31.59 -1.51 -21.62
C ASP B 337 31.75 -1.83 -23.11
N SER B 338 30.73 -1.51 -23.91
CA SER B 338 30.75 -1.78 -25.34
C SER B 338 31.63 -0.78 -26.09
N PHE B 339 32.09 0.28 -25.43
CA PHE B 339 32.79 1.37 -26.09
C PHE B 339 34.26 1.04 -26.28
N LYS B 340 34.84 0.29 -25.32
CA LYS B 340 36.24 -0.12 -25.37
C LYS B 340 36.55 -0.83 -26.69
N SER B 341 37.70 -0.46 -27.28
CA SER B 341 38.08 -0.81 -28.65
C SER B 341 39.41 -1.58 -28.68
N MET C 1 -19.95 41.30 6.49
CA MET C 1 -19.34 39.94 6.57
C MET C 1 -17.85 40.15 6.87
N GLN C 2 -17.26 39.23 7.66
CA GLN C 2 -15.81 39.19 7.80
C GLN C 2 -15.25 38.44 6.58
N ARG C 3 -14.06 38.82 6.12
CA ARG C 3 -13.54 38.31 4.85
C ARG C 3 -12.25 37.55 5.09
N ILE C 4 -12.25 36.24 4.77
CA ILE C 4 -11.09 35.38 4.99
C ILE C 4 -10.42 35.07 3.65
N ALA C 5 -9.11 34.86 3.68
CA ALA C 5 -8.37 34.48 2.48
C ALA C 5 -7.42 33.34 2.81
N ILE C 6 -7.13 32.52 1.81
CA ILE C 6 -6.32 31.32 2.00
C ILE C 6 -5.05 31.43 1.15
N ASN C 7 -3.89 31.38 1.81
CA ASN C 7 -2.64 31.27 1.10
C ASN C 7 -2.20 29.82 1.18
N GLY C 8 -2.21 29.14 0.02
CA GLY C 8 -1.84 27.73 -0.05
C GLY C 8 -3.06 26.82 -0.18
N PHE C 9 -3.38 26.47 -1.43
CA PHE C 9 -4.53 25.62 -1.71
C PHE C 9 -4.06 24.18 -1.80
N GLY C 10 -3.72 23.60 -0.63
CA GLY C 10 -3.23 22.24 -0.54
C GLY C 10 -4.22 21.33 0.20
N ARG C 11 -3.67 20.37 0.95
CA ARG C 11 -4.49 19.45 1.71
C ARG C 11 -5.31 20.25 2.74
N ILE C 12 -4.71 21.29 3.32
CA ILE C 12 -5.42 22.06 4.34
C ILE C 12 -6.29 23.14 3.68
N GLY C 13 -5.68 23.97 2.84
CA GLY C 13 -6.41 25.04 2.19
C GLY C 13 -7.67 24.51 1.48
N ARG C 14 -7.53 23.41 0.74
CA ARG C 14 -8.64 22.85 -0.03
C ARG C 14 -9.73 22.33 0.91
N ASN C 15 -9.32 21.66 1.98
CA ASN C 15 -10.27 21.09 2.92
C ASN C 15 -10.93 22.20 3.75
N VAL C 16 -10.27 23.36 3.87
CA VAL C 16 -10.90 24.48 4.55
C VAL C 16 -12.12 24.91 3.74
N LEU C 17 -11.93 25.13 2.43
CA LEU C 17 -13.01 25.60 1.59
C LEU C 17 -14.10 24.55 1.47
N ARG C 18 -13.74 23.27 1.42
CA ARG C 18 -14.75 22.24 1.47
C ARG C 18 -15.49 22.31 2.80
N ALA C 19 -14.75 22.43 3.90
CA ALA C 19 -15.35 22.37 5.22
C ALA C 19 -16.34 23.51 5.38
N TRP C 20 -16.04 24.66 4.77
CA TRP C 20 -16.97 25.76 4.74
C TRP C 20 -18.33 25.30 4.20
N PHE C 21 -18.35 24.59 3.08
CA PHE C 21 -19.60 24.23 2.45
C PHE C 21 -20.26 23.08 3.19
N GLU C 22 -19.48 22.11 3.68
CA GLU C 22 -20.07 20.88 4.20
C GLU C 22 -20.60 21.07 5.62
N SER C 23 -20.15 22.12 6.33
CA SER C 23 -20.46 22.29 7.73
C SER C 23 -21.97 22.35 7.95
N PRO C 24 -22.51 21.70 8.99
CA PRO C 24 -23.96 21.70 9.20
C PRO C 24 -24.53 23.05 9.61
N LYS C 25 -23.78 23.83 10.40
CA LYS C 25 -24.17 25.19 10.73
C LYS C 25 -23.41 26.14 9.79
N GLN C 26 -24.10 27.13 9.23
CA GLN C 26 -23.48 28.08 8.34
C GLN C 26 -22.56 29.00 9.12
N PHE C 27 -21.36 29.24 8.59
CA PHE C 27 -20.38 30.15 9.19
C PHE C 27 -20.64 31.58 8.75
N HIS C 28 -20.39 32.52 9.67
CA HIS C 28 -20.81 33.91 9.53
C HIS C 28 -19.66 34.79 9.01
N PHE C 29 -18.78 34.20 8.20
CA PHE C 29 -17.83 34.94 7.41
C PHE C 29 -17.81 34.28 6.03
N GLU C 30 -17.09 34.88 5.07
CA GLU C 30 -16.96 34.33 3.73
C GLU C 30 -15.48 34.20 3.38
N ILE C 31 -15.17 33.19 2.55
CA ILE C 31 -13.86 33.07 1.92
C ILE C 31 -13.95 33.77 0.57
N VAL C 32 -13.08 34.77 0.38
CA VAL C 32 -13.17 35.69 -0.75
C VAL C 32 -11.91 35.64 -1.60
N ALA C 33 -10.87 34.89 -1.19
CA ALA C 33 -9.73 34.72 -2.09
C ALA C 33 -8.86 33.55 -1.67
N ILE C 34 -8.18 32.99 -2.66
CA ILE C 34 -7.18 31.95 -2.45
C ILE C 34 -5.98 32.31 -3.32
N ASN C 35 -4.80 31.88 -2.88
CA ASN C 35 -3.58 32.09 -3.63
C ASN C 35 -2.83 30.75 -3.65
N ASP C 36 -2.15 30.47 -4.76
CA ASP C 36 -1.27 29.32 -4.86
C ASP C 36 -0.34 29.57 -6.06
N ILE C 37 0.80 28.88 -6.09
CA ILE C 37 1.77 29.02 -7.17
C ILE C 37 1.40 28.17 -8.38
N ALA C 38 0.35 27.35 -8.26
CA ALA C 38 -0.19 26.58 -9.37
C ALA C 38 -1.37 27.31 -10.04
N ASP C 39 -1.63 26.96 -11.31
CA ASP C 39 -2.65 27.63 -12.11
C ASP C 39 -4.04 27.21 -11.64
N VAL C 40 -5.05 27.95 -12.09
CA VAL C 40 -6.40 27.78 -11.61
C VAL C 40 -6.98 26.42 -12.03
N HIS C 41 -6.60 25.94 -13.22
CA HIS C 41 -7.18 24.71 -13.74
C HIS C 41 -6.77 23.53 -12.86
N THR C 42 -5.52 23.55 -12.39
CA THR C 42 -5.02 22.56 -11.43
C THR C 42 -5.77 22.69 -10.11
N LEU C 43 -5.87 23.91 -9.57
CA LEU C 43 -6.50 24.14 -8.28
C LEU C 43 -7.94 23.63 -8.27
N VAL C 44 -8.67 23.85 -9.37
CA VAL C 44 -10.06 23.46 -9.44
C VAL C 44 -10.17 21.94 -9.53
N HIS C 45 -9.26 21.35 -10.30
CA HIS C 45 -9.22 19.91 -10.49
C HIS C 45 -8.98 19.23 -9.15
N LEU C 46 -7.99 19.70 -8.37
CA LEU C 46 -7.66 19.05 -7.11
C LEU C 46 -8.75 19.35 -6.07
N PHE C 47 -9.47 20.46 -6.25
CA PHE C 47 -10.55 20.78 -5.34
C PHE C 47 -11.77 19.90 -5.59
N LYS C 48 -12.02 19.50 -6.85
CA LYS C 48 -13.20 18.74 -7.22
C LYS C 48 -12.98 17.25 -7.03
N TYR C 49 -11.72 16.80 -7.14
CA TYR C 49 -11.40 15.38 -7.07
C TYR C 49 -10.38 15.16 -5.97
N ASP C 50 -10.74 14.34 -4.97
CA ASP C 50 -9.84 14.06 -3.88
C ASP C 50 -9.75 12.55 -3.68
N SER C 51 -8.52 12.04 -3.56
CA SER C 51 -8.26 10.64 -3.31
C SER C 51 -8.70 10.23 -1.91
N THR C 52 -8.57 11.15 -0.95
CA THR C 52 -8.96 10.93 0.42
C THR C 52 -10.44 11.18 0.65
N HIS C 53 -10.94 12.35 0.23
CA HIS C 53 -12.25 12.80 0.67
C HIS C 53 -13.33 12.70 -0.40
N GLY C 54 -13.00 12.16 -1.58
CA GLY C 54 -13.97 11.92 -2.64
C GLY C 54 -14.32 13.16 -3.46
N ARG C 55 -15.34 13.06 -4.32
CA ARG C 55 -15.72 14.14 -5.20
C ARG C 55 -16.45 15.21 -4.40
N PHE C 56 -16.14 16.49 -4.69
CA PHE C 56 -16.84 17.63 -4.10
C PHE C 56 -18.30 17.63 -4.52
N ASN C 57 -19.20 17.67 -3.53
CA ASN C 57 -20.61 17.54 -3.81
C ASN C 57 -21.19 18.92 -4.14
N GLY C 58 -20.80 19.45 -5.30
CA GLY C 58 -21.19 20.78 -5.70
C GLY C 58 -20.77 21.07 -7.15
N LYS C 59 -20.69 22.37 -7.48
CA LYS C 59 -20.43 22.83 -8.83
C LYS C 59 -19.39 23.95 -8.73
N VAL C 60 -18.40 23.96 -9.61
CA VAL C 60 -17.39 25.01 -9.62
C VAL C 60 -17.32 25.60 -11.01
N ASP C 61 -17.34 26.93 -11.13
CA ASP C 61 -17.39 27.57 -12.44
C ASP C 61 -16.39 28.71 -12.48
N ILE C 62 -15.39 28.60 -13.37
CA ILE C 62 -14.38 29.64 -13.48
C ILE C 62 -14.92 30.75 -14.38
N THR C 63 -14.73 32.00 -13.95
CA THR C 63 -15.15 33.15 -14.72
C THR C 63 -13.97 34.12 -14.78
N ILE C 64 -13.85 34.85 -15.89
CA ILE C 64 -12.82 35.88 -16.05
C ILE C 64 -13.52 37.23 -16.11
N GLU C 65 -13.33 38.05 -15.06
CA GLU C 65 -13.92 39.37 -14.98
C GLU C 65 -12.82 40.41 -14.78
N ASN C 66 -12.28 40.93 -15.90
CA ASN C 66 -11.38 42.07 -15.90
C ASN C 66 -9.96 41.70 -15.49
N GLU C 67 -9.44 40.57 -15.98
CA GLU C 67 -8.09 40.12 -15.63
C GLU C 67 -8.07 39.65 -14.17
N LYS C 68 -9.27 39.35 -13.65
CA LYS C 68 -9.43 38.78 -12.33
C LYS C 68 -10.11 37.43 -12.49
N ILE C 69 -9.42 36.36 -12.07
CA ILE C 69 -9.97 35.00 -12.14
C ILE C 69 -10.77 34.73 -10.88
N TYR C 70 -12.04 34.33 -11.06
CA TYR C 70 -12.95 34.06 -9.96
C TYR C 70 -13.52 32.64 -10.07
N LEU C 71 -13.74 31.99 -8.91
CA LEU C 71 -14.39 30.70 -8.84
C LEU C 71 -15.80 30.88 -8.29
N ASN C 72 -16.78 30.33 -8.99
CA ASN C 72 -18.17 30.43 -8.58
C ASN C 72 -18.61 29.04 -8.12
N ILE C 73 -18.74 28.89 -6.79
CA ILE C 73 -18.91 27.58 -6.17
C ILE C 73 -20.30 27.53 -5.56
N GLN C 74 -20.96 26.38 -5.74
CA GLN C 74 -22.23 26.11 -5.12
C GLN C 74 -22.23 24.70 -4.55
N SER C 75 -22.64 24.57 -3.28
CA SER C 75 -22.73 23.29 -2.60
C SER C 75 -23.50 23.50 -1.30
N ASN C 76 -24.42 22.56 -1.01
CA ASN C 76 -25.13 22.51 0.25
C ASN C 76 -25.94 23.79 0.45
N GLN C 77 -26.57 24.26 -0.64
CA GLN C 77 -27.46 25.41 -0.62
C GLN C 77 -26.72 26.69 -0.26
N ARG C 78 -25.42 26.75 -0.60
CA ARG C 78 -24.61 27.92 -0.31
C ARG C 78 -23.81 28.31 -1.54
N LEU C 79 -23.36 29.58 -1.58
CA LEU C 79 -22.62 30.12 -2.72
C LEU C 79 -21.42 30.90 -2.25
N LEU C 80 -20.39 30.94 -3.10
CA LEU C 80 -19.24 31.79 -2.88
C LEU C 80 -18.67 32.18 -4.23
N LYS C 81 -18.11 33.39 -4.29
CA LYS C 81 -17.35 33.82 -5.43
C LYS C 81 -15.95 34.16 -4.95
N VAL C 82 -14.95 33.46 -5.45
CA VAL C 82 -13.64 33.49 -4.83
C VAL C 82 -12.60 33.91 -5.86
N GLU C 83 -11.88 35.00 -5.60
CA GLU C 83 -10.82 35.42 -6.48
C GLU C 83 -9.62 34.49 -6.30
N VAL C 84 -8.99 34.10 -7.42
CA VAL C 84 -7.85 33.19 -7.40
C VAL C 84 -6.59 33.97 -7.79
N LEU C 85 -5.51 33.76 -7.05
CA LEU C 85 -4.26 34.45 -7.32
C LEU C 85 -3.13 33.45 -7.54
N GLN C 86 -2.00 33.96 -8.04
CA GLN C 86 -0.83 33.14 -8.31
C GLN C 86 0.43 33.95 -8.02
N GLN C 87 0.62 34.27 -6.74
CA GLN C 87 1.65 35.19 -6.29
C GLN C 87 2.56 34.47 -5.30
N LYS C 88 3.82 34.31 -5.68
CA LYS C 88 4.79 33.55 -4.91
C LYS C 88 5.18 34.30 -3.65
N GLN C 89 5.10 35.63 -3.69
CA GLN C 89 5.62 36.48 -2.62
C GLN C 89 4.46 37.17 -1.93
N PRO C 90 4.21 36.88 -0.62
CA PRO C 90 3.06 37.45 0.08
C PRO C 90 2.91 38.96 0.15
N GLU C 91 4.03 39.71 0.09
CA GLU C 91 3.96 41.16 0.24
C GLU C 91 3.28 41.80 -0.99
N LEU C 92 3.25 41.05 -2.11
CA LEU C 92 2.67 41.52 -3.36
C LEU C 92 1.19 41.13 -3.48
N LEU C 93 0.60 40.55 -2.43
CA LEU C 93 -0.79 40.11 -2.53
C LEU C 93 -1.70 41.33 -2.32
N PRO C 94 -2.88 41.38 -3.00
CA PRO C 94 -3.80 42.52 -2.87
C PRO C 94 -4.80 42.45 -1.72
N TRP C 95 -4.30 42.28 -0.48
CA TRP C 95 -5.16 42.08 0.68
C TRP C 95 -5.86 43.39 1.07
N ALA C 96 -5.17 44.51 0.90
CA ALA C 96 -5.71 45.83 1.18
C ALA C 96 -6.97 46.10 0.36
N SER C 97 -6.90 45.90 -0.96
CA SER C 97 -8.02 46.17 -1.86
C SER C 97 -9.19 45.23 -1.61
N LEU C 98 -8.90 43.94 -1.35
CA LEU C 98 -9.91 42.91 -1.11
C LEU C 98 -10.46 42.97 0.32
N LYS C 99 -9.83 43.78 1.19
CA LYS C 99 -10.31 44.03 2.54
C LYS C 99 -10.32 42.73 3.33
N ILE C 100 -9.15 42.08 3.39
CA ILE C 100 -8.96 40.83 4.09
C ILE C 100 -8.83 41.07 5.59
N ASP C 101 -9.62 40.33 6.37
CA ASP C 101 -9.64 40.45 7.82
C ASP C 101 -8.73 39.40 8.44
N VAL C 102 -8.70 38.19 7.84
CA VAL C 102 -7.87 37.11 8.30
C VAL C 102 -7.28 36.39 7.09
N VAL C 103 -6.00 36.03 7.18
CA VAL C 103 -5.38 35.13 6.24
C VAL C 103 -5.04 33.79 6.91
N LEU C 104 -5.57 32.70 6.36
CA LEU C 104 -5.18 31.35 6.74
C LEU C 104 -3.92 30.99 5.96
N GLU C 105 -2.77 30.99 6.64
CA GLU C 105 -1.50 30.85 5.95
C GLU C 105 -1.10 29.37 5.95
N CYS C 106 -1.50 28.66 4.88
CA CYS C 106 -1.44 27.22 4.84
C CYS C 106 -0.41 26.70 3.82
N THR C 107 0.74 27.37 3.68
CA THR C 107 1.76 26.94 2.72
C THR C 107 2.84 26.07 3.38
N GLY C 108 3.05 26.23 4.69
CA GLY C 108 4.20 25.65 5.36
C GLY C 108 5.49 26.46 5.17
N LEU C 109 5.45 27.57 4.42
CA LEU C 109 6.67 28.28 4.04
C LEU C 109 6.86 29.54 4.89
N PHE C 110 5.78 30.10 5.44
CA PHE C 110 5.85 31.43 6.05
C PHE C 110 5.43 31.39 7.50
N ARG C 111 6.23 30.72 8.33
CA ARG C 111 5.87 30.42 9.71
C ARG C 111 6.54 31.40 10.67
N SER C 112 7.56 32.13 10.21
CA SER C 112 8.22 33.14 11.03
C SER C 112 7.31 34.35 11.25
N HIS C 113 7.56 35.08 12.34
CA HIS C 113 6.87 36.33 12.63
C HIS C 113 7.17 37.33 11.52
N ALA C 114 8.37 37.24 10.95
CA ALA C 114 8.78 38.08 9.83
C ALA C 114 7.99 37.73 8.56
N ASP C 115 7.90 36.43 8.24
CA ASP C 115 7.30 35.99 7.00
C ASP C 115 5.78 36.13 7.03
N ALA C 116 5.20 36.07 8.23
CA ALA C 116 3.76 36.21 8.37
C ALA C 116 3.37 37.67 8.25
N THR C 117 4.28 38.57 8.64
CA THR C 117 3.99 40.01 8.67
C THR C 117 3.94 40.57 7.25
N ARG C 118 4.57 39.85 6.29
CA ARG C 118 4.50 40.20 4.89
C ARG C 118 3.04 40.31 4.41
N HIS C 119 2.13 39.50 4.98
CA HIS C 119 0.70 39.56 4.70
C HIS C 119 0.02 40.74 5.41
N LEU C 120 0.68 41.28 6.45
CA LEU C 120 0.15 42.45 7.15
C LEU C 120 0.53 43.71 6.36
N GLU C 121 1.79 43.75 5.90
CA GLU C 121 2.29 44.89 5.15
C GLU C 121 1.71 44.88 3.73
N ALA C 122 0.93 43.82 3.41
CA ALA C 122 0.25 43.70 2.13
C ALA C 122 -1.24 44.02 2.25
N GLY C 123 -1.73 44.27 3.48
CA GLY C 123 -3.05 44.85 3.67
C GLY C 123 -3.95 44.13 4.67
N ALA C 124 -3.64 42.86 4.99
CA ALA C 124 -4.52 42.10 5.86
C ALA C 124 -4.39 42.59 7.29
N LYS C 125 -5.47 42.43 8.07
CA LYS C 125 -5.49 42.88 9.46
C LYS C 125 -4.92 41.79 10.38
N ARG C 126 -5.30 40.53 10.15
CA ARG C 126 -4.89 39.41 10.99
C ARG C 126 -4.41 38.24 10.12
N VAL C 127 -3.47 37.45 10.66
CA VAL C 127 -2.97 36.26 10.01
C VAL C 127 -3.09 35.09 10.97
N ILE C 128 -3.55 33.92 10.48
CA ILE C 128 -3.40 32.68 11.23
C ILE C 128 -2.37 31.79 10.55
N ILE C 129 -1.29 31.48 11.27
CA ILE C 129 -0.32 30.49 10.81
C ILE C 129 -0.87 29.10 11.08
N GLY C 130 -1.21 28.39 9.99
CA GLY C 130 -1.75 27.05 10.04
C GLY C 130 -0.66 26.02 10.23
N ALA C 131 0.13 26.19 11.29
CA ALA C 131 1.19 25.25 11.66
C ALA C 131 1.81 25.74 12.95
N ALA C 132 2.66 24.89 13.53
CA ALA C 132 3.43 25.27 14.72
C ALA C 132 4.18 26.55 14.41
N PRO C 133 4.34 27.48 15.38
CA PRO C 133 5.14 28.68 15.16
C PRO C 133 6.63 28.34 15.03
N PHE C 134 7.32 29.12 14.20
CA PHE C 134 8.73 28.89 13.95
C PHE C 134 9.54 29.67 14.96
N ASP C 135 9.19 30.96 15.15
CA ASP C 135 9.99 31.84 15.99
C ASP C 135 9.12 32.37 17.12
N HIS C 136 8.18 33.28 16.83
CA HIS C 136 7.31 33.80 17.87
C HIS C 136 6.02 34.27 17.24
N VAL C 137 5.03 34.50 18.11
CA VAL C 137 3.66 34.76 17.71
C VAL C 137 3.00 35.53 18.83
N ASP C 138 1.87 36.14 18.52
CA ASP C 138 1.15 36.93 19.50
C ASP C 138 0.29 35.99 20.35
N ALA C 139 -0.01 34.81 19.80
CA ALA C 139 -0.82 33.82 20.49
C ALA C 139 -0.70 32.49 19.77
N ALA C 140 -0.75 31.40 20.53
CA ALA C 140 -0.78 30.05 20.01
C ALA C 140 -2.01 29.37 20.59
N ILE C 141 -2.97 29.04 19.71
CA ILE C 141 -4.32 28.71 20.12
C ILE C 141 -4.62 27.26 19.79
N VAL C 142 -5.36 26.62 20.70
CA VAL C 142 -6.04 25.37 20.46
C VAL C 142 -7.54 25.63 20.61
N TYR C 143 -8.26 25.75 19.49
CA TYR C 143 -9.70 26.00 19.58
C TYR C 143 -10.29 24.98 20.55
N GLY C 144 -11.10 25.50 21.48
CA GLY C 144 -11.81 24.72 22.50
C GLY C 144 -10.99 24.52 23.77
N VAL C 145 -9.81 25.16 23.84
CA VAL C 145 -8.98 25.16 25.03
C VAL C 145 -8.68 26.61 25.45
N ASN C 146 -8.05 27.40 24.58
CA ASN C 146 -7.66 28.76 24.94
C ASN C 146 -8.03 29.78 23.85
N HIS C 147 -9.10 29.54 23.09
CA HIS C 147 -9.43 30.47 22.02
C HIS C 147 -10.04 31.75 22.56
N ALA C 148 -10.62 31.69 23.77
CA ALA C 148 -11.08 32.89 24.45
C ALA C 148 -9.90 33.80 24.83
N ASP C 149 -8.67 33.29 24.79
CA ASP C 149 -7.50 34.01 25.26
C ASP C 149 -6.86 34.80 24.10
N VAL C 150 -7.58 34.97 22.99
CA VAL C 150 -7.14 35.84 21.91
C VAL C 150 -7.48 37.28 22.27
N LYS C 151 -6.51 38.19 22.19
CA LYS C 151 -6.75 39.62 22.35
C LYS C 151 -6.92 40.25 20.97
N ALA C 152 -7.76 41.30 20.87
CA ALA C 152 -8.02 41.96 19.60
C ALA C 152 -6.76 42.60 19.03
N THR C 153 -5.76 42.89 19.88
CA THR C 153 -4.50 43.49 19.46
C THR C 153 -3.58 42.44 18.83
N ASP C 154 -3.96 41.16 18.90
CA ASP C 154 -3.18 40.06 18.35
C ASP C 154 -3.36 40.00 16.83
N GLN C 155 -2.24 39.98 16.11
CA GLN C 155 -2.26 40.03 14.65
C GLN C 155 -1.63 38.79 14.04
N ILE C 156 -0.66 38.19 14.73
CA ILE C 156 -0.02 36.97 14.28
C ILE C 156 -0.36 35.85 15.26
N ILE C 157 -1.31 35.00 14.86
CA ILE C 157 -1.82 33.90 15.67
C ILE C 157 -1.36 32.59 15.03
N SER C 158 -1.13 31.58 15.87
CA SER C 158 -0.85 30.23 15.40
C SER C 158 -1.97 29.31 15.86
N SER C 159 -2.43 28.47 14.93
CA SER C 159 -3.40 27.45 15.26
C SER C 159 -2.68 26.10 15.39
N VAL C 160 -1.35 26.15 15.56
CA VAL C 160 -0.52 24.99 15.88
C VAL C 160 -0.75 23.87 14.86
N SER C 161 -0.47 22.61 15.23
CA SER C 161 -0.67 21.49 14.34
C SER C 161 -1.85 20.62 14.80
N CYS C 162 -2.29 19.73 13.90
CA CYS C 162 -3.32 18.73 14.17
C CYS C 162 -3.03 18.02 15.48
N THR C 163 -1.80 17.50 15.58
CA THR C 163 -1.35 16.68 16.68
C THR C 163 -1.44 17.50 17.98
N THR C 164 -1.08 18.78 17.90
CA THR C 164 -1.06 19.62 19.08
C THR C 164 -2.49 19.73 19.63
N GLN C 165 -3.46 19.72 18.73
CA GLN C 165 -4.83 19.97 19.12
C GLN C 165 -5.52 18.72 19.64
N ALA C 166 -4.95 17.54 19.41
CA ALA C 166 -5.43 16.34 20.05
C ALA C 166 -4.74 16.17 21.39
N LEU C 167 -3.45 16.51 21.42
CA LEU C 167 -2.62 16.29 22.59
C LEU C 167 -2.98 17.25 23.72
N VAL C 168 -3.20 18.54 23.41
CA VAL C 168 -3.33 19.56 24.44
C VAL C 168 -4.57 19.31 25.29
N PRO C 169 -5.77 19.06 24.72
CA PRO C 169 -6.95 18.80 25.54
C PRO C 169 -6.74 17.59 26.46
N LEU C 170 -6.16 16.51 25.93
CA LEU C 170 -5.88 15.32 26.71
C LEU C 170 -5.03 15.67 27.93
N VAL C 171 -3.90 16.31 27.69
CA VAL C 171 -2.97 16.74 28.74
C VAL C 171 -3.68 17.65 29.76
N LYS C 172 -4.40 18.67 29.29
CA LYS C 172 -5.08 19.61 30.17
C LYS C 172 -6.03 18.87 31.11
N ILE C 173 -6.96 18.10 30.52
CA ILE C 173 -7.99 17.38 31.26
C ILE C 173 -7.40 16.45 32.33
N ILE C 174 -6.38 15.68 31.95
CA ILE C 174 -5.79 14.68 32.83
C ILE C 174 -4.95 15.35 33.93
N ASP C 175 -4.08 16.29 33.55
CA ASP C 175 -3.22 17.00 34.48
C ASP C 175 -4.08 17.69 35.54
N ASP C 176 -5.19 18.29 35.10
CA ASP C 176 -6.06 19.05 35.98
C ASP C 176 -6.69 18.12 37.00
N ALA C 177 -7.21 16.96 36.54
CA ALA C 177 -7.87 16.00 37.40
C ALA C 177 -6.87 15.23 38.27
N PHE C 178 -5.96 14.48 37.65
CA PHE C 178 -5.10 13.53 38.37
C PHE C 178 -3.71 14.09 38.66
N GLY C 179 -3.27 15.09 37.88
CA GLY C 179 -1.90 15.57 37.88
C GLY C 179 -1.00 14.69 37.02
N ILE C 180 -0.35 15.29 36.02
CA ILE C 180 0.69 14.64 35.23
C ILE C 180 2.04 15.11 35.76
N GLU C 181 2.89 14.15 36.15
CA GLU C 181 4.27 14.43 36.52
C GLU C 181 5.09 14.63 35.25
N THR C 182 5.12 13.58 34.41
CA THR C 182 5.70 13.64 33.08
C THR C 182 4.85 12.82 32.11
N ALA C 183 5.05 13.00 30.81
CA ALA C 183 4.31 12.21 29.84
C ALA C 183 5.14 12.00 28.57
N LEU C 184 4.89 10.90 27.89
CA LEU C 184 5.49 10.70 26.58
C LEU C 184 4.42 10.38 25.55
N MET C 185 4.62 10.88 24.34
CA MET C 185 3.65 10.74 23.25
C MET C 185 4.24 9.92 22.09
N THR C 186 3.47 8.95 21.60
CA THR C 186 3.72 8.34 20.31
C THR C 186 2.58 8.71 19.38
N GLU C 187 2.90 9.28 18.20
CA GLU C 187 1.88 9.46 17.19
C GLU C 187 2.08 8.45 16.06
N ILE C 188 1.01 7.73 15.70
CA ILE C 188 0.95 6.95 14.48
C ILE C 188 0.19 7.75 13.44
N HIS C 189 0.85 8.10 12.34
CA HIS C 189 0.34 9.10 11.41
C HIS C 189 0.42 8.56 9.98
N ALA C 190 -0.67 8.74 9.24
CA ALA C 190 -0.71 8.51 7.80
C ALA C 190 0.35 9.36 7.11
N VAL C 191 0.65 8.98 5.87
CA VAL C 191 1.62 9.71 5.06
C VAL C 191 1.16 11.17 4.89
N THR C 192 2.14 12.08 4.84
CA THR C 192 1.89 13.50 4.61
C THR C 192 2.53 13.89 3.27
N ALA C 193 2.20 15.11 2.79
CA ALA C 193 2.55 15.54 1.44
C ALA C 193 4.05 15.74 1.24
N ASP C 194 4.79 15.91 2.34
CA ASP C 194 6.21 16.22 2.32
C ASP C 194 7.08 14.97 2.15
N GLN C 195 6.48 13.78 2.19
CA GLN C 195 7.27 12.56 2.13
C GLN C 195 7.66 12.26 0.69
N SER C 196 8.30 11.09 0.55
CA SER C 196 8.93 10.66 -0.70
C SER C 196 8.20 9.43 -1.22
N VAL C 197 7.93 9.42 -2.53
CA VAL C 197 7.31 8.27 -3.14
C VAL C 197 8.31 7.13 -3.09
N LEU C 198 9.55 7.43 -3.52
CA LEU C 198 10.65 6.48 -3.43
C LEU C 198 11.76 7.09 -2.60
N ASP C 199 12.80 6.29 -2.32
CA ASP C 199 13.97 6.78 -1.62
C ASP C 199 14.53 7.95 -2.44
N HIS C 200 14.53 9.15 -1.85
CA HIS C 200 14.88 10.37 -2.57
C HIS C 200 15.58 11.30 -1.59
N ALA C 201 16.60 12.05 -2.03
CA ALA C 201 17.18 13.09 -1.18
C ALA C 201 16.07 13.95 -0.56
N HIS C 202 16.30 14.38 0.69
CA HIS C 202 15.33 15.07 1.53
C HIS C 202 16.09 15.66 2.73
N ARG C 203 15.59 16.76 3.28
CA ARG C 203 16.23 17.38 4.44
C ARG C 203 16.34 16.34 5.55
N ASP C 204 15.29 15.54 5.75
CA ASP C 204 15.20 14.56 6.83
C ASP C 204 15.48 13.18 6.26
N LEU C 205 16.50 12.50 6.78
CA LEU C 205 16.92 11.21 6.24
C LEU C 205 15.87 10.11 6.45
N ARG C 206 14.97 10.29 7.42
CA ARG C 206 13.93 9.31 7.66
C ARG C 206 12.81 9.52 6.64
N ARG C 207 12.43 10.78 6.39
CA ARG C 207 11.32 11.05 5.50
C ARG C 207 11.75 10.96 4.03
N ALA C 208 13.02 10.61 3.81
CA ALA C 208 13.57 10.40 2.49
C ALA C 208 13.17 9.04 1.93
N ARG C 209 12.64 8.16 2.80
CA ARG C 209 12.49 6.76 2.41
C ARG C 209 11.06 6.55 1.90
N ALA C 210 10.89 5.53 1.06
CA ALA C 210 9.64 5.25 0.37
C ALA C 210 8.45 5.27 1.35
N SER C 211 7.49 6.16 1.06
CA SER C 211 6.39 6.46 1.96
C SER C 211 5.40 5.28 2.04
N GLY C 212 5.31 4.51 0.96
CA GLY C 212 4.25 3.53 0.81
C GLY C 212 4.64 2.15 1.33
N GLN C 213 5.91 1.97 1.73
CA GLN C 213 6.44 0.65 2.04
C GLN C 213 7.21 0.61 3.36
N ASN C 214 7.09 1.64 4.20
CA ASN C 214 7.92 1.74 5.39
C ASN C 214 7.13 2.30 6.57
N ILE C 215 7.51 1.83 7.75
CA ILE C 215 7.27 2.50 9.02
C ILE C 215 8.40 3.49 9.22
N ILE C 216 8.08 4.78 9.42
CA ILE C 216 9.10 5.82 9.45
C ILE C 216 8.98 6.66 10.72
N PRO C 217 9.88 6.46 11.72
CA PRO C 217 9.93 7.32 12.90
C PRO C 217 10.51 8.67 12.54
N THR C 218 9.96 9.74 13.12
CA THR C 218 10.28 11.09 12.72
C THR C 218 9.94 12.03 13.88
N THR C 219 10.31 13.30 13.74
CA THR C 219 10.09 14.31 14.77
C THR C 219 8.61 14.70 14.78
N SER C 220 8.25 15.54 15.74
CA SER C 220 6.91 16.10 15.83
C SER C 220 6.98 17.52 16.39
N SER C 221 6.48 18.49 15.61
CA SER C 221 6.34 19.87 16.03
C SER C 221 5.39 20.02 17.24
N ALA C 222 4.61 18.98 17.54
CA ALA C 222 3.55 19.09 18.52
C ALA C 222 4.06 19.39 19.92
N LEU C 223 5.33 19.06 20.19
CA LEU C 223 5.86 19.20 21.54
C LEU C 223 6.40 20.61 21.76
N GLY C 224 7.05 21.17 20.74
CA GLY C 224 7.30 22.60 20.72
C GLY C 224 5.98 23.34 20.88
N ALA C 225 5.03 23.04 20.00
CA ALA C 225 3.80 23.82 19.95
C ALA C 225 3.06 23.75 21.29
N LEU C 226 3.03 22.58 21.94
CA LEU C 226 2.28 22.41 23.17
C LEU C 226 2.93 23.22 24.31
N LYS C 227 4.24 23.45 24.23
CA LYS C 227 4.93 24.18 25.26
C LYS C 227 4.71 25.68 25.10
N ARG C 228 4.30 26.11 23.91
CA ARG C 228 3.94 27.50 23.70
C ARG C 228 2.56 27.76 24.26
N VAL C 229 1.71 26.74 24.26
CA VAL C 229 0.36 26.86 24.75
C VAL C 229 0.34 26.67 26.26
N MET C 230 1.17 25.74 26.77
CA MET C 230 1.22 25.37 28.19
C MET C 230 2.68 25.36 28.67
N PRO C 231 3.29 26.53 28.96
CA PRO C 231 4.72 26.56 29.28
C PRO C 231 5.17 25.72 30.47
N LYS C 232 4.24 25.41 31.38
CA LYS C 232 4.56 24.64 32.57
C LYS C 232 5.03 23.23 32.23
N MET C 233 4.77 22.81 30.97
CA MET C 233 5.03 21.43 30.53
C MET C 233 6.41 21.34 29.86
N GLU C 234 7.15 22.45 29.79
CA GLU C 234 8.57 22.41 29.45
C GLU C 234 9.27 21.35 30.31
N ASP C 235 10.05 20.48 29.66
CA ASP C 235 10.86 19.49 30.35
C ASP C 235 10.04 18.39 30.99
N ARG C 236 8.72 18.35 30.72
CA ARG C 236 7.89 17.35 31.37
C ARG C 236 7.16 16.47 30.37
N ILE C 237 7.28 16.77 29.07
CA ILE C 237 6.59 16.00 28.05
C ILE C 237 7.52 15.93 26.86
N ASP C 238 7.49 14.78 26.17
CA ASP C 238 8.25 14.60 24.95
C ASP C 238 7.65 13.43 24.18
N GLY C 239 8.01 13.29 22.91
CA GLY C 239 7.41 12.26 22.10
C GLY C 239 7.89 12.34 20.65
N TYR C 240 7.20 11.60 19.78
CA TYR C 240 7.65 11.53 18.41
C TYR C 240 6.50 10.98 17.58
N SER C 241 6.72 10.91 16.27
CA SER C 241 5.68 10.58 15.29
C SER C 241 6.20 9.43 14.45
N ILE C 242 5.29 8.53 14.05
CA ILE C 242 5.60 7.42 13.17
C ILE C 242 4.69 7.51 11.95
N ARG C 243 5.29 7.59 10.76
CA ARG C 243 4.56 7.55 9.51
C ARG C 243 4.35 6.11 9.05
N VAL C 244 3.11 5.73 8.77
CA VAL C 244 2.84 4.44 8.15
C VAL C 244 2.06 4.66 6.85
N PRO C 245 2.00 3.66 5.94
CA PRO C 245 1.45 3.85 4.59
C PRO C 245 -0.05 3.87 4.44
N THR C 246 -0.78 4.55 5.33
CA THR C 246 -2.18 4.88 5.05
C THR C 246 -2.23 6.32 4.57
N ILE C 247 -3.36 6.69 3.96
CA ILE C 247 -3.47 7.93 3.23
C ILE C 247 -3.96 9.05 4.14
N ASN C 248 -4.67 8.70 5.22
CA ASN C 248 -5.22 9.72 6.09
C ASN C 248 -5.59 9.11 7.45
N VAL C 249 -5.60 9.96 8.48
CA VAL C 249 -6.06 9.64 9.81
C VAL C 249 -4.83 9.25 10.64
N ALA C 250 -4.79 9.77 11.87
CA ALA C 250 -3.68 9.51 12.77
C ALA C 250 -4.23 9.08 14.13
N ALA C 251 -3.32 8.64 15.00
CA ALA C 251 -3.68 8.29 16.36
C ALA C 251 -2.59 8.78 17.28
N ILE C 252 -2.98 9.16 18.50
CA ILE C 252 -2.06 9.63 19.52
C ILE C 252 -2.11 8.63 20.68
N ASP C 253 -0.93 8.24 21.15
CA ASP C 253 -0.79 7.32 22.28
C ASP C 253 -0.04 8.10 23.35
N LEU C 254 -0.70 8.40 24.48
CA LEU C 254 -0.14 9.26 25.50
C LEU C 254 0.10 8.45 26.77
N THR C 255 1.35 8.33 27.19
CA THR C 255 1.68 7.64 28.42
C THR C 255 2.09 8.69 29.47
N PHE C 256 1.44 8.66 30.64
CA PHE C 256 1.73 9.64 31.67
C PHE C 256 1.86 8.98 33.04
N ILE C 257 2.58 9.66 33.93
CA ILE C 257 2.61 9.31 35.35
C ILE C 257 1.65 10.24 36.09
N ALA C 258 0.59 9.66 36.67
CA ALA C 258 -0.40 10.40 37.45
C ALA C 258 0.17 10.73 38.82
N GLN C 259 -0.19 11.91 39.36
CA GLN C 259 0.23 12.35 40.68
C GLN C 259 -0.80 11.94 41.75
N SER C 260 -1.82 11.17 41.36
CA SER C 260 -2.81 10.71 42.33
C SER C 260 -3.38 9.37 41.89
N PRO C 261 -4.15 8.66 42.76
CA PRO C 261 -4.72 7.36 42.38
C PRO C 261 -5.52 7.43 41.09
N ILE C 262 -5.40 6.37 40.27
CA ILE C 262 -6.03 6.28 38.96
C ILE C 262 -6.50 4.85 38.70
N THR C 263 -7.65 4.72 38.05
CA THR C 263 -8.10 3.45 37.49
C THR C 263 -8.48 3.70 36.03
N VAL C 264 -8.67 2.62 35.27
CA VAL C 264 -9.15 2.71 33.89
C VAL C 264 -10.54 3.33 33.90
N HIS C 265 -11.36 2.94 34.89
CA HIS C 265 -12.74 3.42 34.95
C HIS C 265 -12.69 4.93 35.15
N HIS C 266 -11.85 5.42 36.07
CA HIS C 266 -11.85 6.83 36.44
C HIS C 266 -11.37 7.71 35.28
N ILE C 267 -10.31 7.28 34.59
CA ILE C 267 -9.81 8.00 33.42
C ILE C 267 -10.87 8.07 32.33
N ASN C 268 -11.46 6.92 32.01
CA ASN C 268 -12.45 6.89 30.94
C ASN C 268 -13.66 7.76 31.30
N GLU C 269 -14.03 7.81 32.58
CA GLU C 269 -15.22 8.56 32.98
C GLU C 269 -14.96 10.08 32.93
N LEU C 270 -13.73 10.49 33.23
CA LEU C 270 -13.32 11.88 33.11
C LEU C 270 -13.43 12.37 31.66
N LEU C 271 -12.92 11.57 30.71
CA LEU C 271 -12.86 11.95 29.30
C LEU C 271 -14.26 11.94 28.68
N ILE C 272 -15.13 11.01 29.11
CA ILE C 272 -16.52 10.98 28.65
C ILE C 272 -17.24 12.25 29.11
N LYS C 273 -17.15 12.57 30.40
CA LYS C 273 -17.82 13.74 30.93
C LYS C 273 -17.37 14.97 30.15
N ALA C 274 -16.06 15.10 29.92
CA ALA C 274 -15.50 16.26 29.24
C ALA C 274 -16.06 16.37 27.83
N SER C 275 -16.15 15.24 27.12
CA SER C 275 -16.65 15.18 25.76
C SER C 275 -18.14 15.57 25.68
N GLN C 276 -18.80 15.68 26.83
CA GLN C 276 -20.22 16.01 26.92
C GLN C 276 -20.42 17.41 27.50
N THR C 277 -19.37 18.08 27.97
CA THR C 277 -19.50 19.38 28.61
C THR C 277 -18.59 20.39 27.91
N ASP C 278 -17.41 20.65 28.50
CA ASP C 278 -16.54 21.73 28.06
C ASP C 278 -15.83 21.41 26.75
N TYR C 279 -15.81 20.14 26.32
CA TYR C 279 -15.05 19.80 25.13
C TYR C 279 -15.95 19.11 24.12
N ALA C 280 -17.26 19.38 24.18
CA ALA C 280 -18.20 18.65 23.35
C ALA C 280 -18.02 18.98 21.88
N GLU C 281 -17.59 20.22 21.60
CA GLU C 281 -17.44 20.67 20.23
C GLU C 281 -16.29 19.97 19.52
N ILE C 282 -15.30 19.43 20.27
CA ILE C 282 -14.04 19.02 19.68
C ILE C 282 -13.66 17.61 20.09
N MET C 283 -14.35 17.00 21.04
CA MET C 283 -13.91 15.74 21.61
C MET C 283 -15.06 14.75 21.60
N ALA C 284 -14.73 13.48 21.38
CA ALA C 284 -15.71 12.41 21.43
C ALA C 284 -15.06 11.14 21.95
N VAL C 285 -15.90 10.21 22.39
CA VAL C 285 -15.40 8.98 22.97
C VAL C 285 -16.17 7.84 22.31
N THR C 286 -15.43 6.80 21.92
CA THR C 286 -15.97 5.58 21.35
C THR C 286 -15.45 4.39 22.14
N ASP C 287 -16.26 3.32 22.19
CA ASP C 287 -15.84 2.04 22.73
C ASP C 287 -16.14 0.92 21.73
N GLU C 288 -16.22 1.29 20.46
CA GLU C 288 -16.43 0.31 19.41
C GLU C 288 -15.09 -0.08 18.80
N PRO C 289 -14.95 -1.35 18.35
CA PRO C 289 -13.72 -1.82 17.72
C PRO C 289 -13.48 -1.28 16.30
N LEU C 290 -13.08 0.00 16.23
CA LEU C 290 -12.94 0.68 14.97
C LEU C 290 -11.47 0.74 14.56
N VAL C 291 -11.26 1.09 13.29
CA VAL C 291 -9.91 1.23 12.75
C VAL C 291 -9.78 2.61 12.09
N SER C 292 -8.58 2.89 11.58
CA SER C 292 -8.26 4.23 11.12
C SER C 292 -9.34 4.72 10.15
N SER C 293 -9.83 3.86 9.26
CA SER C 293 -10.54 4.35 8.08
C SER C 293 -11.95 4.75 8.48
N ASP C 294 -12.35 4.38 9.69
CA ASP C 294 -13.65 4.78 10.20
C ASP C 294 -13.66 6.23 10.68
N PHE C 295 -12.48 6.85 10.92
CA PHE C 295 -12.44 8.22 11.40
C PHE C 295 -12.15 9.21 10.27
N ASN C 296 -12.05 8.70 9.04
CA ASN C 296 -11.90 9.56 7.88
C ASN C 296 -13.14 10.43 7.76
N HIS C 297 -12.91 11.74 7.73
CA HIS C 297 -13.94 12.75 7.52
C HIS C 297 -14.71 13.06 8.80
N SER C 298 -14.14 12.69 9.96
CA SER C 298 -14.66 13.11 11.24
C SER C 298 -14.20 14.53 11.56
N PRO C 299 -15.12 15.41 11.98
CA PRO C 299 -14.77 16.81 12.27
C PRO C 299 -14.09 17.02 13.63
N TYR C 300 -14.04 15.99 14.46
CA TYR C 300 -13.54 16.16 15.82
C TYR C 300 -12.03 16.35 15.86
N SER C 301 -11.54 16.99 16.92
CA SER C 301 -10.12 17.11 17.21
C SER C 301 -9.53 15.80 17.71
N LEU C 302 -10.32 15.04 18.47
CA LEU C 302 -9.87 13.73 18.92
C LEU C 302 -11.08 12.88 19.25
N ILE C 303 -10.94 11.59 18.95
CA ILE C 303 -11.91 10.59 19.37
C ILE C 303 -11.15 9.58 20.23
N VAL C 304 -11.40 9.61 21.54
CA VAL C 304 -10.74 8.73 22.48
C VAL C 304 -11.31 7.31 22.32
N ASP C 305 -10.39 6.33 22.22
CA ASP C 305 -10.77 4.92 22.21
C ASP C 305 -10.63 4.38 23.64
N LEU C 306 -11.78 4.15 24.30
CA LEU C 306 -11.87 3.70 25.68
C LEU C 306 -11.16 2.37 25.89
N THR C 307 -11.34 1.45 24.95
CA THR C 307 -10.93 0.06 25.16
C THR C 307 -9.42 -0.01 25.34
N GLN C 308 -8.72 1.07 24.93
CA GLN C 308 -7.28 1.12 24.89
C GLN C 308 -6.68 1.68 26.18
N THR C 309 -7.48 2.37 27.01
CA THR C 309 -6.98 2.95 28.24
C THR C 309 -6.36 1.83 29.08
N MET C 310 -5.11 2.03 29.49
CA MET C 310 -4.41 1.07 30.33
C MET C 310 -3.81 1.80 31.53
N VAL C 311 -3.79 1.15 32.68
CA VAL C 311 -3.14 1.68 33.85
C VAL C 311 -2.30 0.56 34.45
N VAL C 312 -1.05 0.88 34.83
CA VAL C 312 -0.28 -0.02 35.67
C VAL C 312 0.43 0.82 36.71
N GLY C 313 0.02 0.61 37.96
CA GLY C 313 0.54 1.42 39.05
C GLY C 313 0.14 2.86 38.84
N HIS C 314 1.15 3.73 38.76
CA HIS C 314 0.96 5.16 38.59
C HIS C 314 1.05 5.56 37.13
N GLN C 315 1.39 4.61 36.25
CA GLN C 315 1.57 4.90 34.84
C GLN C 315 0.32 4.46 34.07
N ALA C 316 -0.06 5.25 33.07
CA ALA C 316 -1.27 5.00 32.32
C ALA C 316 -1.07 5.42 30.86
N LYS C 317 -1.77 4.73 29.96
CA LYS C 317 -1.77 5.08 28.55
C LYS C 317 -3.19 5.49 28.14
N VAL C 318 -3.31 6.44 27.21
CA VAL C 318 -4.59 6.65 26.53
C VAL C 318 -4.34 6.77 25.04
N PHE C 319 -5.40 6.59 24.26
CA PHE C 319 -5.31 6.55 22.80
C PHE C 319 -6.49 7.30 22.19
N ALA C 320 -6.23 8.11 21.16
CA ALA C 320 -7.29 8.85 20.49
C ALA C 320 -6.96 9.06 19.01
N TRP C 321 -7.98 8.88 18.16
CA TRP C 321 -7.87 9.09 16.73
C TRP C 321 -8.22 10.53 16.35
N TYR C 322 -7.77 10.96 15.17
CA TYR C 322 -8.29 12.17 14.55
C TYR C 322 -8.04 12.11 13.06
N ASP C 323 -8.94 12.74 12.29
CA ASP C 323 -8.69 13.00 10.89
C ASP C 323 -7.80 14.24 10.81
N ASN C 324 -6.53 14.01 10.47
CA ASN C 324 -5.51 15.03 10.55
C ASN C 324 -5.75 16.17 9.55
N GLU C 325 -6.71 16.00 8.63
CA GLU C 325 -7.02 17.03 7.65
C GLU C 325 -8.32 17.74 8.02
N TRP C 326 -9.35 16.96 8.32
CA TRP C 326 -10.70 17.49 8.42
C TRP C 326 -10.90 18.15 9.77
N GLY C 327 -10.35 17.50 10.81
CA GLY C 327 -10.44 18.02 12.16
C GLY C 327 -9.85 19.41 12.18
N TYR C 328 -8.66 19.52 11.58
CA TYR C 328 -7.88 20.73 11.61
C TYR C 328 -8.52 21.83 10.76
N ALA C 329 -9.02 21.48 9.57
CA ALA C 329 -9.64 22.46 8.71
C ALA C 329 -10.88 23.04 9.38
N ASN C 330 -11.62 22.18 10.10
CA ASN C 330 -12.78 22.63 10.86
C ASN C 330 -12.40 23.53 12.02
N ARG C 331 -11.29 23.27 12.72
CA ARG C 331 -10.90 24.09 13.85
C ARG C 331 -10.42 25.46 13.36
N LEU C 332 -9.99 25.53 12.10
CA LEU C 332 -9.52 26.79 11.54
C LEU C 332 -10.71 27.68 11.27
N LEU C 333 -11.81 27.07 10.86
CA LEU C 333 -13.06 27.78 10.63
C LEU C 333 -13.63 28.19 11.97
N ASP C 334 -13.61 27.27 12.95
CA ASP C 334 -14.10 27.55 14.28
C ASP C 334 -13.30 28.70 14.90
N LEU C 335 -11.99 28.79 14.62
CA LEU C 335 -11.18 29.86 15.17
C LEU C 335 -11.66 31.22 14.65
N CYS C 336 -11.83 31.34 13.32
CA CYS C 336 -12.27 32.55 12.65
C CYS C 336 -13.66 33.00 13.12
N ASP C 337 -14.52 32.04 13.49
CA ASP C 337 -15.90 32.29 13.87
C ASP C 337 -15.95 32.81 15.30
N SER C 338 -14.91 32.52 16.10
CA SER C 338 -14.84 32.95 17.49
C SER C 338 -14.41 34.42 17.59
N PHE C 339 -13.66 34.93 16.59
CA PHE C 339 -13.08 36.27 16.66
C PHE C 339 -14.14 37.35 16.80
N LYS C 340 -15.18 37.27 15.95
CA LYS C 340 -16.21 38.29 15.84
C LYS C 340 -16.48 38.94 17.19
N SER C 341 -16.45 40.29 17.19
CA SER C 341 -16.87 41.12 18.31
C SER C 341 -16.85 40.30 19.62
N MET D 1 -43.41 -5.81 -2.03
CA MET D 1 -44.32 -6.73 -2.77
C MET D 1 -43.57 -8.00 -3.19
N GLN D 2 -42.59 -7.85 -4.08
CA GLN D 2 -41.65 -8.93 -4.38
C GLN D 2 -40.61 -8.98 -3.27
N ARG D 3 -40.27 -10.19 -2.81
CA ARG D 3 -39.43 -10.36 -1.64
C ARG D 3 -38.11 -11.00 -2.03
N ILE D 4 -37.00 -10.26 -1.85
CA ILE D 4 -35.66 -10.72 -2.20
C ILE D 4 -34.89 -11.21 -0.96
N ALA D 5 -34.10 -12.27 -1.10
CA ALA D 5 -33.16 -12.65 -0.07
C ALA D 5 -31.73 -12.52 -0.60
N ILE D 6 -30.75 -12.48 0.31
CA ILE D 6 -29.35 -12.41 -0.09
C ILE D 6 -28.63 -13.52 0.62
N ASN D 7 -28.00 -14.43 -0.14
CA ASN D 7 -27.16 -15.46 0.44
C ASN D 7 -25.70 -15.02 0.29
N GLY D 8 -25.08 -14.60 1.40
CA GLY D 8 -23.68 -14.19 1.41
C GLY D 8 -23.55 -12.68 1.61
N PHE D 9 -23.33 -12.28 2.88
CA PHE D 9 -23.34 -10.86 3.24
C PHE D 9 -21.91 -10.33 3.23
N GLY D 10 -21.28 -10.34 2.04
CA GLY D 10 -19.92 -9.84 1.90
C GLY D 10 -19.89 -8.52 1.15
N ARG D 11 -18.83 -8.31 0.37
CA ARG D 11 -18.66 -7.08 -0.39
C ARG D 11 -19.84 -6.87 -1.35
N ILE D 12 -20.36 -7.93 -1.99
CA ILE D 12 -21.53 -7.78 -2.84
C ILE D 12 -22.80 -7.71 -1.98
N GLY D 13 -23.06 -8.75 -1.21
CA GLY D 13 -24.28 -8.81 -0.41
C GLY D 13 -24.50 -7.56 0.44
N ARG D 14 -23.45 -7.08 1.10
CA ARG D 14 -23.59 -5.90 1.94
C ARG D 14 -23.86 -4.68 1.08
N ASN D 15 -23.16 -4.53 -0.07
CA ASN D 15 -23.38 -3.33 -0.88
C ASN D 15 -24.70 -3.40 -1.64
N VAL D 16 -25.28 -4.60 -1.81
CA VAL D 16 -26.63 -4.72 -2.32
C VAL D 16 -27.62 -4.05 -1.35
N LEU D 17 -27.55 -4.43 -0.07
CA LEU D 17 -28.44 -3.91 0.95
C LEU D 17 -28.26 -2.40 1.06
N ARG D 18 -27.01 -1.91 1.11
CA ARG D 18 -26.72 -0.47 1.15
C ARG D 18 -27.26 0.25 -0.09
N ALA D 19 -27.03 -0.32 -1.28
CA ALA D 19 -27.42 0.33 -2.51
C ALA D 19 -28.93 0.54 -2.57
N TRP D 20 -29.68 -0.38 -1.92
CA TRP D 20 -31.13 -0.34 -1.85
C TRP D 20 -31.61 0.90 -1.11
N PHE D 21 -30.95 1.25 -0.01
CA PHE D 21 -31.30 2.42 0.77
C PHE D 21 -30.81 3.68 0.05
N GLU D 22 -29.63 3.61 -0.58
CA GLU D 22 -28.99 4.81 -1.07
C GLU D 22 -29.57 5.22 -2.42
N SER D 23 -30.08 4.23 -3.16
CA SER D 23 -30.69 4.49 -4.46
C SER D 23 -31.48 5.79 -4.43
N PRO D 24 -31.29 6.69 -5.41
CA PRO D 24 -32.09 7.91 -5.51
C PRO D 24 -33.57 7.61 -5.78
N LYS D 25 -33.85 6.44 -6.39
CA LYS D 25 -35.20 5.99 -6.67
C LYS D 25 -35.49 4.74 -5.85
N GLN D 26 -36.66 4.69 -5.20
CA GLN D 26 -37.02 3.55 -4.38
C GLN D 26 -37.37 2.37 -5.29
N PHE D 27 -36.76 1.22 -5.02
CA PHE D 27 -37.07 -0.01 -5.73
C PHE D 27 -38.43 -0.52 -5.25
N HIS D 28 -39.10 -1.30 -6.10
CA HIS D 28 -40.46 -1.75 -5.85
C HIS D 28 -40.48 -3.10 -5.12
N PHE D 29 -39.31 -3.74 -4.95
CA PHE D 29 -39.20 -4.97 -4.21
C PHE D 29 -38.67 -4.67 -2.81
N GLU D 30 -38.58 -5.68 -1.95
CA GLU D 30 -38.00 -5.52 -0.64
C GLU D 30 -37.02 -6.66 -0.34
N ILE D 31 -35.93 -6.34 0.37
CA ILE D 31 -34.99 -7.35 0.84
C ILE D 31 -35.40 -7.75 2.24
N VAL D 32 -35.67 -9.05 2.46
CA VAL D 32 -36.35 -9.48 3.66
C VAL D 32 -35.58 -10.59 4.36
N ALA D 33 -34.44 -11.01 3.81
CA ALA D 33 -33.68 -12.06 4.46
C ALA D 33 -32.23 -11.94 4.06
N ILE D 34 -31.32 -12.36 4.94
CA ILE D 34 -29.91 -12.41 4.62
C ILE D 34 -29.37 -13.63 5.35
N ASN D 35 -28.40 -14.30 4.72
CA ASN D 35 -27.78 -15.46 5.35
C ASN D 35 -26.27 -15.33 5.19
N ASP D 36 -25.54 -15.73 6.23
CA ASP D 36 -24.09 -15.83 6.17
C ASP D 36 -23.68 -16.80 7.27
N ILE D 37 -22.48 -17.36 7.17
CA ILE D 37 -21.99 -18.31 8.17
C ILE D 37 -21.53 -17.55 9.42
N ALA D 38 -21.47 -16.21 9.36
CA ALA D 38 -21.02 -15.44 10.51
C ALA D 38 -22.23 -14.97 11.33
N ASP D 39 -21.96 -14.54 12.57
CA ASP D 39 -23.00 -14.09 13.51
C ASP D 39 -23.53 -12.70 13.16
N VAL D 40 -24.71 -12.39 13.68
CA VAL D 40 -25.43 -11.18 13.37
C VAL D 40 -24.63 -9.96 13.82
N HIS D 41 -23.89 -10.08 14.94
CA HIS D 41 -23.13 -8.95 15.47
C HIS D 41 -22.01 -8.58 14.50
N THR D 42 -21.28 -9.59 14.01
CA THR D 42 -20.25 -9.38 13.01
C THR D 42 -20.87 -8.77 11.75
N LEU D 43 -22.06 -9.22 11.39
CA LEU D 43 -22.70 -8.75 10.16
C LEU D 43 -23.13 -7.29 10.27
N VAL D 44 -23.64 -6.88 11.43
CA VAL D 44 -24.09 -5.52 11.63
C VAL D 44 -22.90 -4.57 11.65
N HIS D 45 -21.78 -5.00 12.28
CA HIS D 45 -20.59 -4.18 12.42
C HIS D 45 -20.03 -3.85 11.05
N LEU D 46 -19.84 -4.91 10.24
CA LEU D 46 -19.31 -4.79 8.90
C LEU D 46 -20.30 -4.05 8.00
N PHE D 47 -21.60 -4.22 8.21
CA PHE D 47 -22.55 -3.44 7.44
C PHE D 47 -22.44 -1.96 7.80
N LYS D 48 -22.12 -1.61 9.06
CA LYS D 48 -22.09 -0.21 9.45
C LYS D 48 -20.77 0.48 9.10
N TYR D 49 -19.66 -0.25 9.27
CA TYR D 49 -18.34 0.32 9.10
C TYR D 49 -17.66 -0.35 7.93
N ASP D 50 -17.25 0.42 6.90
CA ASP D 50 -16.66 -0.12 5.69
C ASP D 50 -15.48 0.75 5.26
N SER D 51 -14.36 0.08 4.99
CA SER D 51 -13.08 0.70 4.64
C SER D 51 -13.14 1.42 3.30
N THR D 52 -14.01 0.90 2.42
CA THR D 52 -14.15 1.33 1.03
C THR D 52 -15.20 2.43 0.91
N HIS D 53 -16.41 2.22 1.45
CA HIS D 53 -17.50 3.14 1.17
C HIS D 53 -18.03 3.88 2.42
N GLY D 54 -17.36 3.76 3.56
CA GLY D 54 -17.60 4.69 4.65
C GLY D 54 -18.66 4.19 5.63
N ARG D 55 -19.00 5.05 6.60
CA ARG D 55 -20.02 4.71 7.59
C ARG D 55 -21.37 4.71 6.88
N PHE D 56 -22.19 3.71 7.22
CA PHE D 56 -23.58 3.63 6.78
C PHE D 56 -24.39 4.72 7.46
N ASN D 57 -25.12 5.50 6.65
CA ASN D 57 -25.85 6.64 7.16
C ASN D 57 -27.28 6.22 7.48
N GLY D 58 -27.48 5.69 8.70
CA GLY D 58 -28.72 5.03 9.06
C GLY D 58 -28.60 4.27 10.39
N LYS D 59 -29.74 3.76 10.87
CA LYS D 59 -29.83 3.08 12.16
C LYS D 59 -30.00 1.59 11.87
N VAL D 60 -29.34 0.76 12.68
CA VAL D 60 -29.47 -0.68 12.59
C VAL D 60 -29.74 -1.20 13.99
N ASP D 61 -30.93 -1.76 14.17
CA ASP D 61 -31.34 -2.37 15.43
C ASP D 61 -31.50 -3.87 15.20
N ILE D 62 -31.07 -4.67 16.17
CA ILE D 62 -31.23 -6.12 16.11
C ILE D 62 -32.38 -6.52 17.01
N THR D 63 -33.33 -7.30 16.50
CA THR D 63 -34.40 -7.84 17.32
C THR D 63 -34.21 -9.34 17.45
N ILE D 64 -33.98 -9.83 18.66
CA ILE D 64 -33.99 -11.26 18.90
C ILE D 64 -35.39 -11.62 19.37
N GLU D 65 -36.21 -12.15 18.47
CA GLU D 65 -37.45 -12.78 18.89
C GLU D 65 -37.08 -14.16 19.43
N ASN D 66 -38.08 -14.92 19.89
CA ASN D 66 -37.77 -16.17 20.58
C ASN D 66 -36.70 -16.89 19.77
N GLU D 67 -37.04 -17.27 18.53
CA GLU D 67 -36.17 -18.09 17.71
C GLU D 67 -35.47 -17.25 16.64
N LYS D 68 -36.19 -16.28 16.07
CA LYS D 68 -35.74 -15.52 14.91
C LYS D 68 -34.89 -14.33 15.34
N ILE D 69 -33.95 -13.92 14.46
CA ILE D 69 -33.21 -12.67 14.58
C ILE D 69 -33.60 -11.79 13.40
N TYR D 70 -33.82 -10.50 13.64
CA TYR D 70 -34.17 -9.55 12.58
C TYR D 70 -33.26 -8.32 12.68
N LEU D 71 -33.09 -7.60 11.58
CA LEU D 71 -32.46 -6.29 11.60
C LEU D 71 -33.52 -5.27 11.22
N ASN D 72 -33.61 -4.18 11.98
CA ASN D 72 -34.49 -3.09 11.62
C ASN D 72 -33.62 -1.93 11.15
N ILE D 73 -33.61 -1.68 9.84
CA ILE D 73 -32.69 -0.73 9.23
C ILE D 73 -33.50 0.45 8.70
N GLN D 74 -33.01 1.65 9.00
CA GLN D 74 -33.70 2.90 8.74
C GLN D 74 -32.68 3.85 8.13
N SER D 75 -32.88 4.24 6.88
CA SER D 75 -31.94 5.11 6.18
C SER D 75 -32.65 5.76 4.99
N ASN D 76 -32.39 7.05 4.76
CA ASN D 76 -32.85 7.73 3.57
C ASN D 76 -34.38 7.62 3.46
N GLN D 77 -35.06 7.67 4.61
CA GLN D 77 -36.51 7.69 4.68
C GLN D 77 -37.13 6.35 4.27
N ARG D 78 -36.36 5.26 4.37
CA ARG D 78 -36.88 3.92 4.10
C ARG D 78 -36.59 3.00 5.27
N LEU D 79 -37.39 1.95 5.40
CA LEU D 79 -37.29 1.01 6.52
C LEU D 79 -37.43 -0.41 5.98
N LEU D 80 -36.60 -1.31 6.51
CA LEU D 80 -36.69 -2.73 6.20
C LEU D 80 -36.57 -3.53 7.50
N LYS D 81 -37.41 -4.56 7.62
CA LYS D 81 -37.21 -5.62 8.59
C LYS D 81 -36.65 -6.82 7.83
N VAL D 82 -35.55 -7.39 8.33
CA VAL D 82 -34.72 -8.31 7.56
C VAL D 82 -34.35 -9.49 8.43
N GLU D 83 -35.01 -10.64 8.22
CA GLU D 83 -34.65 -11.84 8.96
C GLU D 83 -33.19 -12.18 8.68
N VAL D 84 -32.45 -12.60 9.72
CA VAL D 84 -31.05 -12.95 9.59
C VAL D 84 -30.88 -14.41 9.95
N LEU D 85 -30.18 -15.14 9.09
CA LEU D 85 -30.01 -16.58 9.25
C LEU D 85 -28.52 -16.91 9.20
N GLN D 86 -28.20 -18.14 9.62
CA GLN D 86 -26.82 -18.63 9.67
C GLN D 86 -26.77 -20.10 9.25
N GLN D 87 -27.07 -20.37 7.97
CA GLN D 87 -27.19 -21.74 7.46
C GLN D 87 -26.24 -21.99 6.29
N LYS D 88 -25.23 -22.83 6.53
CA LYS D 88 -24.21 -23.12 5.51
C LYS D 88 -24.81 -23.90 4.34
N GLN D 89 -25.87 -24.68 4.60
CA GLN D 89 -26.48 -25.55 3.60
C GLN D 89 -27.73 -24.85 3.04
N PRO D 90 -27.65 -24.30 1.80
CA PRO D 90 -28.74 -23.47 1.26
C PRO D 90 -30.08 -24.17 1.14
N GLU D 91 -30.11 -25.51 1.21
CA GLU D 91 -31.34 -26.24 1.03
C GLU D 91 -32.15 -26.25 2.32
N LEU D 92 -31.51 -25.87 3.45
CA LEU D 92 -32.18 -25.85 4.75
C LEU D 92 -32.69 -24.45 5.10
N LEU D 93 -32.57 -23.53 4.14
CA LEU D 93 -32.99 -22.17 4.36
C LEU D 93 -34.51 -22.09 4.28
N PRO D 94 -35.15 -21.27 5.13
CA PRO D 94 -36.62 -21.17 5.14
C PRO D 94 -37.24 -20.32 4.04
N TRP D 95 -36.88 -20.56 2.78
CA TRP D 95 -37.27 -19.66 1.70
C TRP D 95 -38.78 -19.76 1.47
N ALA D 96 -39.37 -20.91 1.84
CA ALA D 96 -40.80 -21.13 1.68
C ALA D 96 -41.60 -20.29 2.68
N SER D 97 -41.23 -20.38 3.98
CA SER D 97 -41.84 -19.58 5.03
C SER D 97 -41.78 -18.10 4.69
N LEU D 98 -40.62 -17.63 4.20
CA LEU D 98 -40.36 -16.20 4.06
C LEU D 98 -40.89 -15.69 2.73
N LYS D 99 -41.37 -16.62 1.86
CA LYS D 99 -42.03 -16.34 0.59
C LYS D 99 -41.07 -15.64 -0.40
N ILE D 100 -39.88 -16.21 -0.56
CA ILE D 100 -38.79 -15.59 -1.30
C ILE D 100 -39.03 -15.71 -2.81
N ASP D 101 -39.20 -14.55 -3.46
CA ASP D 101 -39.39 -14.48 -4.90
C ASP D 101 -38.05 -14.67 -5.63
N VAL D 102 -37.03 -13.89 -5.24
CA VAL D 102 -35.70 -14.03 -5.79
C VAL D 102 -34.68 -14.24 -4.67
N VAL D 103 -33.70 -15.11 -4.90
CA VAL D 103 -32.53 -15.19 -4.02
C VAL D 103 -31.31 -14.70 -4.80
N LEU D 104 -30.53 -13.78 -4.22
CA LEU D 104 -29.26 -13.37 -4.78
C LEU D 104 -28.17 -14.21 -4.14
N GLU D 105 -27.47 -15.00 -4.97
CA GLU D 105 -26.40 -15.87 -4.50
C GLU D 105 -25.08 -15.12 -4.60
N CYS D 106 -24.58 -14.64 -3.45
CA CYS D 106 -23.42 -13.77 -3.41
C CYS D 106 -22.32 -14.38 -2.53
N THR D 107 -22.21 -15.71 -2.53
CA THR D 107 -21.25 -16.40 -1.68
C THR D 107 -20.02 -16.77 -2.50
N GLY D 108 -20.23 -17.01 -3.81
CA GLY D 108 -19.20 -17.51 -4.70
C GLY D 108 -19.11 -19.04 -4.73
N LEU D 109 -19.86 -19.74 -3.87
CA LEU D 109 -19.72 -21.19 -3.68
C LEU D 109 -20.84 -22.00 -4.31
N PHE D 110 -21.87 -21.34 -4.88
CA PHE D 110 -23.02 -22.07 -5.42
C PHE D 110 -23.31 -21.60 -6.85
N ARG D 111 -22.35 -21.83 -7.77
CA ARG D 111 -22.45 -21.30 -9.12
C ARG D 111 -22.93 -22.35 -10.11
N SER D 112 -22.95 -23.64 -9.71
CA SER D 112 -23.48 -24.70 -10.56
C SER D 112 -25.01 -24.66 -10.57
N HIS D 113 -25.62 -25.31 -11.56
CA HIS D 113 -27.07 -25.41 -11.66
C HIS D 113 -27.58 -26.21 -10.46
N ALA D 114 -26.82 -27.25 -10.11
CA ALA D 114 -27.11 -28.11 -8.99
C ALA D 114 -27.18 -27.31 -7.69
N ASP D 115 -26.16 -26.49 -7.45
CA ASP D 115 -26.03 -25.78 -6.19
C ASP D 115 -27.07 -24.67 -6.10
N ALA D 116 -27.36 -24.02 -7.22
CA ALA D 116 -28.38 -22.99 -7.25
C ALA D 116 -29.78 -23.56 -6.98
N THR D 117 -30.05 -24.79 -7.45
CA THR D 117 -31.35 -25.42 -7.35
C THR D 117 -31.65 -25.71 -5.88
N ARG D 118 -30.60 -25.79 -5.06
CA ARG D 118 -30.74 -26.03 -3.63
C ARG D 118 -31.57 -24.91 -3.01
N HIS D 119 -31.43 -23.68 -3.49
CA HIS D 119 -32.30 -22.59 -3.10
C HIS D 119 -33.74 -22.83 -3.56
N LEU D 120 -33.88 -23.38 -4.76
CA LEU D 120 -35.20 -23.69 -5.31
C LEU D 120 -35.89 -24.75 -4.45
N GLU D 121 -35.10 -25.73 -3.96
CA GLU D 121 -35.65 -26.78 -3.12
C GLU D 121 -36.09 -26.20 -1.77
N ALA D 122 -35.35 -25.20 -1.28
CA ALA D 122 -35.67 -24.57 -0.01
C ALA D 122 -36.97 -23.77 -0.10
N GLY D 123 -37.43 -23.45 -1.33
CA GLY D 123 -38.73 -22.82 -1.53
C GLY D 123 -38.69 -21.56 -2.40
N ALA D 124 -37.49 -21.06 -2.74
CA ALA D 124 -37.35 -19.86 -3.55
C ALA D 124 -37.89 -20.12 -4.95
N LYS D 125 -38.41 -19.08 -5.60
CA LYS D 125 -39.00 -19.22 -6.93
C LYS D 125 -37.95 -18.97 -8.03
N ARG D 126 -36.91 -18.18 -7.72
CA ARG D 126 -35.90 -17.82 -8.69
C ARG D 126 -34.57 -17.55 -7.99
N VAL D 127 -33.46 -18.00 -8.57
CA VAL D 127 -32.12 -17.66 -8.11
C VAL D 127 -31.43 -16.79 -9.15
N ILE D 128 -30.64 -15.82 -8.67
CA ILE D 128 -29.70 -15.10 -9.51
C ILE D 128 -28.31 -15.33 -8.95
N ILE D 129 -27.51 -16.09 -9.69
CA ILE D 129 -26.14 -16.36 -9.30
C ILE D 129 -25.34 -15.10 -9.60
N GLY D 130 -24.65 -14.60 -8.54
CA GLY D 130 -23.91 -13.35 -8.61
C GLY D 130 -22.47 -13.62 -8.99
N ALA D 131 -22.28 -14.11 -10.21
CA ALA D 131 -21.00 -14.63 -10.68
C ALA D 131 -21.22 -15.15 -12.08
N ALA D 132 -20.13 -15.42 -12.79
CA ALA D 132 -20.21 -16.12 -14.07
C ALA D 132 -20.83 -17.50 -13.85
N PRO D 133 -21.60 -18.04 -14.81
CA PRO D 133 -22.10 -19.41 -14.71
C PRO D 133 -20.93 -20.38 -14.68
N PHE D 134 -21.16 -21.55 -14.08
CA PHE D 134 -20.17 -22.62 -14.06
C PHE D 134 -20.52 -23.72 -15.07
N ASP D 135 -21.82 -24.03 -15.25
CA ASP D 135 -22.25 -24.99 -16.25
C ASP D 135 -23.51 -24.48 -16.97
N HIS D 136 -24.69 -24.66 -16.37
CA HIS D 136 -25.95 -24.37 -17.04
C HIS D 136 -26.64 -23.23 -16.31
N VAL D 137 -27.17 -22.27 -17.08
CA VAL D 137 -28.11 -21.30 -16.56
C VAL D 137 -29.21 -21.13 -17.59
N ASP D 138 -30.42 -20.84 -17.09
CA ASP D 138 -31.58 -20.63 -17.95
C ASP D 138 -31.42 -19.33 -18.73
N ALA D 139 -30.57 -18.42 -18.22
CA ALA D 139 -30.24 -17.16 -18.89
C ALA D 139 -29.01 -16.55 -18.24
N ALA D 140 -28.21 -15.82 -19.03
CA ALA D 140 -27.03 -15.12 -18.55
C ALA D 140 -27.17 -13.66 -18.98
N ILE D 141 -27.34 -12.78 -17.97
CA ILE D 141 -27.90 -11.46 -18.20
C ILE D 141 -26.87 -10.40 -17.88
N VAL D 142 -26.79 -9.42 -18.79
CA VAL D 142 -26.17 -8.15 -18.55
C VAL D 142 -27.24 -7.07 -18.58
N TYR D 143 -27.53 -6.49 -17.41
CA TYR D 143 -28.54 -5.46 -17.33
C TYR D 143 -28.16 -4.33 -18.27
N GLY D 144 -29.11 -3.97 -19.14
CA GLY D 144 -28.97 -2.85 -20.07
C GLY D 144 -28.61 -3.33 -21.48
N VAL D 145 -28.50 -4.65 -21.65
CA VAL D 145 -28.17 -5.25 -22.93
C VAL D 145 -29.26 -6.28 -23.28
N ASN D 146 -29.41 -7.34 -22.48
CA ASN D 146 -30.34 -8.42 -22.80
C ASN D 146 -31.23 -8.77 -21.62
N HIS D 147 -31.54 -7.78 -20.77
CA HIS D 147 -32.30 -8.05 -19.55
C HIS D 147 -33.75 -8.35 -19.89
N ALA D 148 -34.22 -7.88 -21.05
CA ALA D 148 -35.54 -8.22 -21.57
C ALA D 148 -35.64 -9.70 -21.96
N ASP D 149 -34.53 -10.33 -22.38
CA ASP D 149 -34.53 -11.74 -22.78
C ASP D 149 -34.75 -12.67 -21.59
N VAL D 150 -35.08 -12.12 -20.42
CA VAL D 150 -35.42 -12.97 -19.30
C VAL D 150 -36.87 -13.40 -19.52
N LYS D 151 -37.10 -14.70 -19.57
CA LYS D 151 -38.45 -15.25 -19.67
C LYS D 151 -38.99 -15.51 -18.26
N ALA D 152 -40.30 -15.29 -18.08
CA ALA D 152 -40.97 -15.51 -16.80
C ALA D 152 -40.82 -16.95 -16.31
N THR D 153 -40.44 -17.88 -17.20
CA THR D 153 -40.30 -19.29 -16.86
C THR D 153 -38.90 -19.57 -16.29
N ASP D 154 -37.95 -18.63 -16.52
CA ASP D 154 -36.53 -18.81 -16.23
C ASP D 154 -36.27 -18.77 -14.71
N GLN D 155 -35.69 -19.85 -14.16
CA GLN D 155 -35.59 -20.00 -12.71
C GLN D 155 -34.18 -19.78 -12.18
N ILE D 156 -33.13 -20.24 -12.89
CA ILE D 156 -31.76 -19.99 -12.49
C ILE D 156 -31.14 -18.96 -13.44
N ILE D 157 -30.75 -17.79 -12.94
CA ILE D 157 -30.19 -16.76 -13.80
C ILE D 157 -28.81 -16.37 -13.31
N SER D 158 -27.94 -16.03 -14.24
CA SER D 158 -26.64 -15.52 -13.87
C SER D 158 -26.58 -14.05 -14.23
N SER D 159 -26.06 -13.25 -13.28
CA SER D 159 -25.82 -11.83 -13.51
C SER D 159 -24.36 -11.60 -13.90
N VAL D 160 -23.67 -12.68 -14.30
CA VAL D 160 -22.30 -12.66 -14.79
C VAL D 160 -21.42 -11.89 -13.80
N SER D 161 -20.29 -11.32 -14.27
CA SER D 161 -19.35 -10.67 -13.37
C SER D 161 -19.33 -9.17 -13.65
N CYS D 162 -18.75 -8.39 -12.74
CA CYS D 162 -18.53 -6.97 -12.93
C CYS D 162 -17.88 -6.76 -14.29
N THR D 163 -16.70 -7.37 -14.50
CA THR D 163 -15.95 -7.29 -15.74
C THR D 163 -16.86 -7.51 -16.96
N THR D 164 -17.68 -8.57 -16.93
CA THR D 164 -18.58 -8.90 -18.02
C THR D 164 -19.57 -7.76 -18.24
N GLN D 165 -20.14 -7.22 -17.16
CA GLN D 165 -21.14 -6.18 -17.25
C GLN D 165 -20.58 -4.99 -18.03
N ALA D 166 -19.27 -4.82 -18.01
CA ALA D 166 -18.63 -3.69 -18.65
C ALA D 166 -18.14 -4.06 -20.05
N LEU D 167 -17.63 -5.28 -20.19
CA LEU D 167 -16.99 -5.71 -21.42
C LEU D 167 -18.04 -5.84 -22.52
N VAL D 168 -19.18 -6.46 -22.18
CA VAL D 168 -20.23 -6.75 -23.15
C VAL D 168 -20.74 -5.49 -23.85
N PRO D 169 -21.14 -4.41 -23.13
CA PRO D 169 -21.57 -3.18 -23.80
C PRO D 169 -20.55 -2.60 -24.77
N LEU D 170 -19.26 -2.68 -24.38
CA LEU D 170 -18.21 -2.17 -25.26
C LEU D 170 -18.17 -3.00 -26.54
N VAL D 171 -18.13 -4.33 -26.38
CA VAL D 171 -18.08 -5.20 -27.54
C VAL D 171 -19.32 -4.97 -28.40
N LYS D 172 -20.50 -4.91 -27.78
CA LYS D 172 -21.73 -4.78 -28.54
C LYS D 172 -21.71 -3.48 -29.34
N ILE D 173 -21.30 -2.38 -28.69
CA ILE D 173 -21.43 -1.07 -29.31
C ILE D 173 -20.49 -0.97 -30.52
N ILE D 174 -19.28 -1.49 -30.32
CA ILE D 174 -18.20 -1.32 -31.29
C ILE D 174 -18.44 -2.29 -32.44
N ASP D 175 -18.82 -3.53 -32.10
CA ASP D 175 -19.12 -4.54 -33.09
C ASP D 175 -20.26 -4.11 -34.02
N ASP D 176 -21.34 -3.56 -33.45
CA ASP D 176 -22.47 -3.09 -34.24
C ASP D 176 -22.01 -2.01 -35.22
N ALA D 177 -21.18 -1.08 -34.76
CA ALA D 177 -20.82 0.11 -35.53
C ALA D 177 -19.69 -0.19 -36.54
N PHE D 178 -18.62 -0.84 -36.10
CA PHE D 178 -17.45 -1.00 -36.95
C PHE D 178 -17.23 -2.47 -37.31
N GLY D 179 -17.75 -3.39 -36.51
CA GLY D 179 -17.46 -4.79 -36.69
C GLY D 179 -16.11 -5.15 -36.05
N ILE D 180 -16.13 -6.20 -35.23
CA ILE D 180 -14.93 -6.68 -34.55
C ILE D 180 -14.52 -8.01 -35.18
N GLU D 181 -13.35 -8.03 -35.81
CA GLU D 181 -12.72 -9.27 -36.24
C GLU D 181 -12.39 -10.07 -34.99
N THR D 182 -11.44 -9.58 -34.19
CA THR D 182 -11.17 -10.12 -32.87
C THR D 182 -10.87 -8.99 -31.88
N ALA D 183 -10.76 -9.34 -30.60
CA ALA D 183 -10.46 -8.41 -29.53
C ALA D 183 -9.67 -9.10 -28.43
N LEU D 184 -8.90 -8.34 -27.65
CA LEU D 184 -8.23 -8.88 -26.49
C LEU D 184 -8.37 -7.92 -25.32
N MET D 185 -8.62 -8.47 -24.14
CA MET D 185 -8.94 -7.69 -22.96
C MET D 185 -7.82 -7.83 -21.93
N THR D 186 -7.37 -6.68 -21.41
CA THR D 186 -6.58 -6.63 -20.18
C THR D 186 -7.46 -5.95 -19.14
N GLU D 187 -7.64 -6.57 -17.97
CA GLU D 187 -8.29 -5.88 -16.87
C GLU D 187 -7.30 -5.61 -15.74
N ILE D 188 -7.30 -4.34 -15.26
CA ILE D 188 -6.54 -3.93 -14.10
C ILE D 188 -7.50 -3.83 -12.92
N HIS D 189 -7.34 -4.68 -11.91
CA HIS D 189 -8.37 -4.85 -10.92
C HIS D 189 -7.79 -4.60 -9.53
N ALA D 190 -8.53 -3.84 -8.72
CA ALA D 190 -8.24 -3.74 -7.29
C ALA D 190 -8.20 -5.14 -6.69
N VAL D 191 -7.76 -5.24 -5.43
CA VAL D 191 -7.68 -6.53 -4.75
C VAL D 191 -9.11 -6.99 -4.47
N THR D 192 -9.27 -8.32 -4.41
CA THR D 192 -10.51 -8.97 -4.06
C THR D 192 -10.32 -9.78 -2.78
N ALA D 193 -11.43 -10.24 -2.19
CA ALA D 193 -11.43 -10.80 -0.85
C ALA D 193 -10.80 -12.19 -0.81
N ASP D 194 -10.77 -12.88 -1.96
CA ASP D 194 -10.23 -14.22 -2.05
C ASP D 194 -8.70 -14.21 -2.06
N GLN D 195 -8.07 -13.03 -2.06
CA GLN D 195 -6.62 -12.96 -2.13
C GLN D 195 -6.02 -13.15 -0.74
N SER D 196 -4.69 -12.97 -0.65
CA SER D 196 -3.89 -13.33 0.50
C SER D 196 -3.13 -12.09 0.98
N VAL D 197 -3.10 -11.90 2.30
CA VAL D 197 -2.43 -10.78 2.89
C VAL D 197 -0.93 -10.98 2.72
N LEU D 198 -0.48 -12.16 3.12
CA LEU D 198 0.91 -12.57 2.93
C LEU D 198 0.93 -13.79 2.02
N ASP D 199 2.12 -14.24 1.63
CA ASP D 199 2.25 -15.43 0.80
C ASP D 199 1.74 -16.63 1.57
N HIS D 200 0.74 -17.32 1.01
CA HIS D 200 -0.01 -18.36 1.70
C HIS D 200 -0.56 -19.36 0.70
N ALA D 201 -0.69 -20.62 1.12
CA ALA D 201 -1.28 -21.67 0.29
C ALA D 201 -2.65 -21.24 -0.24
N HIS D 202 -2.93 -21.59 -1.50
CA HIS D 202 -4.12 -21.15 -2.21
C HIS D 202 -4.13 -21.96 -3.51
N ARG D 203 -5.32 -22.14 -4.11
CA ARG D 203 -5.41 -23.06 -5.24
C ARG D 203 -4.96 -22.37 -6.53
N ASP D 204 -4.79 -21.05 -6.52
CA ASP D 204 -4.07 -20.34 -7.57
C ASP D 204 -2.74 -19.86 -7.01
N LEU D 205 -1.65 -20.26 -7.67
CA LEU D 205 -0.30 -19.91 -7.22
C LEU D 205 -0.01 -18.43 -7.41
N ARG D 206 -0.75 -17.76 -8.31
N ARG D 206 -0.73 -17.75 -8.32
CA ARG D 206 -0.56 -16.33 -8.52
CA ARG D 206 -0.57 -16.32 -8.51
C ARG D 206 -1.28 -15.55 -7.43
C ARG D 206 -1.25 -15.59 -7.35
N ARG D 207 -2.46 -16.02 -7.00
CA ARG D 207 -3.26 -15.31 -6.00
C ARG D 207 -2.89 -15.68 -4.56
N ALA D 208 -2.03 -16.68 -4.42
CA ALA D 208 -1.40 -16.97 -3.14
C ALA D 208 -0.45 -15.88 -2.69
N ARG D 209 -0.06 -14.96 -3.59
CA ARG D 209 0.99 -14.00 -3.27
C ARG D 209 0.41 -12.75 -2.61
N ALA D 210 1.22 -12.11 -1.77
CA ALA D 210 0.85 -10.98 -0.92
C ALA D 210 0.19 -9.89 -1.76
N SER D 211 -1.08 -9.61 -1.44
CA SER D 211 -1.95 -8.83 -2.28
C SER D 211 -1.48 -7.39 -2.30
N GLY D 212 -0.89 -6.97 -1.18
CA GLY D 212 -0.62 -5.56 -0.99
C GLY D 212 0.71 -5.14 -1.60
N GLN D 213 1.48 -6.07 -2.19
CA GLN D 213 2.85 -5.80 -2.55
C GLN D 213 3.18 -6.38 -3.92
N ASN D 214 2.17 -6.71 -4.73
CA ASN D 214 2.45 -7.34 -6.00
C ASN D 214 1.45 -6.92 -7.06
N ILE D 215 1.96 -6.88 -8.30
CA ILE D 215 1.16 -6.98 -9.50
C ILE D 215 0.96 -8.47 -9.80
N ILE D 216 -0.29 -8.91 -9.94
CA ILE D 216 -0.60 -10.33 -10.01
C ILE D 216 -1.46 -10.57 -11.25
N PRO D 217 -0.90 -11.14 -12.34
CA PRO D 217 -1.71 -11.57 -13.47
C PRO D 217 -2.51 -12.81 -13.10
N THR D 218 -3.65 -12.98 -13.77
CA THR D 218 -4.61 -13.99 -13.35
C THR D 218 -5.71 -14.07 -14.41
N THR D 219 -6.52 -15.13 -14.31
CA THR D 219 -7.57 -15.38 -15.30
C THR D 219 -8.80 -14.54 -14.98
N SER D 220 -9.67 -14.37 -16.00
CA SER D 220 -10.95 -13.69 -15.89
C SER D 220 -12.10 -14.64 -16.24
N SER D 221 -13.16 -14.63 -15.43
CA SER D 221 -14.36 -15.38 -15.80
C SER D 221 -15.13 -14.66 -16.91
N ALA D 222 -14.73 -13.45 -17.32
CA ALA D 222 -15.57 -12.61 -18.15
C ALA D 222 -15.67 -13.10 -19.60
N LEU D 223 -14.74 -13.96 -20.02
CA LEU D 223 -14.65 -14.30 -21.42
C LEU D 223 -15.64 -15.39 -21.75
N GLY D 224 -15.72 -16.42 -20.89
CA GLY D 224 -16.70 -17.47 -21.03
C GLY D 224 -18.12 -16.94 -20.85
N ALA D 225 -18.26 -15.93 -19.99
CA ALA D 225 -19.55 -15.34 -19.70
C ALA D 225 -20.05 -14.54 -20.88
N LEU D 226 -19.13 -13.86 -21.58
CA LEU D 226 -19.48 -13.02 -22.71
C LEU D 226 -20.02 -13.91 -23.83
N LYS D 227 -19.41 -15.09 -24.00
CA LYS D 227 -19.80 -16.02 -25.05
C LYS D 227 -21.19 -16.61 -24.78
N ARG D 228 -21.62 -16.62 -23.51
CA ARG D 228 -22.99 -17.01 -23.19
C ARG D 228 -23.96 -15.87 -23.51
N VAL D 229 -23.54 -14.62 -23.35
CA VAL D 229 -24.40 -13.48 -23.57
C VAL D 229 -24.43 -13.14 -25.05
N MET D 230 -23.25 -13.08 -25.67
CA MET D 230 -23.08 -12.86 -27.09
C MET D 230 -22.41 -14.08 -27.72
N PRO D 231 -23.20 -15.15 -28.02
CA PRO D 231 -22.67 -16.39 -28.64
C PRO D 231 -21.92 -16.31 -29.98
N LYS D 232 -22.16 -15.23 -30.74
CA LYS D 232 -21.50 -15.03 -32.02
C LYS D 232 -20.01 -14.68 -31.84
N MET D 233 -19.62 -14.28 -30.63
CA MET D 233 -18.28 -13.77 -30.38
C MET D 233 -17.38 -14.90 -29.92
N GLU D 234 -17.86 -16.14 -29.95
CA GLU D 234 -17.02 -17.28 -29.59
C GLU D 234 -15.85 -17.33 -30.57
N ASP D 235 -14.63 -17.56 -30.04
CA ASP D 235 -13.42 -17.66 -30.86
C ASP D 235 -12.94 -16.29 -31.35
N ARG D 236 -13.52 -15.19 -30.85
CA ARG D 236 -13.18 -13.87 -31.36
C ARG D 236 -12.75 -12.90 -30.25
N ILE D 237 -12.77 -13.35 -28.98
CA ILE D 237 -12.42 -12.49 -27.85
C ILE D 237 -11.75 -13.33 -26.77
N ASP D 238 -10.57 -12.91 -26.32
CA ASP D 238 -9.91 -13.52 -25.17
C ASP D 238 -9.39 -12.39 -24.27
N GLY D 239 -8.77 -12.73 -23.14
CA GLY D 239 -8.33 -11.71 -22.20
C GLY D 239 -7.89 -12.29 -20.86
N TYR D 240 -7.40 -11.40 -20.00
CA TYR D 240 -6.91 -11.81 -18.70
C TYR D 240 -7.04 -10.61 -17.77
N SER D 241 -6.72 -10.83 -16.48
CA SER D 241 -6.91 -9.83 -15.44
C SER D 241 -5.65 -9.68 -14.59
N ILE D 242 -5.45 -8.46 -14.10
CA ILE D 242 -4.29 -8.15 -13.27
C ILE D 242 -4.79 -7.52 -11.96
N ARG D 243 -4.35 -8.09 -10.84
CA ARG D 243 -4.65 -7.58 -9.52
C ARG D 243 -3.52 -6.69 -9.07
N VAL D 244 -3.86 -5.47 -8.65
CA VAL D 244 -2.88 -4.54 -8.14
C VAL D 244 -3.35 -4.08 -6.76
N PRO D 245 -2.49 -3.52 -5.88
CA PRO D 245 -2.89 -3.21 -4.51
C PRO D 245 -3.72 -1.96 -4.26
N THR D 246 -4.85 -1.81 -4.95
CA THR D 246 -5.81 -0.79 -4.53
C THR D 246 -7.01 -1.49 -3.92
N ILE D 247 -7.88 -0.72 -3.25
CA ILE D 247 -8.84 -1.34 -2.37
C ILE D 247 -10.10 -1.66 -3.17
N ASN D 248 -10.30 -0.89 -4.25
CA ASN D 248 -11.56 -0.91 -4.97
C ASN D 248 -11.40 -0.19 -6.31
N VAL D 249 -12.23 -0.58 -7.27
CA VAL D 249 -12.26 0.05 -8.59
C VAL D 249 -11.31 -0.70 -9.52
N ALA D 250 -11.79 -0.93 -10.74
CA ALA D 250 -11.06 -1.65 -11.77
C ALA D 250 -11.12 -0.85 -13.07
N ALA D 251 -10.30 -1.26 -14.04
CA ALA D 251 -10.35 -0.71 -15.38
C ALA D 251 -10.23 -1.84 -16.38
N ILE D 252 -10.85 -1.61 -17.53
CA ILE D 252 -10.76 -2.55 -18.63
C ILE D 252 -10.16 -1.82 -19.81
N ASP D 253 -9.15 -2.49 -20.38
CA ASP D 253 -8.42 -2.09 -21.56
C ASP D 253 -8.74 -3.09 -22.67
N LEU D 254 -9.47 -2.63 -23.70
CA LEU D 254 -9.93 -3.52 -24.76
C LEU D 254 -9.23 -3.13 -26.06
N THR D 255 -8.55 -4.11 -26.67
CA THR D 255 -7.83 -3.92 -27.92
C THR D 255 -8.53 -4.74 -28.99
N PHE D 256 -8.99 -4.09 -30.06
CA PHE D 256 -9.75 -4.80 -31.08
C PHE D 256 -9.26 -4.47 -32.50
N ILE D 257 -9.54 -5.40 -33.41
CA ILE D 257 -9.40 -5.17 -34.84
C ILE D 257 -10.76 -4.82 -35.44
N ALA D 258 -10.86 -3.63 -36.04
CA ALA D 258 -12.08 -3.19 -36.70
C ALA D 258 -12.13 -3.75 -38.12
N GLN D 259 -13.36 -4.03 -38.60
CA GLN D 259 -13.57 -4.50 -39.95
C GLN D 259 -14.03 -3.37 -40.87
N SER D 260 -13.83 -2.11 -40.45
CA SER D 260 -14.13 -0.97 -41.30
C SER D 260 -13.46 0.28 -40.72
N PRO D 261 -13.20 1.32 -41.54
CA PRO D 261 -12.48 2.53 -41.09
C PRO D 261 -12.80 3.13 -39.72
N ILE D 262 -11.76 3.25 -38.88
CA ILE D 262 -11.94 3.83 -37.58
C ILE D 262 -11.00 5.01 -37.38
N THR D 263 -11.48 5.99 -36.63
CA THR D 263 -10.64 7.06 -36.10
C THR D 263 -10.94 7.19 -34.62
N VAL D 264 -10.10 7.94 -33.90
CA VAL D 264 -10.30 8.19 -32.49
C VAL D 264 -11.60 8.96 -32.34
N HIS D 265 -11.76 10.03 -33.15
CA HIS D 265 -12.95 10.88 -33.11
C HIS D 265 -14.21 10.04 -33.29
N HIS D 266 -14.22 9.14 -34.27
CA HIS D 266 -15.41 8.34 -34.56
C HIS D 266 -15.75 7.40 -33.40
N ILE D 267 -14.74 6.75 -32.83
CA ILE D 267 -14.96 5.81 -31.74
C ILE D 267 -15.54 6.55 -30.54
N ASN D 268 -14.90 7.65 -30.13
CA ASN D 268 -15.34 8.41 -28.98
C ASN D 268 -16.77 8.92 -29.19
N GLU D 269 -17.07 9.42 -30.39
CA GLU D 269 -18.39 9.97 -30.69
C GLU D 269 -19.46 8.89 -30.51
N LEU D 270 -19.19 7.69 -31.02
CA LEU D 270 -20.14 6.59 -30.91
C LEU D 270 -20.41 6.23 -29.45
N LEU D 271 -19.34 6.20 -28.65
CA LEU D 271 -19.44 5.83 -27.24
C LEU D 271 -20.22 6.89 -26.49
N ILE D 272 -19.98 8.16 -26.81
CA ILE D 272 -20.72 9.24 -26.17
C ILE D 272 -22.20 9.10 -26.49
N LYS D 273 -22.56 8.81 -27.74
CA LYS D 273 -23.95 8.83 -28.17
C LYS D 273 -24.73 7.69 -27.52
N ALA D 274 -24.06 6.56 -27.28
CA ALA D 274 -24.71 5.43 -26.66
C ALA D 274 -24.95 5.70 -25.18
N SER D 275 -24.01 6.34 -24.50
CA SER D 275 -24.20 6.74 -23.11
C SER D 275 -25.31 7.78 -22.96
N GLN D 276 -25.74 8.38 -24.07
CA GLN D 276 -26.72 9.44 -24.06
C GLN D 276 -28.10 8.91 -24.47
N THR D 277 -28.12 7.73 -25.11
CA THR D 277 -29.33 7.18 -25.68
C THR D 277 -29.54 5.77 -25.09
N ASP D 278 -29.10 4.76 -25.84
CA ASP D 278 -29.40 3.37 -25.54
C ASP D 278 -28.76 2.85 -24.25
N TYR D 279 -27.67 3.46 -23.76
CA TYR D 279 -26.95 2.92 -22.61
C TYR D 279 -26.82 3.99 -21.52
N ALA D 280 -27.71 4.99 -21.52
CA ALA D 280 -27.65 6.06 -20.54
C ALA D 280 -27.80 5.54 -19.11
N GLU D 281 -28.51 4.41 -18.99
CA GLU D 281 -28.74 3.79 -17.70
C GLU D 281 -27.45 3.30 -17.05
N ILE D 282 -26.54 2.69 -17.86
CA ILE D 282 -25.45 1.91 -17.30
C ILE D 282 -24.08 2.44 -17.71
N MET D 283 -24.04 3.54 -18.46
CA MET D 283 -22.81 3.92 -19.12
C MET D 283 -22.61 5.42 -19.13
N ALA D 284 -21.35 5.83 -18.92
CA ALA D 284 -20.94 7.21 -18.85
C ALA D 284 -19.62 7.40 -19.59
N VAL D 285 -19.25 8.66 -19.83
CA VAL D 285 -18.07 9.00 -20.60
C VAL D 285 -17.47 10.29 -20.03
N THR D 286 -16.18 10.24 -19.72
CA THR D 286 -15.48 11.38 -19.18
C THR D 286 -14.33 11.70 -20.13
N ASP D 287 -13.94 12.97 -20.20
CA ASP D 287 -12.78 13.40 -20.95
C ASP D 287 -11.79 14.06 -19.99
N GLU D 288 -12.06 13.92 -18.69
CA GLU D 288 -11.26 14.55 -17.67
C GLU D 288 -10.14 13.61 -17.23
N PRO D 289 -8.99 14.16 -16.78
CA PRO D 289 -7.88 13.32 -16.35
C PRO D 289 -8.04 12.71 -14.97
N LEU D 290 -8.79 11.59 -14.87
CA LEU D 290 -9.20 11.01 -13.59
C LEU D 290 -8.39 9.76 -13.28
N VAL D 291 -8.55 9.26 -12.06
CA VAL D 291 -7.84 8.08 -11.60
C VAL D 291 -8.80 7.22 -10.81
N SER D 292 -8.39 6.01 -10.42
CA SER D 292 -9.31 5.01 -9.90
C SER D 292 -10.18 5.58 -8.79
N SER D 293 -9.61 6.28 -7.80
CA SER D 293 -10.37 6.75 -6.63
C SER D 293 -11.57 7.59 -7.04
N ASP D 294 -11.48 8.30 -8.16
CA ASP D 294 -12.57 9.15 -8.58
C ASP D 294 -13.81 8.35 -8.95
N PHE D 295 -13.70 7.03 -9.18
CA PHE D 295 -14.85 6.24 -9.57
C PHE D 295 -15.36 5.41 -8.39
N ASN D 296 -14.72 5.55 -7.24
CA ASN D 296 -15.21 4.91 -6.03
C ASN D 296 -16.61 5.45 -5.74
N HIS D 297 -17.57 4.52 -5.64
CA HIS D 297 -18.96 4.80 -5.33
C HIS D 297 -19.77 5.30 -6.53
N SER D 298 -19.23 5.13 -7.76
CA SER D 298 -20.01 5.37 -8.95
C SER D 298 -20.87 4.14 -9.25
N PRO D 299 -22.17 4.34 -9.58
CA PRO D 299 -23.04 3.21 -9.94
C PRO D 299 -22.97 2.70 -11.38
N TYR D 300 -22.32 3.45 -12.28
CA TYR D 300 -22.31 3.12 -13.69
C TYR D 300 -21.63 1.75 -13.88
N SER D 301 -22.02 1.04 -14.93
CA SER D 301 -21.43 -0.26 -15.23
C SER D 301 -20.07 -0.08 -15.85
N LEU D 302 -19.88 1.01 -16.62
CA LEU D 302 -18.58 1.38 -17.13
C LEU D 302 -18.54 2.89 -17.35
N ILE D 303 -17.35 3.50 -17.22
CA ILE D 303 -17.16 4.91 -17.54
C ILE D 303 -15.96 4.98 -18.48
N VAL D 304 -16.21 5.37 -19.73
CA VAL D 304 -15.16 5.42 -20.73
C VAL D 304 -14.30 6.66 -20.54
N ASP D 305 -12.97 6.45 -20.51
CA ASP D 305 -12.02 7.55 -20.51
C ASP D 305 -11.61 7.79 -21.96
N LEU D 306 -12.17 8.84 -22.56
CA LEU D 306 -12.07 9.04 -23.99
C LEU D 306 -10.67 9.51 -24.39
N THR D 307 -9.93 10.11 -23.44
CA THR D 307 -8.60 10.63 -23.70
C THR D 307 -7.63 9.46 -23.93
N GLN D 308 -8.04 8.24 -23.58
CA GLN D 308 -7.17 7.07 -23.66
C GLN D 308 -7.39 6.28 -24.95
N THR D 309 -8.35 6.69 -25.79
CA THR D 309 -8.70 5.97 -27.00
C THR D 309 -7.57 6.15 -28.01
N MET D 310 -7.13 5.03 -28.61
CA MET D 310 -6.01 5.02 -29.54
C MET D 310 -6.33 4.21 -30.81
N VAL D 311 -5.73 4.60 -31.93
CA VAL D 311 -5.92 3.91 -33.20
C VAL D 311 -4.59 3.89 -33.96
N VAL D 312 -4.20 2.70 -34.41
CA VAL D 312 -3.18 2.58 -35.43
C VAL D 312 -3.70 1.59 -36.47
N GLY D 313 -3.77 2.02 -37.72
CA GLY D 313 -4.28 1.16 -38.78
C GLY D 313 -5.69 0.68 -38.43
N HIS D 314 -5.86 -0.64 -38.41
CA HIS D 314 -7.17 -1.27 -38.21
C HIS D 314 -7.38 -1.66 -36.75
N GLN D 315 -6.41 -1.35 -35.89
CA GLN D 315 -6.43 -1.75 -34.50
C GLN D 315 -6.72 -0.54 -33.62
N ALA D 316 -7.55 -0.75 -32.59
CA ALA D 316 -7.80 0.32 -31.64
C ALA D 316 -7.91 -0.23 -30.21
N LYS D 317 -7.77 0.68 -29.27
CA LYS D 317 -7.88 0.37 -27.85
C LYS D 317 -8.79 1.41 -27.22
N VAL D 318 -9.73 0.94 -26.39
CA VAL D 318 -10.49 1.84 -25.54
C VAL D 318 -10.31 1.42 -24.09
N PHE D 319 -10.80 2.26 -23.18
CA PHE D 319 -10.52 2.09 -21.76
C PHE D 319 -11.73 2.51 -20.95
N ALA D 320 -12.07 1.75 -19.91
CA ALA D 320 -13.23 2.10 -19.12
C ALA D 320 -13.02 1.74 -17.65
N TRP D 321 -13.45 2.64 -16.75
CA TRP D 321 -13.43 2.38 -15.32
C TRP D 321 -14.75 1.75 -14.88
N TYR D 322 -14.76 1.08 -13.73
CA TYR D 322 -16.01 0.77 -13.05
C TYR D 322 -15.71 0.51 -11.56
N ASP D 323 -16.68 0.85 -10.71
CA ASP D 323 -16.65 0.40 -9.32
C ASP D 323 -17.12 -1.04 -9.28
N ASN D 324 -16.17 -1.95 -9.02
CA ASN D 324 -16.43 -3.37 -9.14
C ASN D 324 -17.45 -3.84 -8.11
N GLU D 325 -17.60 -3.12 -7.00
CA GLU D 325 -18.55 -3.50 -5.98
C GLU D 325 -19.87 -2.75 -6.21
N TRP D 326 -19.83 -1.42 -6.35
CA TRP D 326 -21.04 -0.61 -6.31
C TRP D 326 -21.84 -0.77 -7.60
N GLY D 327 -21.16 -0.73 -8.75
CA GLY D 327 -21.83 -0.89 -10.02
C GLY D 327 -22.54 -2.23 -10.07
N TYR D 328 -21.82 -3.29 -9.72
CA TYR D 328 -22.37 -4.64 -9.74
C TYR D 328 -23.59 -4.72 -8.84
N ALA D 329 -23.45 -4.29 -7.57
CA ALA D 329 -24.53 -4.22 -6.61
C ALA D 329 -25.76 -3.50 -7.18
N ASN D 330 -25.54 -2.35 -7.81
CA ASN D 330 -26.64 -1.57 -8.36
C ASN D 330 -27.34 -2.36 -9.46
N ARG D 331 -26.58 -3.13 -10.26
CA ARG D 331 -27.14 -3.83 -11.40
C ARG D 331 -27.93 -5.06 -10.96
N LEU D 332 -27.67 -5.56 -9.73
CA LEU D 332 -28.44 -6.67 -9.20
C LEU D 332 -29.83 -6.18 -8.86
N LEU D 333 -29.88 -5.00 -8.22
CA LEU D 333 -31.13 -4.35 -7.88
C LEU D 333 -31.89 -4.00 -9.16
N ASP D 334 -31.17 -3.46 -10.13
CA ASP D 334 -31.76 -3.04 -11.40
C ASP D 334 -32.37 -4.23 -12.13
N LEU D 335 -31.76 -5.41 -11.94
CA LEU D 335 -32.25 -6.62 -12.58
C LEU D 335 -33.53 -7.06 -11.89
N CYS D 336 -33.49 -7.18 -10.56
CA CYS D 336 -34.61 -7.63 -9.75
C CYS D 336 -35.85 -6.78 -10.02
N ASP D 337 -35.65 -5.51 -10.34
CA ASP D 337 -36.73 -4.55 -10.54
C ASP D 337 -37.28 -4.67 -11.96
N SER D 338 -36.57 -5.39 -12.84
CA SER D 338 -36.96 -5.54 -14.23
C SER D 338 -37.95 -6.67 -14.38
N PHE D 339 -37.96 -7.61 -13.42
CA PHE D 339 -38.83 -8.77 -13.44
C PHE D 339 -40.29 -8.36 -13.32
N LYS D 340 -40.57 -7.40 -12.44
CA LYS D 340 -41.90 -6.81 -12.33
C LYS D 340 -42.21 -6.00 -13.59
N SER D 341 -43.48 -5.63 -13.77
CA SER D 341 -43.91 -4.77 -14.87
C SER D 341 -45.08 -3.90 -14.39
PA NAD E . 0.64 -18.99 8.20
O1A NAD E . -0.83 -18.95 7.94
O2A NAD E . 1.58 -18.30 7.27
O5B NAD E . 1.13 -20.50 8.35
C5B NAD E . 0.27 -21.50 8.91
C4B NAD E . 0.43 -22.75 8.10
O4B NAD E . -0.24 -23.84 8.76
C3B NAD E . -0.14 -22.70 6.67
O3B NAD E . 0.86 -23.15 5.77
C2B NAD E . -1.33 -23.66 6.75
O2B NAD E . -1.62 -24.28 5.51
C1B NAD E . -0.80 -24.66 7.76
N9A NAD E . -1.79 -25.52 8.37
C8A NAD E . -3.10 -25.22 8.62
N7A NAD E . -3.75 -26.20 9.21
C5A NAD E . -2.80 -27.19 9.36
C6A NAD E . -2.89 -28.48 9.91
N6A NAD E . -4.00 -29.00 10.42
N1A NAD E . -1.76 -29.23 9.92
C2A NAD E . -0.64 -28.70 9.39
N3A NAD E . -0.46 -27.51 8.84
C4A NAD E . -1.60 -26.79 8.85
O3 NAD E . 0.95 -18.46 9.68
PN NAD E . 2.36 -18.03 10.30
O1N NAD E . 2.63 -16.59 10.03
O2N NAD E . 3.37 -19.04 9.83
O5D NAD E . 2.06 -18.23 11.86
C5D NAD E . 1.98 -19.55 12.49
C4D NAD E . 2.18 -19.38 13.98
O4D NAD E . 3.42 -18.67 14.22
C3D NAD E . 1.09 -18.58 14.72
O3D NAD E . 0.80 -19.08 16.01
C2D NAD E . 1.72 -17.19 14.86
O2D NAD E . 1.27 -16.48 15.99
C1D NAD E . 3.17 -17.60 15.12
N1N NAD E . 4.17 -16.53 14.89
C2N NAD E . 4.12 -15.78 13.73
C3N NAD E . 5.04 -14.75 13.55
C7N NAD E . 5.01 -13.93 12.28
O7N NAD E . 5.59 -12.83 12.26
N7N NAD E . 4.45 -14.45 11.19
C4N NAD E . 6.03 -14.52 14.49
C5N NAD E . 6.06 -15.29 15.65
C6N NAD E . 5.13 -16.28 15.84
S SO4 F . -1.03 -12.16 18.85
O1 SO4 F . -2.19 -12.37 19.69
O2 SO4 F . 0.08 -12.90 19.38
O3 SO4 F . -1.32 -12.63 17.52
O4 SO4 F . -0.71 -10.76 18.81
PA NAD G . 15.36 10.51 -9.04
O1A NAD G . 14.54 11.69 -8.66
O2A NAD G . 15.50 9.42 -8.05
O5B NAD G . 16.81 10.98 -9.54
C5B NAD G . 17.07 12.39 -9.79
C4B NAD G . 18.33 12.79 -9.08
O4B NAD G . 18.89 13.99 -9.71
C3B NAD G . 18.19 13.16 -7.60
O3B NAD G . 19.27 12.58 -6.86
C2B NAD G . 18.23 14.70 -7.60
O2B NAD G . 18.66 15.24 -6.37
C1B NAD G . 19.24 14.92 -8.72
N9A NAD G . 19.26 16.25 -9.34
C8A NAD G . 18.20 17.10 -9.57
N7A NAD G . 18.55 18.22 -10.17
C5A NAD G . 19.92 18.07 -10.36
C6A NAD G . 20.88 18.90 -10.96
N6A NAD G . 20.61 20.08 -11.48
N1A NAD G . 22.16 18.46 -11.00
C2A NAD G . 22.45 17.28 -10.45
N3A NAD G . 21.63 16.42 -9.86
C4A NAD G . 20.37 16.87 -9.85
O3 NAD G . 14.79 9.85 -10.38
PN NAD G . 15.25 8.59 -11.26
O1N NAD G . 14.20 7.52 -11.13
O2N NAD G . 16.67 8.28 -10.91
O5D NAD G . 15.12 9.21 -12.73
C5D NAD G . 16.25 9.79 -13.40
C4D NAD G . 16.06 9.65 -14.89
O4D NAD G . 16.12 8.25 -15.26
C3D NAD G . 14.72 10.18 -15.44
O3D NAD G . 14.92 10.76 -16.72
C2D NAD G . 13.89 8.89 -15.56
O2D NAD G . 12.87 8.92 -16.55
C1D NAD G . 14.98 7.94 -16.05
N1N NAD G . 14.64 6.51 -15.95
C2N NAD G . 14.09 6.00 -14.79
C3N NAD G . 13.71 4.66 -14.73
C7N NAD G . 13.10 4.11 -13.48
O7N NAD G . 12.37 3.11 -13.53
N7N NAD G . 13.42 4.68 -12.31
C4N NAD G . 13.94 3.84 -15.82
C5N NAD G . 14.50 4.36 -16.98
C6N NAD G . 14.84 5.69 -17.03
S SO4 H . 7.87 8.92 -18.80
O1 SO4 H . 6.64 8.29 -19.20
O2 SO4 H . 8.35 8.33 -17.58
O3 SO4 H . 8.86 8.73 -19.82
O4 SO4 H . 7.64 10.32 -18.58
PA NAD I . 0.66 20.76 0.69
O1A NAD I . 2.07 20.65 0.22
O2A NAD I . -0.42 19.89 0.12
O5B NAD I . 0.20 22.30 0.60
C5B NAD I . 1.10 23.35 0.24
C4B NAD I . 0.42 24.17 -0.81
O4B NAD I . 1.02 25.49 -0.92
C3B NAD I . 0.48 23.59 -2.24
O3B NAD I . -0.78 23.78 -2.88
C2B NAD I . 1.57 24.42 -2.91
O2B NAD I . 1.47 24.39 -4.31
C1B NAD I . 1.29 25.78 -2.27
N9A NAD I . 2.39 26.74 -2.28
C8A NAD I . 3.74 26.46 -2.24
N7A NAD I . 4.48 27.55 -2.22
C5A NAD I . 3.57 28.61 -2.21
C6A NAD I . 3.73 30.01 -2.18
N6A NAD I . 4.90 30.61 -2.13
N1A NAD I . 2.61 30.77 -2.20
C2A NAD I . 1.43 30.15 -2.24
N3A NAD I . 1.16 28.85 -2.28
C4A NAD I . 2.28 28.11 -2.25
O3 NAD I . 0.62 20.45 2.27
PN NAD I . -0.41 20.62 3.50
O1N NAD I . -0.71 19.30 4.12
O2N NAD I . -1.59 21.44 3.06
O5D NAD I . 0.49 21.49 4.50
C5D NAD I . 0.26 22.90 4.80
C4D NAD I . 0.76 23.21 6.19
O4D NAD I . -0.20 22.72 7.16
C3D NAD I . 2.11 22.57 6.59
O3D NAD I . 2.82 23.43 7.45
C2D NAD I . 1.64 21.30 7.32
O2D NAD I . 2.60 20.71 8.18
C1D NAD I . 0.47 21.89 8.11
N1N NAD I . -0.49 20.91 8.66
C2N NAD I . -0.78 19.75 7.96
C3N NAD I . -1.63 18.80 8.50
C7N NAD I . -1.89 17.53 7.74
O7N NAD I . -2.19 16.48 8.34
N7N NAD I . -1.81 17.56 6.42
C4N NAD I . -2.24 19.06 9.73
C5N NAD I . -1.95 20.22 10.41
C6N NAD I . -1.08 21.14 9.88
S SO4 J . 5.78 18.07 11.76
O1 SO4 J . 5.09 17.25 12.73
O2 SO4 J . 7.20 18.08 12.06
O3 SO4 J . 5.58 17.55 10.43
O4 SO4 J . 5.25 19.41 11.81
PA NAD K . -16.78 -12.16 0.12
O1A NAD K . -15.82 -13.19 0.63
O2A NAD K . -16.89 -10.88 0.88
O5B NAD K . -18.24 -12.80 0.01
C5B NAD K . -18.44 -14.12 0.57
C4B NAD K . -19.43 -14.01 1.71
O4B NAD K . -20.18 -15.25 1.76
C3B NAD K . -18.82 -13.82 3.10
O3B NAD K . -19.54 -12.82 3.82
C2B NAD K . -18.88 -15.24 3.69
O2B NAD K . -18.89 -15.27 5.11
C1B NAD K . -20.18 -15.74 3.07
N9A NAD K . -20.35 -17.18 3.02
C8A NAD K . -19.40 -18.17 2.91
N7A NAD K . -19.89 -19.38 2.90
C5A NAD K . -21.26 -19.19 2.99
C6A NAD K . -22.34 -20.08 3.02
N6A NAD K . -22.22 -21.40 2.93
N1A NAD K . -23.59 -19.56 3.11
C2A NAD K . -23.71 -18.23 3.17
N3A NAD K . -22.76 -17.29 3.15
C4A NAD K . -21.55 -17.83 3.05
O3 NAD K . -16.50 -11.84 -1.41
PN NAD K . -17.38 -11.14 -2.55
O1N NAD K . -16.56 -10.17 -3.32
O2N NAD K . -18.62 -10.60 -1.93
O5D NAD K . -17.71 -12.41 -3.47
C5D NAD K . -19.10 -12.75 -3.68
C4D NAD K . -19.30 -13.30 -5.06
O4D NAD K . -19.50 -12.22 -6.00
C3D NAD K . -18.13 -14.11 -5.65
O3D NAD K . -18.64 -15.13 -6.49
C2D NAD K . -17.36 -13.04 -6.41
O2D NAD K . -16.46 -13.59 -7.36
C1D NAD K . -18.55 -12.32 -7.05
N1N NAD K . -18.31 -10.97 -7.59
C2N NAD K . -17.52 -10.08 -6.90
C3N NAD K . -17.25 -8.81 -7.41
C7N NAD K . -16.34 -7.88 -6.64
O7N NAD K . -15.77 -6.95 -7.24
N7N NAD K . -16.22 -8.05 -5.33
C4N NAD K . -17.86 -8.43 -8.59
C5N NAD K . -18.66 -9.32 -9.28
C6N NAD K . -18.89 -10.58 -8.77
S SO4 L . -12.77 -14.47 -11.39
O1 SO4 L . -14.20 -14.42 -11.56
O2 SO4 L . -12.25 -15.69 -11.98
O3 SO4 L . -12.18 -13.35 -12.07
O4 SO4 L . -12.45 -14.43 -9.98
#